data_1UM7
#
_entry.id   1UM7
#
_entity_poly.entity_id   1
_entity_poly.type   'polypeptide(L)'
_entity_poly.pdbx_seq_one_letter_code
;GSSGSSGRPGGDAREPRKIILHKGSTGLGFNIVGGEDGEGIFVSFILAGGPADLSGELRRGDRILSVNGVNLRNATHEQA
AAALKRAGQSVTIVAQYRPEEYSRFESSGPSSG
;
_entity_poly.pdbx_strand_id   A
#
# COMPACT_ATOMS: atom_id res chain seq x y z
N GLY A 1 -26.69 -12.00 27.67
CA GLY A 1 -26.01 -11.07 28.57
C GLY A 1 -24.50 -11.08 28.31
N SER A 2 -24.01 -9.97 27.79
CA SER A 2 -22.59 -9.84 27.50
C SER A 2 -22.26 -8.38 27.18
N SER A 3 -20.96 -8.10 27.15
CA SER A 3 -20.49 -6.75 26.86
C SER A 3 -18.99 -6.78 26.58
N GLY A 4 -18.49 -5.64 26.11
CA GLY A 4 -17.08 -5.52 25.79
C GLY A 4 -16.61 -4.06 25.94
N SER A 5 -15.31 -3.90 26.09
CA SER A 5 -14.72 -2.59 26.24
C SER A 5 -13.64 -2.37 25.19
N SER A 6 -13.16 -1.13 25.12
CA SER A 6 -12.13 -0.78 24.16
C SER A 6 -10.93 -1.72 24.32
N GLY A 7 -10.07 -1.70 23.31
CA GLY A 7 -8.88 -2.54 23.33
C GLY A 7 -7.64 -1.75 22.90
N ARG A 8 -6.57 -1.94 23.65
CA ARG A 8 -5.32 -1.26 23.36
C ARG A 8 -4.62 -1.92 22.17
N PRO A 9 -3.88 -1.07 21.41
CA PRO A 9 -3.15 -1.55 20.24
C PRO A 9 -1.90 -2.33 20.66
N GLY A 10 -1.61 -3.38 19.89
CA GLY A 10 -0.45 -4.21 20.17
C GLY A 10 0.66 -3.96 19.15
N GLY A 11 0.82 -4.92 18.25
CA GLY A 11 1.85 -4.82 17.22
C GLY A 11 1.46 -5.65 16.00
N ASP A 12 2.30 -6.64 15.72
CA ASP A 12 2.08 -7.51 14.58
C ASP A 12 1.57 -6.69 13.40
N ALA A 13 2.51 -6.10 12.68
CA ALA A 13 2.17 -5.28 11.53
C ALA A 13 2.27 -6.13 10.26
N ARG A 14 1.46 -7.18 10.24
CA ARG A 14 1.44 -8.08 9.09
C ARG A 14 0.16 -7.88 8.29
N GLU A 15 -0.96 -8.00 8.98
CA GLU A 15 -2.26 -7.84 8.34
C GLU A 15 -2.34 -6.49 7.64
N PRO A 16 -3.47 -6.29 6.90
CA PRO A 16 -3.68 -5.03 6.19
C PRO A 16 -4.07 -3.91 7.14
N ARG A 17 -3.54 -2.73 6.86
CA ARG A 17 -3.83 -1.57 7.68
C ARG A 17 -4.24 -0.38 6.81
N LYS A 18 -4.61 0.70 7.47
CA LYS A 18 -5.03 1.91 6.78
C LYS A 18 -3.87 2.91 6.76
N ILE A 19 -3.68 3.53 5.61
CA ILE A 19 -2.62 4.52 5.45
C ILE A 19 -3.16 5.74 4.70
N ILE A 20 -3.67 6.68 5.47
CA ILE A 20 -4.23 7.90 4.89
C ILE A 20 -3.09 8.87 4.59
N LEU A 21 -2.79 9.00 3.31
CA LEU A 21 -1.72 9.90 2.88
C LEU A 21 -2.34 11.15 2.25
N HIS A 22 -1.80 12.30 2.63
CA HIS A 22 -2.29 13.56 2.12
C HIS A 22 -1.43 13.99 0.92
N LYS A 23 -1.99 13.84 -0.26
CA LYS A 23 -1.29 14.21 -1.48
C LYS A 23 -0.58 15.56 -1.27
N GLY A 24 0.74 15.49 -1.25
CA GLY A 24 1.55 16.69 -1.06
C GLY A 24 1.70 17.46 -2.37
N SER A 25 1.97 16.71 -3.43
CA SER A 25 2.14 17.30 -4.74
C SER A 25 2.51 16.22 -5.76
N THR A 26 3.68 15.63 -5.55
CA THR A 26 4.15 14.58 -6.43
C THR A 26 3.22 13.37 -6.39
N GLY A 27 2.68 13.11 -5.21
CA GLY A 27 1.78 12.00 -5.01
C GLY A 27 1.60 11.68 -3.53
N LEU A 28 1.52 10.38 -3.25
CA LEU A 28 1.37 9.92 -1.88
C LEU A 28 2.74 9.67 -1.27
N GLY A 29 3.75 9.70 -2.12
CA GLY A 29 5.11 9.48 -1.68
C GLY A 29 5.43 7.99 -1.62
N PHE A 30 4.91 7.27 -2.61
CA PHE A 30 5.13 5.83 -2.68
C PHE A 30 4.78 5.29 -4.07
N ASN A 31 5.53 4.29 -4.50
CA ASN A 31 5.31 3.69 -5.80
C ASN A 31 4.47 2.43 -5.63
N ILE A 32 4.12 1.83 -6.76
CA ILE A 32 3.30 0.63 -6.75
C ILE A 32 3.77 -0.30 -7.87
N VAL A 33 3.53 -1.59 -7.66
CA VAL A 33 3.92 -2.58 -8.65
C VAL A 33 2.82 -3.65 -8.76
N GLY A 34 3.03 -4.58 -9.67
CA GLY A 34 2.07 -5.65 -9.88
C GLY A 34 1.23 -5.39 -11.13
N GLY A 35 0.13 -6.12 -11.24
CA GLY A 35 -0.76 -5.98 -12.37
C GLY A 35 -0.63 -7.17 -13.33
N GLU A 36 -0.13 -8.27 -12.79
CA GLU A 36 0.05 -9.48 -13.57
C GLU A 36 -0.87 -10.59 -13.07
N ASP A 37 -1.71 -11.08 -13.96
CA ASP A 37 -2.64 -12.13 -13.63
C ASP A 37 -3.24 -11.86 -12.24
N GLY A 38 -3.37 -10.57 -11.95
CA GLY A 38 -3.93 -10.16 -10.66
C GLY A 38 -3.17 -10.81 -9.50
N GLU A 39 -1.85 -10.71 -9.58
CA GLU A 39 -1.00 -11.29 -8.55
C GLU A 39 -1.07 -10.44 -7.28
N GLY A 40 -1.47 -9.20 -7.45
CA GLY A 40 -1.58 -8.28 -6.32
C GLY A 40 -0.61 -7.11 -6.48
N ILE A 41 -1.05 -5.96 -6.00
CA ILE A 41 -0.24 -4.75 -6.07
C ILE A 41 0.69 -4.70 -4.85
N PHE A 42 1.81 -4.01 -5.03
CA PHE A 42 2.79 -3.86 -3.97
C PHE A 42 3.64 -2.61 -4.17
N VAL A 43 3.95 -1.96 -3.07
CA VAL A 43 4.76 -0.75 -3.11
C VAL A 43 6.15 -1.10 -3.62
N SER A 44 6.66 -0.25 -4.50
CA SER A 44 7.98 -0.46 -5.08
C SER A 44 9.01 0.41 -4.36
N PHE A 45 8.54 1.58 -3.92
CA PHE A 45 9.41 2.51 -3.21
C PHE A 45 8.59 3.55 -2.46
N ILE A 46 9.25 4.19 -1.50
CA ILE A 46 8.59 5.21 -0.71
C ILE A 46 9.49 6.45 -0.63
N LEU A 47 8.97 7.55 -1.16
CA LEU A 47 9.71 8.80 -1.16
C LEU A 47 10.14 9.14 0.28
N ALA A 48 11.24 9.88 0.37
CA ALA A 48 11.77 10.26 1.67
C ALA A 48 11.26 11.67 2.01
N GLY A 49 10.39 11.72 3.00
CA GLY A 49 9.82 12.99 3.43
C GLY A 49 8.37 13.12 2.98
N GLY A 50 7.96 12.21 2.12
CA GLY A 50 6.60 12.22 1.61
C GLY A 50 5.60 11.88 2.71
N PRO A 51 4.29 11.81 2.31
CA PRO A 51 3.24 11.50 3.26
C PRO A 51 3.23 10.01 3.60
N ALA A 52 3.68 9.22 2.64
CA ALA A 52 3.74 7.77 2.83
C ALA A 52 4.85 7.44 3.83
N ASP A 53 5.83 8.32 3.89
CA ASP A 53 6.95 8.14 4.80
C ASP A 53 6.66 8.87 6.12
N LEU A 54 6.41 10.16 6.00
CA LEU A 54 6.12 10.97 7.16
C LEU A 54 5.03 10.30 8.00
N SER A 55 3.91 10.04 7.35
CA SER A 55 2.79 9.40 8.01
C SER A 55 3.29 8.29 8.94
N GLY A 56 4.40 7.70 8.54
CA GLY A 56 5.01 6.62 9.31
C GLY A 56 4.10 5.39 9.32
N GLU A 57 3.52 5.11 8.16
CA GLU A 57 2.64 3.97 8.01
C GLU A 57 3.04 3.14 6.79
N LEU A 58 2.88 3.75 5.63
CA LEU A 58 3.22 3.09 4.38
C LEU A 58 4.71 2.77 4.36
N ARG A 59 5.03 1.57 3.91
CA ARG A 59 6.42 1.14 3.83
C ARG A 59 6.66 0.35 2.55
N ARG A 60 7.89 0.43 2.07
CA ARG A 60 8.27 -0.28 0.85
C ARG A 60 8.17 -1.78 1.06
N GLY A 61 7.38 -2.42 0.21
CA GLY A 61 7.20 -3.86 0.28
C GLY A 61 5.74 -4.21 0.61
N ASP A 62 5.03 -3.22 1.12
CA ASP A 62 3.64 -3.41 1.47
C ASP A 62 2.86 -3.87 0.24
N ARG A 63 1.68 -4.41 0.49
CA ARG A 63 0.83 -4.89 -0.59
C ARG A 63 -0.47 -4.09 -0.65
N ILE A 64 -0.54 -3.20 -1.63
CA ILE A 64 -1.72 -2.37 -1.80
C ILE A 64 -2.94 -3.26 -2.04
N LEU A 65 -3.99 -3.00 -1.28
CA LEU A 65 -5.22 -3.76 -1.39
C LEU A 65 -6.29 -2.89 -2.05
N SER A 66 -6.50 -1.72 -1.46
CA SER A 66 -7.50 -0.79 -1.97
C SER A 66 -7.00 0.65 -1.79
N VAL A 67 -7.59 1.54 -2.58
CA VAL A 67 -7.22 2.94 -2.51
C VAL A 67 -8.49 3.79 -2.31
N ASN A 68 -8.63 4.32 -1.10
CA ASN A 68 -9.78 5.15 -0.78
C ASN A 68 -10.97 4.24 -0.47
N GLY A 69 -11.29 3.39 -1.43
CA GLY A 69 -12.40 2.46 -1.27
C GLY A 69 -12.64 1.67 -2.56
N VAL A 70 -11.54 1.29 -3.20
CA VAL A 70 -11.61 0.53 -4.43
C VAL A 70 -10.86 -0.80 -4.25
N ASN A 71 -11.54 -1.87 -4.61
CA ASN A 71 -10.95 -3.20 -4.50
C ASN A 71 -9.99 -3.43 -5.67
N LEU A 72 -8.71 -3.24 -5.39
CA LEU A 72 -7.69 -3.43 -6.40
C LEU A 72 -6.98 -4.76 -6.17
N ARG A 73 -7.60 -5.59 -5.34
CA ARG A 73 -7.04 -6.90 -5.02
C ARG A 73 -6.54 -7.58 -6.30
N ASN A 74 -7.35 -7.48 -7.34
CA ASN A 74 -7.00 -8.08 -8.62
C ASN A 74 -7.14 -7.04 -9.73
N ALA A 75 -6.42 -5.94 -9.56
CA ALA A 75 -6.46 -4.86 -10.53
C ALA A 75 -5.08 -4.70 -11.16
N THR A 76 -5.07 -4.18 -12.38
CA THR A 76 -3.82 -3.98 -13.09
C THR A 76 -3.05 -2.81 -12.48
N HIS A 77 -1.83 -2.63 -12.96
CA HIS A 77 -0.98 -1.56 -12.48
C HIS A 77 -1.68 -0.21 -12.69
N GLU A 78 -2.06 0.03 -13.93
CA GLU A 78 -2.74 1.27 -14.28
C GLU A 78 -3.93 1.51 -13.34
N GLN A 79 -4.82 0.53 -13.31
CA GLN A 79 -6.00 0.61 -12.47
C GLN A 79 -5.61 1.05 -11.05
N ALA A 80 -4.62 0.36 -10.50
CA ALA A 80 -4.14 0.66 -9.17
C ALA A 80 -3.69 2.12 -9.11
N ALA A 81 -3.36 2.64 -10.28
CA ALA A 81 -2.89 4.02 -10.37
C ALA A 81 -4.10 4.94 -10.60
N ALA A 82 -4.97 4.51 -11.49
CA ALA A 82 -6.17 5.28 -11.81
C ALA A 82 -6.96 5.53 -10.52
N ALA A 83 -6.80 4.62 -9.58
CA ALA A 83 -7.49 4.73 -8.31
C ALA A 83 -6.86 5.84 -7.48
N LEU A 84 -5.65 6.22 -7.89
CA LEU A 84 -4.93 7.28 -7.20
C LEU A 84 -5.14 8.60 -7.94
N LYS A 85 -5.45 8.48 -9.22
CA LYS A 85 -5.69 9.66 -10.04
C LYS A 85 -7.12 10.13 -9.84
N ARG A 86 -7.96 9.21 -9.41
CA ARG A 86 -9.37 9.52 -9.17
C ARG A 86 -9.59 9.89 -7.71
N ALA A 87 -8.57 9.66 -6.90
CA ALA A 87 -8.64 9.97 -5.48
C ALA A 87 -8.74 11.48 -5.31
N GLY A 88 -8.07 11.97 -4.27
CA GLY A 88 -8.08 13.40 -3.97
C GLY A 88 -6.91 13.77 -3.06
N GLN A 89 -7.24 14.53 -2.03
CA GLN A 89 -6.23 14.98 -1.07
C GLN A 89 -5.99 13.89 -0.02
N SER A 90 -7.08 13.43 0.58
CA SER A 90 -7.00 12.40 1.60
C SER A 90 -7.32 11.04 0.99
N VAL A 91 -6.27 10.36 0.56
CA VAL A 91 -6.42 9.05 -0.05
C VAL A 91 -6.09 7.97 0.99
N THR A 92 -7.01 7.03 1.15
CA THR A 92 -6.83 5.96 2.10
C THR A 92 -6.24 4.72 1.40
N ILE A 93 -4.94 4.53 1.58
CA ILE A 93 -4.25 3.41 0.98
C ILE A 93 -4.18 2.27 1.99
N VAL A 94 -5.00 1.26 1.76
CA VAL A 94 -5.03 0.09 2.64
C VAL A 94 -4.07 -0.96 2.11
N ALA A 95 -2.91 -1.03 2.76
CA ALA A 95 -1.89 -1.99 2.37
C ALA A 95 -1.49 -2.83 3.58
N GLN A 96 -0.88 -3.97 3.30
CA GLN A 96 -0.45 -4.87 4.35
C GLN A 96 1.03 -5.23 4.17
N TYR A 97 1.82 -4.87 5.17
CA TYR A 97 3.25 -5.15 5.14
C TYR A 97 3.51 -6.62 4.84
N ARG A 98 3.73 -6.91 3.57
CA ARG A 98 3.99 -8.27 3.13
C ARG A 98 5.22 -8.31 2.24
N PRO A 99 6.42 -8.38 2.90
CA PRO A 99 7.67 -8.43 2.16
C PRO A 99 7.90 -9.81 1.54
N GLU A 100 7.24 -10.79 2.14
CA GLU A 100 7.36 -12.17 1.65
C GLU A 100 6.92 -12.25 0.18
N GLU A 101 5.92 -11.45 -0.14
CA GLU A 101 5.39 -11.43 -1.50
C GLU A 101 6.26 -10.55 -2.39
N TYR A 102 6.33 -9.28 -2.02
CA TYR A 102 7.13 -8.32 -2.77
C TYR A 102 8.47 -8.91 -3.16
N SER A 103 8.92 -9.87 -2.37
CA SER A 103 10.19 -10.53 -2.61
C SER A 103 10.39 -10.73 -4.11
N ARG A 104 9.38 -11.31 -4.74
CA ARG A 104 9.43 -11.56 -6.17
C ARG A 104 9.95 -10.33 -6.92
N PHE A 105 9.30 -9.21 -6.66
CA PHE A 105 9.69 -7.95 -7.29
C PHE A 105 11.11 -7.54 -6.87
N GLU A 106 11.41 -7.84 -5.62
CA GLU A 106 12.72 -7.50 -5.06
C GLU A 106 13.83 -8.11 -5.93
N SER A 107 13.69 -9.39 -6.21
CA SER A 107 14.67 -10.09 -7.04
C SER A 107 14.83 -9.38 -8.38
N SER A 108 13.71 -9.26 -9.09
CA SER A 108 13.70 -8.62 -10.39
C SER A 108 14.58 -9.41 -11.37
N GLY A 109 14.06 -9.54 -12.58
CA GLY A 109 14.78 -10.27 -13.62
C GLY A 109 15.50 -9.30 -14.56
N PRO A 110 15.68 -9.76 -15.83
CA PRO A 110 16.35 -8.95 -16.84
C PRO A 110 15.44 -7.82 -17.33
N SER A 111 16.01 -6.95 -18.14
CA SER A 111 15.27 -5.83 -18.69
C SER A 111 16.16 -5.00 -19.61
N SER A 112 16.35 -5.52 -20.83
CA SER A 112 17.17 -4.83 -21.80
C SER A 112 16.36 -3.77 -22.54
N GLY A 113 16.43 -2.55 -22.01
CA GLY A 113 15.70 -1.44 -22.61
C GLY A 113 15.85 -1.44 -24.14
N GLY A 1 -31.61 0.43 23.24
CA GLY A 1 -30.25 0.21 22.79
C GLY A 1 -29.39 -0.38 23.91
N SER A 2 -28.44 -1.23 23.51
CA SER A 2 -27.56 -1.86 24.47
C SER A 2 -26.57 -2.78 23.73
N SER A 3 -25.38 -2.25 23.51
CA SER A 3 -24.34 -3.00 22.82
C SER A 3 -22.98 -2.67 23.41
N GLY A 4 -22.05 -3.61 23.25
CA GLY A 4 -20.70 -3.42 23.76
C GLY A 4 -19.85 -4.67 23.52
N SER A 5 -18.58 -4.44 23.25
CA SER A 5 -17.65 -5.53 22.99
C SER A 5 -16.28 -5.20 23.60
N SER A 6 -15.71 -4.11 23.12
CA SER A 6 -14.41 -3.68 23.59
C SER A 6 -13.39 -4.82 23.46
N GLY A 7 -12.63 -4.77 22.37
CA GLY A 7 -11.63 -5.79 22.11
C GLY A 7 -10.93 -5.53 20.78
N ARG A 8 -9.60 -5.63 20.82
CA ARG A 8 -8.80 -5.41 19.62
C ARG A 8 -7.53 -6.26 19.68
N PRO A 9 -7.42 -7.20 18.71
CA PRO A 9 -6.26 -8.08 18.65
C PRO A 9 -5.04 -7.33 18.10
N GLY A 10 -3.91 -8.02 18.12
CA GLY A 10 -2.68 -7.43 17.62
C GLY A 10 -1.68 -8.53 17.21
N GLY A 11 -0.95 -8.25 16.14
CA GLY A 11 0.03 -9.19 15.63
C GLY A 11 1.39 -8.52 15.46
N ASP A 12 2.10 -8.95 14.43
CA ASP A 12 3.42 -8.40 14.15
C ASP A 12 3.38 -7.67 12.80
N ALA A 13 2.24 -7.06 12.53
CA ALA A 13 2.05 -6.32 11.29
C ALA A 13 2.01 -7.31 10.12
N ARG A 14 0.87 -7.97 9.97
CA ARG A 14 0.70 -8.93 8.90
C ARG A 14 -0.57 -8.61 8.10
N GLU A 15 -1.64 -8.34 8.83
CA GLU A 15 -2.92 -8.02 8.21
C GLU A 15 -2.83 -6.65 7.54
N PRO A 16 -3.93 -6.32 6.79
CA PRO A 16 -4.00 -5.06 6.08
C PRO A 16 -4.26 -3.90 7.06
N ARG A 17 -3.65 -2.76 6.75
CA ARG A 17 -3.81 -1.58 7.58
C ARG A 17 -4.25 -0.40 6.73
N LYS A 18 -5.20 0.36 7.28
CA LYS A 18 -5.72 1.53 6.59
C LYS A 18 -4.70 2.66 6.68
N ILE A 19 -4.10 2.98 5.53
CA ILE A 19 -3.11 4.04 5.47
C ILE A 19 -3.66 5.19 4.63
N ILE A 20 -3.75 6.35 5.26
CA ILE A 20 -4.25 7.54 4.59
C ILE A 20 -3.11 8.55 4.42
N LEU A 21 -2.61 8.62 3.19
CA LEU A 21 -1.53 9.54 2.88
C LEU A 21 -2.10 10.84 2.33
N HIS A 22 -1.47 11.95 2.72
CA HIS A 22 -1.92 13.25 2.27
C HIS A 22 -0.99 13.76 1.16
N LYS A 23 -1.45 13.60 -0.07
CA LYS A 23 -0.67 14.03 -1.22
C LYS A 23 0.00 15.37 -0.91
N GLY A 24 1.32 15.33 -0.80
CA GLY A 24 2.08 16.52 -0.51
C GLY A 24 2.18 17.43 -1.73
N SER A 25 2.68 16.86 -2.81
CA SER A 25 2.82 17.60 -4.06
C SER A 25 3.25 16.66 -5.19
N THR A 26 4.41 16.04 -4.99
CA THR A 26 4.94 15.12 -5.98
C THR A 26 3.99 13.93 -6.17
N GLY A 27 3.48 13.43 -5.05
CA GLY A 27 2.57 12.30 -5.08
C GLY A 27 2.14 11.90 -3.67
N LEU A 28 2.05 10.60 -3.45
CA LEU A 28 1.67 10.07 -2.15
C LEU A 28 2.92 9.77 -1.34
N GLY A 29 4.06 9.86 -2.00
CA GLY A 29 5.34 9.59 -1.36
C GLY A 29 5.66 8.09 -1.38
N PHE A 30 5.10 7.42 -2.37
CA PHE A 30 5.33 5.98 -2.51
C PHE A 30 4.89 5.50 -3.89
N ASN A 31 5.61 4.52 -4.40
CA ASN A 31 5.30 3.95 -5.71
C ASN A 31 4.48 2.68 -5.53
N ILE A 32 4.04 2.13 -6.65
CA ILE A 32 3.25 0.92 -6.63
C ILE A 32 3.71 -0.02 -7.75
N VAL A 33 3.39 -1.29 -7.59
CA VAL A 33 3.77 -2.29 -8.58
C VAL A 33 2.70 -3.37 -8.64
N GLY A 34 2.85 -4.26 -9.62
CA GLY A 34 1.90 -5.34 -9.80
C GLY A 34 0.99 -5.08 -11.00
N GLY A 35 0.02 -5.98 -11.18
CA GLY A 35 -0.91 -5.85 -12.28
C GLY A 35 -0.68 -6.97 -13.31
N GLU A 36 -0.38 -8.15 -12.81
CA GLU A 36 -0.14 -9.30 -13.67
C GLU A 36 -0.96 -10.50 -13.20
N ASP A 37 -1.76 -11.03 -14.11
CA ASP A 37 -2.60 -12.17 -13.80
C ASP A 37 -3.29 -11.94 -12.46
N GLY A 38 -3.48 -10.68 -12.13
CA GLY A 38 -4.12 -10.32 -10.88
C GLY A 38 -3.41 -10.98 -9.69
N GLU A 39 -2.13 -10.68 -9.57
CA GLU A 39 -1.33 -11.23 -8.49
C GLU A 39 -1.45 -10.36 -7.24
N GLY A 40 -1.63 -9.06 -7.48
CA GLY A 40 -1.77 -8.12 -6.38
C GLY A 40 -0.90 -6.88 -6.62
N ILE A 41 -1.19 -5.84 -5.85
CA ILE A 41 -0.43 -4.60 -5.96
C ILE A 41 0.45 -4.44 -4.73
N PHE A 42 1.65 -3.91 -4.97
CA PHE A 42 2.60 -3.70 -3.90
C PHE A 42 3.35 -2.38 -4.08
N VAL A 43 4.05 -1.97 -3.03
CA VAL A 43 4.80 -0.74 -3.06
C VAL A 43 6.19 -1.01 -3.66
N SER A 44 6.62 -0.09 -4.52
CA SER A 44 7.90 -0.22 -5.16
C SER A 44 8.95 0.60 -4.41
N PHE A 45 8.49 1.69 -3.83
CA PHE A 45 9.37 2.57 -3.08
C PHE A 45 8.57 3.58 -2.24
N ILE A 46 9.27 4.24 -1.34
CA ILE A 46 8.64 5.23 -0.49
C ILE A 46 9.49 6.50 -0.45
N LEU A 47 8.91 7.58 -0.96
CA LEU A 47 9.60 8.86 -0.99
C LEU A 47 9.99 9.26 0.43
N ALA A 48 11.14 9.89 0.54
CA ALA A 48 11.64 10.33 1.83
C ALA A 48 11.17 11.77 2.09
N GLY A 49 10.25 11.89 3.03
CA GLY A 49 9.71 13.20 3.39
C GLY A 49 8.24 13.31 2.98
N GLY A 50 7.81 12.35 2.16
CA GLY A 50 6.44 12.33 1.70
C GLY A 50 5.48 11.94 2.82
N PRO A 51 4.18 11.80 2.45
CA PRO A 51 3.16 11.43 3.42
C PRO A 51 3.25 9.94 3.77
N ALA A 52 3.65 9.15 2.77
CA ALA A 52 3.78 7.72 2.97
C ALA A 52 4.93 7.45 3.93
N ASP A 53 5.91 8.33 3.91
CA ASP A 53 7.07 8.20 4.77
C ASP A 53 6.81 8.94 6.09
N LEU A 54 6.51 10.22 5.95
CA LEU A 54 6.24 11.05 7.11
C LEU A 54 5.23 10.34 8.02
N SER A 55 4.08 10.03 7.44
CA SER A 55 3.02 9.36 8.18
C SER A 55 3.62 8.23 9.01
N GLY A 56 4.69 7.65 8.50
CA GLY A 56 5.36 6.56 9.18
C GLY A 56 4.51 5.29 9.14
N GLU A 57 3.50 5.31 8.28
CA GLU A 57 2.62 4.17 8.14
C GLU A 57 3.05 3.30 6.96
N LEU A 58 2.75 3.80 5.77
CA LEU A 58 3.10 3.07 4.55
C LEU A 58 4.61 2.79 4.55
N ARG A 59 4.96 1.65 3.97
CA ARG A 59 6.35 1.25 3.90
C ARG A 59 6.64 0.59 2.55
N ARG A 60 7.93 0.48 2.25
CA ARG A 60 8.36 -0.12 1.00
C ARG A 60 8.34 -1.65 1.11
N GLY A 61 7.30 -2.24 0.54
CA GLY A 61 7.15 -3.68 0.57
C GLY A 61 5.69 -4.09 0.78
N ASP A 62 4.95 -3.18 1.41
CA ASP A 62 3.54 -3.42 1.69
C ASP A 62 2.86 -3.93 0.41
N ARG A 63 1.66 -4.45 0.61
CA ARG A 63 0.90 -4.98 -0.52
C ARG A 63 -0.44 -4.24 -0.65
N ILE A 64 -0.49 -3.33 -1.61
CA ILE A 64 -1.69 -2.56 -1.85
C ILE A 64 -2.86 -3.51 -2.11
N LEU A 65 -3.96 -3.26 -1.40
CA LEU A 65 -5.15 -4.08 -1.54
C LEU A 65 -6.25 -3.26 -2.20
N SER A 66 -6.46 -2.06 -1.65
CA SER A 66 -7.49 -1.17 -2.17
C SER A 66 -7.02 0.28 -2.04
N VAL A 67 -7.62 1.13 -2.86
CA VAL A 67 -7.28 2.55 -2.86
C VAL A 67 -8.56 3.37 -2.69
N ASN A 68 -8.54 4.24 -1.68
CA ASN A 68 -9.68 5.08 -1.42
C ASN A 68 -10.94 4.23 -1.28
N GLY A 69 -10.72 2.99 -0.85
CA GLY A 69 -11.82 2.06 -0.69
C GLY A 69 -12.25 1.46 -2.03
N VAL A 70 -11.24 1.19 -2.86
CA VAL A 70 -11.49 0.63 -4.18
C VAL A 70 -10.85 -0.77 -4.25
N ASN A 71 -11.66 -1.74 -4.66
CA ASN A 71 -11.18 -3.11 -4.77
C ASN A 71 -10.15 -3.18 -5.90
N LEU A 72 -8.93 -3.56 -5.51
CA LEU A 72 -7.85 -3.67 -6.47
C LEU A 72 -7.04 -4.93 -6.16
N ARG A 73 -7.63 -5.80 -5.37
CA ARG A 73 -6.98 -7.04 -4.99
C ARG A 73 -6.35 -7.70 -6.21
N ASN A 74 -7.10 -7.68 -7.32
CA ASN A 74 -6.62 -8.27 -8.56
C ASN A 74 -6.83 -7.27 -9.70
N ALA A 75 -6.31 -6.07 -9.48
CA ALA A 75 -6.42 -5.02 -10.49
C ALA A 75 -5.06 -4.82 -11.17
N THR A 76 -5.12 -4.29 -12.37
CA THR A 76 -3.92 -4.05 -13.15
C THR A 76 -3.19 -2.81 -12.61
N HIS A 77 -1.93 -2.67 -13.04
CA HIS A 77 -1.12 -1.54 -12.60
C HIS A 77 -1.89 -0.25 -12.82
N GLU A 78 -2.33 -0.05 -14.06
CA GLU A 78 -3.06 1.15 -14.42
C GLU A 78 -4.25 1.34 -13.46
N GLN A 79 -5.08 0.31 -13.40
CA GLN A 79 -6.26 0.34 -12.54
C GLN A 79 -5.86 0.76 -11.12
N ALA A 80 -4.69 0.30 -10.71
CA ALA A 80 -4.19 0.63 -9.39
C ALA A 80 -3.77 2.11 -9.34
N ALA A 81 -3.49 2.63 -10.53
CA ALA A 81 -3.08 4.03 -10.64
C ALA A 81 -4.32 4.90 -10.82
N ALA A 82 -5.19 4.47 -11.73
CA ALA A 82 -6.41 5.20 -12.02
C ALA A 82 -7.20 5.38 -10.71
N ALA A 83 -6.88 4.53 -9.75
CA ALA A 83 -7.56 4.59 -8.46
C ALA A 83 -6.93 5.68 -7.60
N LEU A 84 -5.72 6.06 -7.98
CA LEU A 84 -4.99 7.10 -7.26
C LEU A 84 -5.19 8.44 -7.98
N LYS A 85 -5.41 8.36 -9.28
CA LYS A 85 -5.61 9.54 -10.08
C LYS A 85 -7.03 10.07 -9.86
N ARG A 86 -7.88 9.20 -9.34
CA ARG A 86 -9.26 9.56 -9.06
C ARG A 86 -9.41 10.05 -7.62
N ALA A 87 -8.44 9.67 -6.81
CA ALA A 87 -8.44 10.05 -5.40
C ALA A 87 -8.29 11.58 -5.29
N GLY A 88 -7.54 11.99 -4.28
CA GLY A 88 -7.30 13.41 -4.05
C GLY A 88 -6.25 13.62 -2.97
N GLN A 89 -6.49 14.63 -2.15
CA GLN A 89 -5.57 14.96 -1.07
C GLN A 89 -5.52 13.81 -0.06
N SER A 90 -6.71 13.40 0.39
CA SER A 90 -6.82 12.32 1.35
C SER A 90 -7.13 11.01 0.64
N VAL A 91 -6.09 10.21 0.45
CA VAL A 91 -6.25 8.93 -0.22
C VAL A 91 -6.06 7.81 0.80
N THR A 92 -7.04 6.92 0.86
CA THR A 92 -6.99 5.80 1.77
C THR A 92 -6.42 4.56 1.08
N ILE A 93 -5.15 4.32 1.35
CA ILE A 93 -4.46 3.17 0.76
C ILE A 93 -4.39 2.05 1.79
N VAL A 94 -5.14 0.98 1.51
CA VAL A 94 -5.16 -0.16 2.40
C VAL A 94 -4.14 -1.20 1.91
N ALA A 95 -3.00 -1.22 2.58
CA ALA A 95 -1.94 -2.15 2.22
C ALA A 95 -1.50 -2.92 3.47
N GLN A 96 -0.91 -4.08 3.23
CA GLN A 96 -0.44 -4.92 4.33
C GLN A 96 1.05 -5.19 4.19
N TYR A 97 1.77 -4.97 5.28
CA TYR A 97 3.21 -5.18 5.30
C TYR A 97 3.55 -6.62 4.93
N ARG A 98 3.87 -6.80 3.65
CA ARG A 98 4.23 -8.13 3.16
C ARG A 98 5.46 -8.05 2.25
N PRO A 99 6.65 -8.05 2.91
CA PRO A 99 7.90 -7.98 2.17
C PRO A 99 8.23 -9.32 1.50
N GLU A 100 7.71 -10.38 2.10
CA GLU A 100 7.93 -11.71 1.56
C GLU A 100 7.49 -11.79 0.10
N GLU A 101 6.30 -11.28 -0.15
CA GLU A 101 5.76 -11.27 -1.50
C GLU A 101 6.56 -10.33 -2.39
N TYR A 102 6.58 -9.06 -2.00
CA TYR A 102 7.30 -8.04 -2.75
C TYR A 102 8.67 -8.58 -3.20
N SER A 103 9.26 -9.40 -2.35
CA SER A 103 10.56 -9.97 -2.65
C SER A 103 10.56 -10.57 -4.05
N ARG A 104 9.37 -11.00 -4.47
CA ARG A 104 9.22 -11.60 -5.79
C ARG A 104 9.54 -10.57 -6.88
N PHE A 105 9.30 -9.31 -6.54
CA PHE A 105 9.56 -8.23 -7.48
C PHE A 105 11.01 -7.75 -7.38
N GLU A 106 11.48 -7.62 -6.14
CA GLU A 106 12.83 -7.18 -5.91
C GLU A 106 13.80 -7.85 -6.88
N SER A 107 13.59 -9.14 -7.07
CA SER A 107 14.43 -9.91 -7.99
C SER A 107 13.76 -10.00 -9.36
N SER A 108 12.59 -10.61 -9.36
CA SER A 108 11.84 -10.78 -10.60
C SER A 108 12.57 -11.74 -11.53
N GLY A 109 11.79 -12.42 -12.35
CA GLY A 109 12.35 -13.38 -13.29
C GLY A 109 13.45 -12.75 -14.13
N PRO A 110 14.02 -13.57 -15.06
CA PRO A 110 15.08 -13.10 -15.93
C PRO A 110 14.52 -12.19 -17.03
N SER A 111 15.44 -11.55 -17.75
CA SER A 111 15.07 -10.65 -18.82
C SER A 111 16.30 -10.27 -19.64
N SER A 112 16.66 -11.16 -20.55
CA SER A 112 17.81 -10.93 -21.40
C SER A 112 19.08 -10.86 -20.56
N GLY A 113 20.10 -11.58 -21.01
CA GLY A 113 21.37 -11.60 -20.30
C GLY A 113 21.24 -12.32 -18.96
N GLY A 1 -31.50 -11.00 12.95
CA GLY A 1 -30.15 -11.47 13.18
C GLY A 1 -29.53 -10.81 14.41
N SER A 2 -28.50 -11.45 14.93
CA SER A 2 -27.82 -10.93 16.10
C SER A 2 -26.59 -11.79 16.41
N SER A 3 -25.66 -11.20 17.16
CA SER A 3 -24.45 -11.90 17.53
C SER A 3 -23.59 -11.01 18.44
N GLY A 4 -22.53 -11.60 18.96
CA GLY A 4 -21.62 -10.87 19.84
C GLY A 4 -20.42 -11.74 20.23
N SER A 5 -19.28 -11.08 20.39
CA SER A 5 -18.07 -11.78 20.76
C SER A 5 -16.96 -10.76 21.05
N SER A 6 -15.82 -11.29 21.48
CA SER A 6 -14.68 -10.45 21.79
C SER A 6 -13.54 -10.72 20.81
N GLY A 7 -12.54 -9.85 20.84
CA GLY A 7 -11.40 -9.98 19.95
C GLY A 7 -10.14 -9.37 20.58
N ARG A 8 -9.26 -10.24 21.05
CA ARG A 8 -8.04 -9.80 21.67
C ARG A 8 -7.05 -9.30 20.61
N PRO A 9 -6.24 -8.29 21.02
CA PRO A 9 -5.26 -7.70 20.11
C PRO A 9 -4.06 -8.63 19.93
N GLY A 10 -3.17 -8.23 19.02
CA GLY A 10 -1.99 -9.02 18.74
C GLY A 10 -1.74 -9.11 17.23
N GLY A 11 -0.48 -8.97 16.86
CA GLY A 11 -0.10 -9.03 15.47
C GLY A 11 1.41 -8.79 15.30
N ASP A 12 1.87 -9.02 14.07
CA ASP A 12 3.28 -8.82 13.77
C ASP A 12 3.41 -7.94 12.53
N ALA A 13 2.42 -7.06 12.36
CA ALA A 13 2.41 -6.16 11.22
C ALA A 13 2.38 -6.97 9.93
N ARG A 14 1.44 -7.89 9.87
CA ARG A 14 1.29 -8.73 8.70
C ARG A 14 -0.03 -8.45 7.99
N GLU A 15 -1.08 -8.29 8.80
CA GLU A 15 -2.40 -8.00 8.27
C GLU A 15 -2.42 -6.62 7.62
N PRO A 16 -3.58 -6.31 6.98
CA PRO A 16 -3.75 -5.03 6.32
C PRO A 16 -3.97 -3.91 7.32
N ARG A 17 -3.85 -2.68 6.84
CA ARG A 17 -4.04 -1.51 7.69
C ARG A 17 -4.51 -0.31 6.85
N LYS A 18 -5.55 0.33 7.34
CA LYS A 18 -6.10 1.49 6.66
C LYS A 18 -5.16 2.69 6.85
N ILE A 19 -4.51 3.06 5.75
CA ILE A 19 -3.58 4.18 5.78
C ILE A 19 -4.18 5.35 5.01
N ILE A 20 -3.99 6.55 5.55
CA ILE A 20 -4.50 7.75 4.91
C ILE A 20 -3.35 8.74 4.69
N LEU A 21 -2.93 8.83 3.43
CA LEU A 21 -1.84 9.72 3.07
C LEU A 21 -2.42 11.04 2.55
N HIS A 22 -1.70 12.11 2.82
CA HIS A 22 -2.13 13.44 2.39
C HIS A 22 -1.16 13.96 1.33
N LYS A 23 -1.63 13.94 0.09
CA LYS A 23 -0.82 14.41 -1.02
C LYS A 23 -0.07 15.67 -0.60
N GLY A 24 1.24 15.52 -0.51
CA GLY A 24 2.09 16.64 -0.12
C GLY A 24 2.19 17.67 -1.24
N SER A 25 2.47 17.19 -2.43
CA SER A 25 2.59 18.06 -3.59
C SER A 25 2.82 17.22 -4.85
N THR A 26 3.61 16.18 -4.70
CA THR A 26 3.91 15.29 -5.81
C THR A 26 2.93 14.13 -5.85
N GLY A 27 2.64 13.58 -4.68
CA GLY A 27 1.72 12.47 -4.56
C GLY A 27 1.65 11.96 -3.13
N LEU A 28 1.45 10.66 -3.01
CA LEU A 28 1.35 10.03 -1.69
C LEU A 28 2.76 9.74 -1.17
N GLY A 29 3.73 9.93 -2.04
CA GLY A 29 5.12 9.69 -1.69
C GLY A 29 5.42 8.20 -1.62
N PHE A 30 4.97 7.49 -2.65
CA PHE A 30 5.18 6.05 -2.72
C PHE A 30 4.79 5.51 -4.10
N ASN A 31 5.49 4.46 -4.51
CA ASN A 31 5.23 3.85 -5.80
C ASN A 31 4.45 2.55 -5.59
N ILE A 32 4.00 1.99 -6.70
CA ILE A 32 3.23 0.75 -6.65
C ILE A 32 3.68 -0.17 -7.78
N VAL A 33 3.48 -1.46 -7.57
CA VAL A 33 3.86 -2.45 -8.56
C VAL A 33 2.78 -3.53 -8.64
N GLY A 34 2.99 -4.47 -9.55
CA GLY A 34 2.05 -5.56 -9.74
C GLY A 34 1.19 -5.33 -10.98
N GLY A 35 0.21 -6.23 -11.16
CA GLY A 35 -0.68 -6.14 -12.30
C GLY A 35 -0.41 -7.26 -13.30
N GLU A 36 -0.30 -8.47 -12.77
CA GLU A 36 -0.04 -9.63 -13.60
C GLU A 36 -0.84 -10.83 -13.12
N ASP A 37 -1.69 -11.34 -14.01
CA ASP A 37 -2.52 -12.48 -13.67
C ASP A 37 -3.18 -12.25 -12.32
N GLY A 38 -3.56 -11.01 -12.08
CA GLY A 38 -4.19 -10.65 -10.82
C GLY A 38 -3.39 -11.17 -9.63
N GLU A 39 -2.13 -10.78 -9.58
CA GLU A 39 -1.24 -11.20 -8.51
C GLU A 39 -1.40 -10.27 -7.30
N GLY A 40 -1.74 -9.03 -7.60
CA GLY A 40 -1.92 -8.04 -6.54
C GLY A 40 -1.07 -6.80 -6.81
N ILE A 41 -1.04 -5.91 -5.82
CA ILE A 41 -0.27 -4.69 -5.94
C ILE A 41 0.62 -4.54 -4.70
N PHE A 42 1.80 -3.99 -4.93
CA PHE A 42 2.75 -3.79 -3.84
C PHE A 42 3.58 -2.52 -4.07
N VAL A 43 3.89 -1.85 -2.97
CA VAL A 43 4.67 -0.63 -3.03
C VAL A 43 6.05 -0.94 -3.61
N SER A 44 6.53 -0.02 -4.45
CA SER A 44 7.83 -0.19 -5.07
C SER A 44 8.86 0.71 -4.39
N PHE A 45 8.35 1.69 -3.66
CA PHE A 45 9.21 2.62 -2.96
C PHE A 45 8.38 3.68 -2.22
N ILE A 46 9.04 4.38 -1.31
CA ILE A 46 8.39 5.42 -0.55
C ILE A 46 9.24 6.69 -0.56
N LEU A 47 8.64 7.76 -1.05
CA LEU A 47 9.34 9.04 -1.13
C LEU A 47 9.81 9.44 0.27
N ALA A 48 11.03 9.98 0.31
CA ALA A 48 11.61 10.40 1.57
C ALA A 48 11.10 11.81 1.91
N GLY A 49 10.31 11.86 2.98
CA GLY A 49 9.74 13.13 3.42
C GLY A 49 8.26 13.24 3.02
N GLY A 50 7.85 12.33 2.15
CA GLY A 50 6.48 12.32 1.68
C GLY A 50 5.52 11.91 2.81
N PRO A 51 4.22 11.78 2.44
CA PRO A 51 3.20 11.40 3.40
C PRO A 51 3.30 9.91 3.74
N ALA A 52 3.64 9.12 2.74
CA ALA A 52 3.78 7.69 2.93
C ALA A 52 4.98 7.40 3.84
N ASP A 53 5.84 8.39 3.95
CA ASP A 53 7.03 8.27 4.78
C ASP A 53 6.77 8.93 6.13
N LEU A 54 6.43 10.22 6.06
CA LEU A 54 6.16 10.99 7.27
C LEU A 54 5.21 10.19 8.17
N SER A 55 4.18 9.64 7.55
CA SER A 55 3.19 8.86 8.28
C SER A 55 3.89 7.72 9.03
N GLY A 56 4.82 7.09 8.34
CA GLY A 56 5.55 5.98 8.92
C GLY A 56 4.83 4.65 8.69
N GLU A 57 3.54 4.76 8.42
CA GLU A 57 2.72 3.58 8.17
C GLU A 57 3.11 2.94 6.84
N LEU A 58 2.86 3.67 5.77
CA LEU A 58 3.18 3.19 4.43
C LEU A 58 4.69 3.01 4.31
N ARG A 59 5.09 1.80 3.94
CA ARG A 59 6.50 1.50 3.78
C ARG A 59 6.71 0.60 2.56
N ARG A 60 7.89 0.75 1.95
CA ARG A 60 8.22 -0.03 0.77
C ARG A 60 8.04 -1.52 1.07
N GLY A 61 7.25 -2.17 0.23
CA GLY A 61 6.99 -3.59 0.38
C GLY A 61 5.51 -3.86 0.62
N ASP A 62 4.88 -2.92 1.32
CA ASP A 62 3.46 -3.04 1.61
C ASP A 62 2.73 -3.56 0.38
N ARG A 63 1.60 -4.22 0.63
CA ARG A 63 0.80 -4.77 -0.45
C ARG A 63 -0.54 -4.04 -0.53
N ILE A 64 -0.63 -3.15 -1.50
CA ILE A 64 -1.85 -2.37 -1.70
C ILE A 64 -3.03 -3.33 -1.90
N LEU A 65 -4.07 -3.10 -1.12
CA LEU A 65 -5.26 -3.94 -1.20
C LEU A 65 -6.41 -3.13 -1.80
N SER A 66 -6.50 -1.87 -1.37
CA SER A 66 -7.54 -0.99 -1.86
C SER A 66 -7.10 0.47 -1.68
N VAL A 67 -7.62 1.32 -2.56
CA VAL A 67 -7.29 2.74 -2.51
C VAL A 67 -8.58 3.55 -2.50
N ASN A 68 -8.65 4.48 -1.57
CA ASN A 68 -9.82 5.34 -1.44
C ASN A 68 -11.08 4.46 -1.37
N GLY A 69 -10.86 3.20 -1.03
CA GLY A 69 -11.96 2.25 -0.93
C GLY A 69 -12.28 1.62 -2.28
N VAL A 70 -11.22 1.23 -2.97
CA VAL A 70 -11.36 0.60 -4.28
C VAL A 70 -10.79 -0.82 -4.23
N ASN A 71 -11.41 -1.69 -5.01
CA ASN A 71 -10.97 -3.08 -5.07
C ASN A 71 -9.90 -3.23 -6.16
N LEU A 72 -8.67 -3.46 -5.71
CA LEU A 72 -7.56 -3.63 -6.64
C LEU A 72 -6.90 -4.98 -6.39
N ARG A 73 -7.49 -5.74 -5.49
CA ARG A 73 -6.98 -7.05 -5.16
C ARG A 73 -6.44 -7.75 -6.42
N ASN A 74 -7.19 -7.61 -7.49
CA ASN A 74 -6.79 -8.21 -8.76
C ASN A 74 -6.94 -7.18 -9.87
N ALA A 75 -6.38 -6.00 -9.63
CA ALA A 75 -6.44 -4.93 -10.61
C ALA A 75 -5.06 -4.75 -11.25
N THR A 76 -5.08 -4.19 -12.45
CA THR A 76 -3.84 -3.96 -13.18
C THR A 76 -3.13 -2.72 -12.65
N HIS A 77 -1.83 -2.69 -12.86
CA HIS A 77 -1.02 -1.56 -12.41
C HIS A 77 -1.78 -0.27 -12.65
N GLU A 78 -2.15 -0.05 -13.91
CA GLU A 78 -2.89 1.14 -14.29
C GLU A 78 -4.09 1.34 -13.36
N GLN A 79 -4.96 0.34 -13.35
CA GLN A 79 -6.15 0.39 -12.52
C GLN A 79 -5.79 0.87 -11.11
N ALA A 80 -4.72 0.28 -10.58
CA ALA A 80 -4.27 0.63 -9.24
C ALA A 80 -3.87 2.11 -9.21
N ALA A 81 -3.37 2.58 -10.34
CA ALA A 81 -2.94 3.96 -10.46
C ALA A 81 -4.17 4.85 -10.65
N ALA A 82 -5.04 4.41 -11.54
CA ALA A 82 -6.27 5.16 -11.82
C ALA A 82 -6.99 5.45 -10.51
N ALA A 83 -6.78 4.56 -9.54
CA ALA A 83 -7.40 4.72 -8.24
C ALA A 83 -6.79 5.93 -7.52
N LEU A 84 -5.52 6.18 -7.82
CA LEU A 84 -4.82 7.29 -7.21
C LEU A 84 -5.10 8.57 -8.01
N LYS A 85 -5.52 8.37 -9.26
CA LYS A 85 -5.83 9.49 -10.13
C LYS A 85 -7.22 10.02 -9.80
N ARG A 86 -8.06 9.12 -9.32
CA ARG A 86 -9.42 9.48 -8.96
C ARG A 86 -9.49 9.91 -7.50
N ALA A 87 -8.38 9.70 -6.80
CA ALA A 87 -8.30 10.05 -5.39
C ALA A 87 -8.30 11.59 -5.27
N GLY A 88 -7.49 12.06 -4.34
CA GLY A 88 -7.39 13.49 -4.10
C GLY A 88 -6.33 13.79 -3.02
N GLN A 89 -6.69 14.70 -2.13
CA GLN A 89 -5.80 15.09 -1.05
C GLN A 89 -5.73 13.99 0.00
N SER A 90 -6.91 13.57 0.45
CA SER A 90 -7.00 12.53 1.46
C SER A 90 -7.33 11.19 0.79
N VAL A 91 -6.28 10.42 0.56
CA VAL A 91 -6.44 9.11 -0.07
C VAL A 91 -6.23 8.02 0.98
N THR A 92 -7.19 7.09 1.01
CA THR A 92 -7.13 5.99 1.96
C THR A 92 -6.54 4.75 1.30
N ILE A 93 -5.27 4.52 1.58
CA ILE A 93 -4.57 3.37 1.03
C ILE A 93 -4.51 2.26 2.07
N VAL A 94 -5.18 1.16 1.76
CA VAL A 94 -5.21 0.02 2.66
C VAL A 94 -4.26 -1.06 2.15
N ALA A 95 -3.08 -1.12 2.77
CA ALA A 95 -2.08 -2.08 2.40
C ALA A 95 -1.59 -2.83 3.65
N GLN A 96 -0.89 -3.93 3.42
CA GLN A 96 -0.37 -4.72 4.50
C GLN A 96 1.14 -4.92 4.35
N TYR A 97 1.87 -4.59 5.40
CA TYR A 97 3.31 -4.73 5.38
C TYR A 97 3.73 -6.17 5.06
N ARG A 98 4.03 -6.39 3.80
CA ARG A 98 4.44 -7.72 3.34
C ARG A 98 5.67 -7.61 2.44
N PRO A 99 6.86 -7.53 3.09
CA PRO A 99 8.11 -7.42 2.36
C PRO A 99 8.50 -8.77 1.75
N GLU A 100 8.03 -9.83 2.40
CA GLU A 100 8.33 -11.18 1.92
C GLU A 100 7.87 -11.34 0.47
N GLU A 101 6.58 -11.10 0.26
CA GLU A 101 6.02 -11.22 -1.07
C GLU A 101 6.75 -10.30 -2.05
N TYR A 102 6.72 -9.01 -1.72
CA TYR A 102 7.37 -8.02 -2.57
C TYR A 102 8.84 -8.37 -2.79
N SER A 103 9.36 -9.20 -1.90
CA SER A 103 10.75 -9.62 -1.97
C SER A 103 11.06 -10.08 -3.40
N ARG A 104 10.06 -10.65 -4.05
CA ARG A 104 10.21 -11.14 -5.40
C ARG A 104 10.56 -9.98 -6.35
N PHE A 105 9.99 -8.84 -6.05
CA PHE A 105 10.22 -7.64 -6.86
C PHE A 105 11.56 -7.00 -6.51
N GLU A 106 11.96 -7.18 -5.26
CA GLU A 106 13.21 -6.63 -4.78
C GLU A 106 14.39 -7.21 -5.57
N SER A 107 14.58 -8.51 -5.42
CA SER A 107 15.65 -9.20 -6.10
C SER A 107 15.63 -8.85 -7.59
N SER A 108 14.52 -9.17 -8.22
CA SER A 108 14.37 -8.88 -9.64
C SER A 108 13.83 -7.47 -9.85
N GLY A 109 14.75 -6.52 -9.96
CA GLY A 109 14.39 -5.13 -10.15
C GLY A 109 14.22 -4.81 -11.63
N PRO A 110 13.31 -3.84 -11.91
CA PRO A 110 13.05 -3.43 -13.28
C PRO A 110 14.18 -2.57 -13.83
N SER A 111 15.38 -3.15 -13.83
CA SER A 111 16.55 -2.45 -14.31
C SER A 111 17.79 -3.34 -14.14
N SER A 112 18.86 -2.93 -14.82
CA SER A 112 20.11 -3.67 -14.75
C SER A 112 21.22 -2.76 -14.23
N GLY A 113 22.01 -3.31 -13.32
CA GLY A 113 23.12 -2.57 -12.74
C GLY A 113 24.46 -3.22 -13.08
N GLY A 1 -15.43 -1.06 38.30
CA GLY A 1 -14.27 -1.63 37.63
C GLY A 1 -14.25 -3.15 37.78
N SER A 2 -13.07 -3.72 37.59
CA SER A 2 -12.90 -5.15 37.70
C SER A 2 -11.40 -5.50 37.66
N SER A 3 -11.13 -6.77 37.95
CA SER A 3 -9.75 -7.25 37.95
C SER A 3 -9.70 -8.69 37.45
N GLY A 4 -8.48 -9.16 37.21
CA GLY A 4 -8.27 -10.51 36.72
C GLY A 4 -7.05 -10.59 35.81
N SER A 5 -6.90 -11.73 35.16
CA SER A 5 -5.78 -11.94 34.27
C SER A 5 -5.51 -10.68 33.45
N SER A 6 -4.30 -10.60 32.91
CA SER A 6 -3.90 -9.45 32.11
C SER A 6 -2.76 -9.84 31.17
N GLY A 7 -2.56 -9.01 30.16
CA GLY A 7 -1.52 -9.25 29.18
C GLY A 7 -1.47 -8.13 28.14
N ARG A 8 -0.25 -7.66 27.90
CA ARG A 8 -0.04 -6.59 26.94
C ARG A 8 -0.09 -7.14 25.51
N PRO A 9 -0.45 -6.24 24.56
CA PRO A 9 -0.53 -6.62 23.16
C PRO A 9 0.86 -6.76 22.54
N GLY A 10 0.88 -7.07 21.25
CA GLY A 10 2.13 -7.24 20.54
C GLY A 10 2.14 -6.40 19.26
N GLY A 11 1.30 -6.79 18.33
CA GLY A 11 1.21 -6.08 17.06
C GLY A 11 1.59 -6.99 15.89
N ASP A 12 0.58 -7.58 15.29
CA ASP A 12 0.79 -8.47 14.16
C ASP A 12 0.92 -7.65 12.88
N ALA A 13 2.13 -7.20 12.62
CA ALA A 13 2.40 -6.40 11.44
C ALA A 13 2.40 -7.31 10.21
N ARG A 14 1.28 -7.97 10.00
CA ARG A 14 1.13 -8.86 8.86
C ARG A 14 -0.17 -8.57 8.11
N GLU A 15 -1.23 -8.38 8.88
CA GLU A 15 -2.53 -8.09 8.31
C GLU A 15 -2.52 -6.71 7.63
N PRO A 16 -3.64 -6.40 6.94
CA PRO A 16 -3.77 -5.12 6.26
C PRO A 16 -4.03 -3.99 7.26
N ARG A 17 -3.56 -2.80 6.89
CA ARG A 17 -3.73 -1.64 7.74
C ARG A 17 -4.18 -0.43 6.91
N LYS A 18 -5.14 0.30 7.46
CA LYS A 18 -5.67 1.47 6.78
C LYS A 18 -4.64 2.61 6.86
N ILE A 19 -4.05 2.92 5.71
CA ILE A 19 -3.07 3.97 5.64
C ILE A 19 -3.61 5.13 4.81
N ILE A 20 -3.88 6.23 5.49
CA ILE A 20 -4.41 7.41 4.83
C ILE A 20 -3.28 8.42 4.62
N LEU A 21 -2.85 8.54 3.39
CA LEU A 21 -1.78 9.46 3.04
C LEU A 21 -2.39 10.78 2.55
N HIS A 22 -1.74 11.88 2.91
CA HIS A 22 -2.20 13.19 2.52
C HIS A 22 -1.31 13.73 1.40
N LYS A 23 -1.80 13.61 0.17
CA LYS A 23 -1.06 14.07 -0.99
C LYS A 23 -0.39 15.40 -0.65
N GLY A 24 0.93 15.40 -0.71
CA GLY A 24 1.71 16.59 -0.41
C GLY A 24 1.88 17.45 -1.66
N SER A 25 2.12 16.79 -2.78
CA SER A 25 2.31 17.48 -4.04
C SER A 25 2.48 16.46 -5.18
N THR A 26 3.52 15.64 -5.04
CA THR A 26 3.80 14.62 -6.03
C THR A 26 2.72 13.55 -6.03
N GLY A 27 2.49 12.98 -4.85
CA GLY A 27 1.48 11.94 -4.71
C GLY A 27 1.35 11.52 -3.24
N LEU A 28 1.30 10.21 -3.04
CA LEU A 28 1.18 9.66 -1.70
C LEU A 28 2.57 9.44 -1.11
N GLY A 29 3.57 9.58 -1.97
CA GLY A 29 4.95 9.39 -1.55
C GLY A 29 5.32 7.90 -1.55
N PHE A 30 4.77 7.18 -2.52
CA PHE A 30 5.04 5.76 -2.64
C PHE A 30 4.67 5.25 -4.03
N ASN A 31 5.44 4.27 -4.48
CA ASN A 31 5.22 3.69 -5.79
C ASN A 31 4.36 2.43 -5.65
N ILE A 32 3.91 1.92 -6.79
CA ILE A 32 3.08 0.73 -6.79
C ILE A 32 3.57 -0.23 -7.88
N VAL A 33 3.34 -1.51 -7.65
CA VAL A 33 3.76 -2.53 -8.61
C VAL A 33 2.67 -3.59 -8.71
N GLY A 34 2.88 -4.52 -9.63
CA GLY A 34 1.93 -5.60 -9.84
C GLY A 34 1.13 -5.39 -11.13
N GLY A 35 0.08 -6.17 -11.27
CA GLY A 35 -0.78 -6.08 -12.45
C GLY A 35 -0.53 -7.26 -13.40
N GLU A 36 -0.24 -8.40 -12.80
CA GLU A 36 0.01 -9.61 -13.58
C GLU A 36 -0.87 -10.75 -13.08
N ASP A 37 -1.67 -11.28 -13.98
CA ASP A 37 -2.56 -12.39 -13.65
C ASP A 37 -3.24 -12.10 -12.32
N GLY A 38 -3.59 -10.83 -12.12
CA GLY A 38 -4.24 -10.42 -10.89
C GLY A 38 -3.58 -11.05 -9.67
N GLU A 39 -2.29 -10.75 -9.51
CA GLU A 39 -1.53 -11.28 -8.39
C GLU A 39 -1.65 -10.36 -7.18
N GLY A 40 -1.82 -9.08 -7.46
CA GLY A 40 -1.94 -8.08 -6.41
C GLY A 40 -1.05 -6.87 -6.68
N ILE A 41 -1.22 -5.85 -5.85
CA ILE A 41 -0.44 -4.63 -5.99
C ILE A 41 0.44 -4.46 -4.76
N PHE A 42 1.68 -4.05 -5.01
CA PHE A 42 2.63 -3.84 -3.94
C PHE A 42 3.37 -2.51 -4.11
N VAL A 43 3.98 -2.05 -3.03
CA VAL A 43 4.72 -0.81 -3.05
C VAL A 43 6.12 -1.06 -3.62
N SER A 44 6.48 -0.25 -4.60
CA SER A 44 7.79 -0.38 -5.23
C SER A 44 8.82 0.46 -4.47
N PHE A 45 8.34 1.57 -3.91
CA PHE A 45 9.20 2.46 -3.17
C PHE A 45 8.39 3.50 -2.40
N ILE A 46 9.06 4.16 -1.46
CA ILE A 46 8.41 5.18 -0.66
C ILE A 46 9.26 6.45 -0.67
N LEU A 47 8.68 7.51 -1.22
CA LEU A 47 9.37 8.79 -1.30
C LEU A 47 9.83 9.20 0.10
N ALA A 48 10.91 9.97 0.13
CA ALA A 48 11.46 10.43 1.39
C ALA A 48 10.96 11.85 1.66
N GLY A 49 10.07 11.95 2.65
CA GLY A 49 9.51 13.24 3.02
C GLY A 49 8.02 13.31 2.66
N GLY A 50 7.59 12.33 1.87
CA GLY A 50 6.20 12.28 1.44
C GLY A 50 5.29 11.91 2.61
N PRO A 51 3.99 11.71 2.28
CA PRO A 51 3.00 11.35 3.28
C PRO A 51 3.14 9.88 3.68
N ALA A 52 3.53 9.07 2.71
CA ALA A 52 3.72 7.65 2.96
C ALA A 52 4.93 7.44 3.86
N ASP A 53 5.87 8.37 3.78
CA ASP A 53 7.08 8.31 4.58
C ASP A 53 6.85 9.04 5.90
N LEU A 54 6.49 10.32 5.78
CA LEU A 54 6.24 11.12 6.96
C LEU A 54 5.31 10.38 7.91
N SER A 55 4.15 10.01 7.37
CA SER A 55 3.16 9.29 8.15
C SER A 55 3.85 8.26 9.04
N GLY A 56 4.70 7.46 8.42
CA GLY A 56 5.43 6.43 9.14
C GLY A 56 4.71 5.08 9.04
N GLU A 57 3.47 5.15 8.57
CA GLU A 57 2.67 3.94 8.43
C GLU A 57 3.13 3.14 7.21
N LEU A 58 2.77 3.65 6.04
CA LEU A 58 3.14 2.99 4.80
C LEU A 58 4.64 2.68 4.81
N ARG A 59 4.99 1.56 4.21
CA ARG A 59 6.38 1.14 4.15
C ARG A 59 6.67 0.43 2.82
N ARG A 60 7.91 0.53 2.39
CA ARG A 60 8.32 -0.10 1.15
C ARG A 60 8.30 -1.63 1.29
N GLY A 61 7.42 -2.25 0.52
CA GLY A 61 7.30 -3.70 0.55
C GLY A 61 5.84 -4.12 0.81
N ASP A 62 5.11 -3.23 1.47
CA ASP A 62 3.72 -3.50 1.79
C ASP A 62 3.00 -3.99 0.53
N ARG A 63 1.75 -4.40 0.72
CA ARG A 63 0.95 -4.89 -0.39
C ARG A 63 -0.38 -4.14 -0.46
N ILE A 64 -0.46 -3.24 -1.43
CA ILE A 64 -1.66 -2.45 -1.61
C ILE A 64 -2.84 -3.39 -1.88
N LEU A 65 -3.92 -3.18 -1.12
CA LEU A 65 -5.11 -3.99 -1.28
C LEU A 65 -6.22 -3.16 -1.90
N SER A 66 -6.46 -2.00 -1.30
CA SER A 66 -7.49 -1.10 -1.79
C SER A 66 -7.05 0.35 -1.60
N VAL A 67 -7.58 1.22 -2.45
CA VAL A 67 -7.26 2.64 -2.38
C VAL A 67 -8.55 3.45 -2.34
N ASN A 68 -8.54 4.49 -1.51
CA ASN A 68 -9.69 5.35 -1.38
C ASN A 68 -10.96 4.49 -1.40
N GLY A 69 -10.82 3.27 -0.94
CA GLY A 69 -11.94 2.35 -0.90
C GLY A 69 -12.24 1.78 -2.29
N VAL A 70 -11.22 1.17 -2.87
CA VAL A 70 -11.36 0.58 -4.19
C VAL A 70 -10.77 -0.84 -4.19
N ASN A 71 -11.37 -1.69 -4.99
CA ASN A 71 -10.92 -3.07 -5.09
C ASN A 71 -9.86 -3.19 -6.18
N LEU A 72 -8.62 -3.42 -5.76
CA LEU A 72 -7.52 -3.55 -6.68
C LEU A 72 -6.84 -4.91 -6.48
N ARG A 73 -7.42 -5.69 -5.58
CA ARG A 73 -6.89 -7.01 -5.28
C ARG A 73 -6.39 -7.69 -6.57
N ASN A 74 -7.17 -7.53 -7.63
CA ASN A 74 -6.83 -8.11 -8.90
C ASN A 74 -6.92 -7.04 -9.99
N ALA A 75 -6.26 -5.92 -9.74
CA ALA A 75 -6.26 -4.82 -10.68
C ALA A 75 -4.86 -4.69 -11.31
N THR A 76 -4.82 -3.96 -12.42
CA THR A 76 -3.57 -3.75 -13.12
C THR A 76 -2.83 -2.54 -12.55
N HIS A 77 -1.54 -2.47 -12.86
CA HIS A 77 -0.71 -1.37 -12.38
C HIS A 77 -1.41 -0.04 -12.69
N GLU A 78 -1.97 0.04 -13.88
CA GLU A 78 -2.66 1.25 -14.30
C GLU A 78 -3.88 1.49 -13.41
N GLN A 79 -4.71 0.45 -13.30
CA GLN A 79 -5.91 0.53 -12.49
C GLN A 79 -5.58 1.06 -11.11
N ALA A 80 -4.56 0.47 -10.50
CA ALA A 80 -4.13 0.87 -9.17
C ALA A 80 -3.69 2.34 -9.20
N ALA A 81 -3.30 2.78 -10.39
CA ALA A 81 -2.86 4.16 -10.57
C ALA A 81 -4.08 5.05 -10.79
N ALA A 82 -4.99 4.56 -11.61
CA ALA A 82 -6.20 5.30 -11.92
C ALA A 82 -7.00 5.54 -10.63
N ALA A 83 -6.87 4.58 -9.73
CA ALA A 83 -7.57 4.67 -8.45
C ALA A 83 -6.90 5.73 -7.58
N LEU A 84 -5.70 6.11 -8.00
CA LEU A 84 -4.94 7.13 -7.26
C LEU A 84 -5.19 8.49 -7.89
N LYS A 85 -5.46 8.47 -9.20
CA LYS A 85 -5.71 9.70 -9.93
C LYS A 85 -7.15 10.15 -9.68
N ARG A 86 -7.95 9.22 -9.17
CA ARG A 86 -9.35 9.50 -8.89
C ARG A 86 -9.50 9.99 -7.45
N ALA A 87 -8.49 9.70 -6.64
CA ALA A 87 -8.50 10.10 -5.25
C ALA A 87 -8.44 11.63 -5.16
N GLY A 88 -7.71 12.10 -4.16
CA GLY A 88 -7.57 13.53 -3.96
C GLY A 88 -6.47 13.83 -2.93
N GLN A 89 -6.83 14.64 -1.94
CA GLN A 89 -5.89 15.01 -0.90
C GLN A 89 -5.86 13.93 0.19
N SER A 90 -7.04 13.42 0.50
CA SER A 90 -7.17 12.38 1.52
C SER A 90 -7.48 11.03 0.86
N VAL A 91 -6.44 10.24 0.68
CA VAL A 91 -6.60 8.93 0.07
C VAL A 91 -6.39 7.85 1.13
N THR A 92 -7.22 6.82 1.04
CA THR A 92 -7.14 5.72 1.99
C THR A 92 -6.46 4.50 1.33
N ILE A 93 -5.18 4.33 1.65
CA ILE A 93 -4.42 3.23 1.09
C ILE A 93 -4.35 2.10 2.13
N VAL A 94 -4.97 0.99 1.82
CA VAL A 94 -4.97 -0.16 2.71
C VAL A 94 -3.99 -1.21 2.19
N ALA A 95 -2.82 -1.23 2.80
CA ALA A 95 -1.79 -2.18 2.41
C ALA A 95 -1.34 -2.97 3.63
N GLN A 96 -0.79 -4.15 3.36
CA GLN A 96 -0.32 -5.02 4.44
C GLN A 96 1.18 -5.25 4.30
N TYR A 97 1.88 -5.07 5.41
CA TYR A 97 3.32 -5.26 5.43
C TYR A 97 3.69 -6.70 5.06
N ARG A 98 3.95 -6.90 3.78
CA ARG A 98 4.32 -8.21 3.28
C ARG A 98 5.57 -8.11 2.39
N PRO A 99 6.75 -8.12 3.06
CA PRO A 99 8.01 -8.03 2.34
C PRO A 99 8.35 -9.36 1.68
N GLU A 100 7.78 -10.43 2.22
CA GLU A 100 8.02 -11.76 1.69
C GLU A 100 7.56 -11.84 0.24
N GLU A 101 6.32 -11.41 0.01
CA GLU A 101 5.76 -11.43 -1.32
C GLU A 101 6.51 -10.45 -2.23
N TYR A 102 6.48 -9.18 -1.84
CA TYR A 102 7.16 -8.15 -2.61
C TYR A 102 8.53 -8.62 -3.07
N SER A 103 9.15 -9.45 -2.24
CA SER A 103 10.46 -9.98 -2.56
C SER A 103 10.47 -10.59 -3.96
N ARG A 104 9.30 -11.06 -4.37
CA ARG A 104 9.15 -11.66 -5.68
C ARG A 104 9.41 -10.63 -6.78
N PHE A 105 9.13 -9.38 -6.45
CA PHE A 105 9.33 -8.29 -7.39
C PHE A 105 10.77 -7.78 -7.33
N GLU A 106 11.29 -7.69 -6.11
CA GLU A 106 12.64 -7.21 -5.90
C GLU A 106 13.60 -7.91 -6.85
N SER A 107 13.49 -9.24 -6.90
CA SER A 107 14.34 -10.04 -7.76
C SER A 107 14.15 -9.61 -9.22
N SER A 108 12.90 -9.71 -9.67
CA SER A 108 12.57 -9.34 -11.04
C SER A 108 11.80 -8.03 -11.05
N GLY A 109 12.49 -6.98 -11.49
CA GLY A 109 11.88 -5.66 -11.56
C GLY A 109 11.77 -5.18 -13.02
N PRO A 110 11.16 -3.97 -13.18
CA PRO A 110 10.98 -3.40 -14.50
C PRO A 110 12.31 -2.85 -15.05
N SER A 111 13.13 -3.77 -15.53
CA SER A 111 14.42 -3.40 -16.08
C SER A 111 15.31 -2.82 -14.98
N SER A 112 15.98 -3.71 -14.27
CA SER A 112 16.86 -3.30 -13.19
C SER A 112 18.04 -2.51 -13.75
N GLY A 113 18.71 -1.80 -12.85
CA GLY A 113 19.86 -1.00 -13.25
C GLY A 113 19.41 0.36 -13.82
N GLY A 1 -26.33 -9.08 34.07
CA GLY A 1 -25.94 -7.71 34.30
C GLY A 1 -24.44 -7.59 34.53
N SER A 2 -24.03 -6.44 35.06
CA SER A 2 -22.63 -6.19 35.32
C SER A 2 -21.83 -6.25 34.02
N SER A 3 -20.68 -5.60 34.04
CA SER A 3 -19.81 -5.57 32.87
C SER A 3 -18.42 -5.09 33.26
N GLY A 4 -17.45 -5.41 32.41
CA GLY A 4 -16.07 -5.02 32.65
C GLY A 4 -15.10 -5.91 31.87
N SER A 5 -14.15 -6.46 32.60
CA SER A 5 -13.16 -7.34 31.99
C SER A 5 -12.25 -6.53 31.07
N SER A 6 -11.20 -7.19 30.59
CA SER A 6 -10.26 -6.54 29.70
C SER A 6 -9.62 -7.59 28.76
N GLY A 7 -8.97 -7.08 27.73
CA GLY A 7 -8.32 -7.94 26.76
C GLY A 7 -7.10 -7.26 26.15
N ARG A 8 -5.97 -7.95 26.25
CA ARG A 8 -4.73 -7.42 25.71
C ARG A 8 -4.64 -7.71 24.21
N PRO A 9 -4.12 -6.69 23.46
CA PRO A 9 -3.98 -6.81 22.02
C PRO A 9 -2.80 -7.73 21.66
N GLY A 10 -2.48 -7.75 20.38
CA GLY A 10 -1.37 -8.57 19.90
C GLY A 10 -1.25 -8.46 18.38
N GLY A 11 -0.16 -9.03 17.88
CA GLY A 11 0.10 -9.01 16.44
C GLY A 11 1.48 -8.42 16.15
N ASP A 12 2.03 -8.82 15.00
CA ASP A 12 3.33 -8.33 14.59
C ASP A 12 3.17 -7.46 13.33
N ALA A 13 1.97 -6.94 13.16
CA ALA A 13 1.68 -6.10 12.02
C ALA A 13 1.89 -6.90 10.73
N ARG A 14 0.85 -7.61 10.34
CA ARG A 14 0.90 -8.43 9.14
C ARG A 14 -0.38 -8.22 8.31
N GLU A 15 -1.50 -8.24 8.99
CA GLU A 15 -2.79 -8.06 8.34
C GLU A 15 -2.86 -6.67 7.68
N PRO A 16 -3.96 -6.45 6.92
CA PRO A 16 -4.16 -5.18 6.23
C PRO A 16 -4.58 -4.10 7.21
N ARG A 17 -4.28 -2.85 6.85
CA ARG A 17 -4.62 -1.72 7.69
C ARG A 17 -5.02 -0.52 6.82
N LYS A 18 -5.37 0.57 7.50
CA LYS A 18 -5.77 1.78 6.79
C LYS A 18 -4.64 2.81 6.90
N ILE A 19 -4.27 3.35 5.74
CA ILE A 19 -3.21 4.34 5.69
C ILE A 19 -3.70 5.54 4.88
N ILE A 20 -3.87 6.66 5.57
CA ILE A 20 -4.33 7.88 4.94
C ILE A 20 -3.13 8.80 4.68
N LEU A 21 -2.77 8.92 3.41
CA LEU A 21 -1.65 9.76 3.03
C LEU A 21 -2.18 11.02 2.36
N HIS A 22 -1.69 12.16 2.84
CA HIS A 22 -2.11 13.44 2.30
C HIS A 22 -1.17 13.84 1.15
N LYS A 23 -1.70 13.75 -0.06
CA LYS A 23 -0.93 14.09 -1.24
C LYS A 23 -0.05 15.31 -0.94
N GLY A 24 1.22 15.04 -0.68
CA GLY A 24 2.17 16.10 -0.38
C GLY A 24 2.91 16.54 -1.65
N SER A 25 3.51 15.58 -2.31
CA SER A 25 4.26 15.85 -3.53
C SER A 25 4.54 14.56 -4.28
N THR A 26 4.78 14.70 -5.58
CA THR A 26 5.06 13.56 -6.42
C THR A 26 4.04 12.44 -6.16
N GLY A 27 2.89 12.84 -5.63
CA GLY A 27 1.84 11.89 -5.33
C GLY A 27 1.73 11.64 -3.83
N LEU A 28 1.41 10.40 -3.49
CA LEU A 28 1.28 10.03 -2.09
C LEU A 28 2.67 9.86 -1.47
N GLY A 29 3.68 9.91 -2.34
CA GLY A 29 5.06 9.76 -1.90
C GLY A 29 5.44 8.29 -1.80
N PHE A 30 5.03 7.53 -2.80
CA PHE A 30 5.33 6.11 -2.84
C PHE A 30 4.96 5.51 -4.19
N ASN A 31 5.73 4.50 -4.58
CA ASN A 31 5.50 3.83 -5.86
C ASN A 31 4.68 2.56 -5.62
N ILE A 32 4.22 1.98 -6.72
CA ILE A 32 3.43 0.77 -6.64
C ILE A 32 3.83 -0.17 -7.78
N VAL A 33 3.50 -1.44 -7.61
CA VAL A 33 3.81 -2.44 -8.62
C VAL A 33 2.71 -3.49 -8.66
N GLY A 34 2.86 -4.43 -9.58
CA GLY A 34 1.87 -5.50 -9.73
C GLY A 34 0.94 -5.22 -10.92
N GLY A 35 -0.01 -6.12 -11.10
CA GLY A 35 -0.96 -5.99 -12.19
C GLY A 35 -0.77 -7.10 -13.23
N GLU A 36 -0.51 -8.30 -12.74
CA GLU A 36 -0.30 -9.44 -13.61
C GLU A 36 -1.10 -10.65 -13.12
N ASP A 37 -1.94 -11.16 -14.00
CA ASP A 37 -2.77 -12.31 -13.66
C ASP A 37 -3.38 -12.10 -12.27
N GLY A 38 -3.60 -10.85 -11.94
CA GLY A 38 -4.18 -10.51 -10.65
C GLY A 38 -3.38 -11.13 -9.51
N GLU A 39 -2.09 -10.79 -9.47
CA GLU A 39 -1.21 -11.31 -8.44
C GLU A 39 -1.31 -10.45 -7.17
N GLY A 40 -1.55 -9.17 -7.39
CA GLY A 40 -1.67 -8.23 -6.28
C GLY A 40 -0.81 -6.99 -6.52
N ILE A 41 -1.09 -5.96 -5.74
CA ILE A 41 -0.36 -4.71 -5.86
C ILE A 41 0.55 -4.54 -4.64
N PHE A 42 1.69 -3.89 -4.88
CA PHE A 42 2.64 -3.66 -3.81
C PHE A 42 3.43 -2.37 -4.05
N VAL A 43 4.07 -1.90 -3.00
CA VAL A 43 4.86 -0.67 -3.08
C VAL A 43 6.28 -1.03 -3.54
N SER A 44 6.78 -0.21 -4.46
CA SER A 44 8.12 -0.42 -4.98
C SER A 44 9.11 0.53 -4.30
N PHE A 45 8.55 1.50 -3.59
CA PHE A 45 9.36 2.47 -2.90
C PHE A 45 8.48 3.52 -2.20
N ILE A 46 9.12 4.28 -1.31
CA ILE A 46 8.42 5.32 -0.58
C ILE A 46 9.23 6.61 -0.63
N LEU A 47 8.60 7.65 -1.17
CA LEU A 47 9.26 8.94 -1.28
C LEU A 47 9.77 9.37 0.10
N ALA A 48 10.96 9.94 0.10
CA ALA A 48 11.57 10.41 1.33
C ALA A 48 11.03 11.79 1.68
N GLY A 49 10.38 11.86 2.84
CA GLY A 49 9.81 13.12 3.30
C GLY A 49 8.33 13.22 2.91
N GLY A 50 7.92 12.33 2.03
CA GLY A 50 6.54 12.30 1.58
C GLY A 50 5.59 11.90 2.72
N PRO A 51 4.28 11.84 2.37
CA PRO A 51 3.27 11.47 3.35
C PRO A 51 3.30 9.97 3.63
N ALA A 52 3.69 9.21 2.62
CA ALA A 52 3.76 7.76 2.74
C ALA A 52 4.93 7.40 3.67
N ASP A 53 5.86 8.34 3.79
CA ASP A 53 7.02 8.13 4.63
C ASP A 53 6.80 8.81 5.98
N LEU A 54 6.52 10.11 5.92
CA LEU A 54 6.28 10.87 7.13
C LEU A 54 5.28 10.13 8.01
N SER A 55 4.12 9.83 7.43
CA SER A 55 3.09 9.13 8.16
C SER A 55 3.70 8.03 9.03
N GLY A 56 4.68 7.35 8.46
CA GLY A 56 5.37 6.28 9.17
C GLY A 56 4.55 4.98 9.12
N GLU A 57 3.50 5.01 8.30
CA GLU A 57 2.65 3.85 8.14
C GLU A 57 2.97 3.11 6.84
N LEU A 58 2.91 3.86 5.75
CA LEU A 58 3.19 3.29 4.44
C LEU A 58 4.71 3.07 4.30
N ARG A 59 5.06 1.84 4.01
CA ARG A 59 6.47 1.48 3.85
C ARG A 59 6.65 0.59 2.61
N ARG A 60 7.80 0.75 1.98
CA ARG A 60 8.11 -0.02 0.79
C ARG A 60 7.95 -1.52 1.08
N GLY A 61 7.10 -2.15 0.29
CA GLY A 61 6.85 -3.57 0.43
C GLY A 61 5.42 -3.83 0.93
N ASP A 62 4.69 -2.74 1.11
CA ASP A 62 3.31 -2.83 1.57
C ASP A 62 2.41 -3.24 0.40
N ARG A 63 1.80 -4.41 0.55
CA ARG A 63 0.92 -4.94 -0.49
C ARG A 63 -0.40 -4.17 -0.49
N ILE A 64 -0.59 -3.38 -1.53
CA ILE A 64 -1.81 -2.59 -1.66
C ILE A 64 -2.99 -3.52 -1.91
N LEU A 65 -4.07 -3.26 -1.20
CA LEU A 65 -5.27 -4.07 -1.33
C LEU A 65 -6.38 -3.23 -1.97
N SER A 66 -6.62 -2.08 -1.37
CA SER A 66 -7.65 -1.16 -1.87
C SER A 66 -7.21 0.28 -1.65
N VAL A 67 -7.72 1.15 -2.52
CA VAL A 67 -7.40 2.56 -2.43
C VAL A 67 -8.69 3.38 -2.43
N ASN A 68 -8.69 4.41 -1.60
CA ASN A 68 -9.86 5.28 -1.49
C ASN A 68 -11.13 4.42 -1.53
N GLY A 69 -10.99 3.19 -1.05
CA GLY A 69 -12.11 2.27 -1.04
C GLY A 69 -12.38 1.70 -2.43
N VAL A 70 -11.36 1.09 -2.99
CA VAL A 70 -11.47 0.51 -4.32
C VAL A 70 -10.88 -0.91 -4.30
N ASN A 71 -11.48 -1.77 -5.12
CA ASN A 71 -11.03 -3.14 -5.19
C ASN A 71 -9.96 -3.27 -6.28
N LEU A 72 -8.73 -3.51 -5.82
CA LEU A 72 -7.61 -3.65 -6.74
C LEU A 72 -6.96 -5.02 -6.54
N ARG A 73 -7.57 -5.80 -5.67
CA ARG A 73 -7.06 -7.13 -5.36
C ARG A 73 -6.53 -7.79 -6.65
N ASN A 74 -7.26 -7.59 -7.73
CA ASN A 74 -6.88 -8.16 -9.01
C ASN A 74 -6.97 -7.07 -10.09
N ALA A 75 -6.32 -5.95 -9.82
CA ALA A 75 -6.32 -4.83 -10.75
C ALA A 75 -4.92 -4.66 -11.32
N THR A 76 -4.87 -4.11 -12.53
CA THR A 76 -3.60 -3.87 -13.20
C THR A 76 -2.93 -2.62 -12.64
N HIS A 77 -1.62 -2.53 -12.86
CA HIS A 77 -0.86 -1.40 -12.39
C HIS A 77 -1.65 -0.11 -12.63
N GLU A 78 -2.00 0.11 -13.89
CA GLU A 78 -2.75 1.30 -14.25
C GLU A 78 -3.98 1.45 -13.36
N GLN A 79 -4.82 0.42 -13.39
CA GLN A 79 -6.03 0.42 -12.59
C GLN A 79 -5.72 0.87 -11.16
N ALA A 80 -4.65 0.31 -10.62
CA ALA A 80 -4.24 0.64 -9.26
C ALA A 80 -3.87 2.13 -9.19
N ALA A 81 -3.21 2.58 -10.25
CA ALA A 81 -2.80 3.98 -10.31
C ALA A 81 -4.03 4.86 -10.49
N ALA A 82 -4.90 4.45 -11.40
CA ALA A 82 -6.12 5.20 -11.66
C ALA A 82 -6.89 5.38 -10.35
N ALA A 83 -6.64 4.48 -9.42
CA ALA A 83 -7.29 4.54 -8.12
C ALA A 83 -6.70 5.69 -7.30
N LEU A 84 -5.52 6.13 -7.72
CA LEU A 84 -4.84 7.21 -7.03
C LEU A 84 -5.13 8.53 -7.76
N LYS A 85 -5.37 8.40 -9.05
CA LYS A 85 -5.66 9.57 -9.88
C LYS A 85 -7.11 9.99 -9.68
N ARG A 86 -7.88 9.07 -9.11
CA ARG A 86 -9.29 9.32 -8.86
C ARG A 86 -9.48 9.83 -7.42
N ALA A 87 -8.48 9.57 -6.61
CA ALA A 87 -8.53 10.00 -5.21
C ALA A 87 -8.39 11.52 -5.14
N GLY A 88 -7.72 11.97 -4.09
CA GLY A 88 -7.51 13.40 -3.89
C GLY A 88 -6.52 13.65 -2.76
N GLN A 89 -6.74 14.77 -2.06
CA GLN A 89 -5.87 15.14 -0.96
C GLN A 89 -5.82 14.00 0.08
N SER A 90 -7.00 13.55 0.47
CA SER A 90 -7.09 12.47 1.45
C SER A 90 -7.36 11.15 0.74
N VAL A 91 -6.33 10.33 0.65
CA VAL A 91 -6.45 9.03 0.00
C VAL A 91 -6.29 7.92 1.04
N THR A 92 -7.15 6.93 0.95
CA THR A 92 -7.11 5.80 1.87
C THR A 92 -6.52 4.57 1.18
N ILE A 93 -5.26 4.32 1.46
CA ILE A 93 -4.57 3.18 0.88
C ILE A 93 -4.49 2.05 1.92
N VAL A 94 -5.27 1.01 1.68
CA VAL A 94 -5.30 -0.12 2.58
C VAL A 94 -4.34 -1.19 2.07
N ALA A 95 -3.17 -1.25 2.70
CA ALA A 95 -2.16 -2.21 2.33
C ALA A 95 -1.75 -3.03 3.55
N GLN A 96 -1.11 -4.16 3.30
CA GLN A 96 -0.66 -5.03 4.36
C GLN A 96 0.85 -5.24 4.27
N TYR A 97 1.54 -4.75 5.29
CA TYR A 97 2.99 -4.88 5.34
C TYR A 97 3.41 -6.34 5.16
N ARG A 98 3.74 -6.67 3.92
CA ARG A 98 4.16 -8.02 3.59
C ARG A 98 5.38 -7.99 2.67
N PRO A 99 6.58 -7.92 3.30
CA PRO A 99 7.83 -7.88 2.56
C PRO A 99 8.16 -9.26 1.99
N GLU A 100 7.75 -10.28 2.72
CA GLU A 100 8.00 -11.65 2.30
C GLU A 100 7.50 -11.88 0.87
N GLU A 101 6.42 -11.18 0.54
CA GLU A 101 5.85 -11.29 -0.79
C GLU A 101 6.53 -10.32 -1.76
N TYR A 102 6.61 -9.07 -1.34
CA TYR A 102 7.23 -8.05 -2.16
C TYR A 102 8.63 -8.48 -2.61
N SER A 103 9.23 -9.33 -1.79
CA SER A 103 10.56 -9.83 -2.09
C SER A 103 10.58 -10.49 -3.47
N ARG A 104 9.42 -10.99 -3.86
CA ARG A 104 9.29 -11.64 -5.16
C ARG A 104 9.54 -10.64 -6.29
N PHE A 105 9.31 -9.37 -5.97
CA PHE A 105 9.51 -8.31 -6.94
C PHE A 105 10.93 -7.75 -6.87
N GLU A 106 11.36 -7.49 -5.64
CA GLU A 106 12.69 -6.95 -5.42
C GLU A 106 13.71 -7.68 -6.30
N SER A 107 13.68 -9.01 -6.23
CA SER A 107 14.59 -9.83 -7.01
C SER A 107 14.39 -9.54 -8.50
N SER A 108 13.13 -9.60 -8.92
CA SER A 108 12.79 -9.37 -10.32
C SER A 108 11.59 -8.41 -10.40
N GLY A 109 11.90 -7.17 -10.74
CA GLY A 109 10.86 -6.16 -10.87
C GLY A 109 10.71 -5.70 -12.32
N PRO A 110 10.29 -4.42 -12.48
CA PRO A 110 10.10 -3.86 -13.81
C PRO A 110 11.44 -3.55 -14.47
N SER A 111 12.01 -4.57 -15.08
CA SER A 111 13.29 -4.43 -15.76
C SER A 111 13.29 -5.23 -17.05
N SER A 112 13.15 -4.51 -18.16
CA SER A 112 13.13 -5.14 -19.48
C SER A 112 14.47 -4.94 -20.17
N GLY A 113 14.74 -5.79 -21.14
CA GLY A 113 15.97 -5.71 -21.90
C GLY A 113 16.49 -7.11 -22.25
N GLY A 1 -16.02 -12.06 21.29
CA GLY A 1 -15.78 -11.84 19.87
C GLY A 1 -14.30 -11.50 19.60
N SER A 2 -14.11 -10.30 19.06
CA SER A 2 -12.77 -9.84 18.76
C SER A 2 -12.46 -8.57 19.56
N SER A 3 -11.78 -8.77 20.68
CA SER A 3 -11.42 -7.67 21.55
C SER A 3 -10.35 -8.11 22.55
N GLY A 4 -9.11 -7.75 22.24
CA GLY A 4 -8.00 -8.10 23.10
C GLY A 4 -6.79 -7.19 22.84
N SER A 5 -6.22 -6.69 23.92
CA SER A 5 -5.06 -5.81 23.82
C SER A 5 -4.66 -5.32 25.21
N SER A 6 -3.54 -5.84 25.69
CA SER A 6 -3.03 -5.46 26.99
C SER A 6 -1.68 -6.15 27.25
N GLY A 7 -1.71 -7.47 27.16
CA GLY A 7 -0.50 -8.26 27.37
C GLY A 7 0.09 -8.73 26.05
N ARG A 8 0.07 -10.05 25.88
CA ARG A 8 0.60 -10.65 24.67
C ARG A 8 0.24 -9.80 23.45
N PRO A 9 1.12 -9.88 22.41
CA PRO A 9 0.90 -9.11 21.19
C PRO A 9 -0.22 -9.74 20.35
N GLY A 10 -0.72 -8.94 19.41
CA GLY A 10 -1.78 -9.41 18.54
C GLY A 10 -1.36 -9.36 17.08
N GLY A 11 -1.27 -8.14 16.56
CA GLY A 11 -0.87 -7.93 15.18
C GLY A 11 0.61 -7.58 15.08
N ASP A 12 1.30 -8.29 14.20
CA ASP A 12 2.73 -8.07 14.00
C ASP A 12 2.97 -7.57 12.57
N ALA A 13 2.04 -6.74 12.11
CA ALA A 13 2.14 -6.19 10.77
C ALA A 13 1.95 -7.31 9.74
N ARG A 14 0.75 -7.88 9.75
CA ARG A 14 0.43 -8.96 8.83
C ARG A 14 -0.86 -8.65 8.08
N GLU A 15 -1.86 -8.21 8.83
CA GLU A 15 -3.15 -7.87 8.26
C GLU A 15 -3.07 -6.52 7.53
N PRO A 16 -4.18 -6.18 6.83
CA PRO A 16 -4.25 -4.93 6.09
C PRO A 16 -4.45 -3.75 7.04
N ARG A 17 -3.68 -2.70 6.78
CA ARG A 17 -3.76 -1.51 7.61
C ARG A 17 -4.19 -0.30 6.75
N LYS A 18 -5.13 0.45 7.30
CA LYS A 18 -5.63 1.63 6.61
C LYS A 18 -4.59 2.75 6.67
N ILE A 19 -3.97 2.99 5.53
CA ILE A 19 -2.95 4.02 5.43
C ILE A 19 -3.48 5.19 4.61
N ILE A 20 -3.73 6.30 5.29
CA ILE A 20 -4.26 7.48 4.64
C ILE A 20 -3.11 8.48 4.42
N LEU A 21 -2.79 8.71 3.16
CA LEU A 21 -1.74 9.64 2.81
C LEU A 21 -2.34 10.93 2.27
N HIS A 22 -1.68 12.03 2.60
CA HIS A 22 -2.15 13.34 2.15
C HIS A 22 -1.34 13.78 0.94
N LYS A 23 -1.95 13.64 -0.23
CA LYS A 23 -1.29 14.04 -1.46
C LYS A 23 -0.66 15.42 -1.29
N GLY A 24 0.66 15.43 -1.34
CA GLY A 24 1.40 16.67 -1.17
C GLY A 24 1.46 17.44 -2.51
N SER A 25 1.83 16.72 -3.55
CA SER A 25 1.93 17.32 -4.87
C SER A 25 2.19 16.22 -5.92
N THR A 26 3.32 15.56 -5.77
CA THR A 26 3.69 14.50 -6.69
C THR A 26 2.68 13.36 -6.62
N GLY A 27 2.48 12.85 -5.41
CA GLY A 27 1.55 11.76 -5.20
C GLY A 27 1.37 11.48 -3.70
N LEU A 28 1.31 10.20 -3.38
CA LEU A 28 1.14 9.78 -2.00
C LEU A 28 2.51 9.59 -1.35
N GLY A 29 3.53 9.61 -2.19
CA GLY A 29 4.89 9.44 -1.72
C GLY A 29 5.28 7.97 -1.67
N PHE A 30 4.73 7.21 -2.62
CA PHE A 30 5.00 5.79 -2.69
C PHE A 30 4.64 5.23 -4.07
N ASN A 31 5.44 4.27 -4.51
CA ASN A 31 5.21 3.65 -5.81
C ASN A 31 4.38 2.37 -5.62
N ILE A 32 4.06 1.76 -6.74
CA ILE A 32 3.27 0.53 -6.72
C ILE A 32 3.73 -0.39 -7.86
N VAL A 33 3.57 -1.68 -7.62
CA VAL A 33 3.97 -2.66 -8.62
C VAL A 33 2.85 -3.71 -8.77
N GLY A 34 3.06 -4.64 -9.69
CA GLY A 34 2.09 -5.68 -9.94
C GLY A 34 1.32 -5.42 -11.23
N GLY A 35 0.16 -6.04 -11.33
CA GLY A 35 -0.67 -5.89 -12.50
C GLY A 35 -0.43 -7.03 -13.50
N GLU A 36 -0.16 -8.20 -12.96
CA GLU A 36 0.10 -9.37 -13.79
C GLU A 36 -0.81 -10.53 -13.36
N ASP A 37 -1.64 -10.97 -14.29
CA ASP A 37 -2.55 -12.06 -14.03
C ASP A 37 -3.20 -11.86 -12.66
N GLY A 38 -3.33 -10.60 -12.29
CA GLY A 38 -3.93 -10.25 -11.01
C GLY A 38 -3.23 -10.99 -9.86
N GLU A 39 -1.94 -10.73 -9.73
CA GLU A 39 -1.15 -11.36 -8.68
C GLU A 39 -1.27 -10.55 -7.37
N GLY A 40 -1.42 -9.26 -7.53
CA GLY A 40 -1.55 -8.38 -6.38
C GLY A 40 -0.59 -7.18 -6.50
N ILE A 41 -1.08 -6.03 -6.06
CA ILE A 41 -0.28 -4.81 -6.11
C ILE A 41 0.60 -4.74 -4.86
N PHE A 42 1.70 -4.02 -5.00
CA PHE A 42 2.64 -3.86 -3.90
C PHE A 42 3.47 -2.59 -4.07
N VAL A 43 3.90 -2.05 -2.94
CA VAL A 43 4.71 -0.84 -2.95
C VAL A 43 6.10 -1.16 -3.49
N SER A 44 6.58 -0.28 -4.35
CA SER A 44 7.90 -0.46 -4.95
C SER A 44 8.91 0.44 -4.24
N PHE A 45 8.46 1.62 -3.85
CA PHE A 45 9.31 2.57 -3.17
C PHE A 45 8.48 3.62 -2.43
N ILE A 46 9.15 4.33 -1.52
CA ILE A 46 8.49 5.36 -0.75
C ILE A 46 9.35 6.62 -0.75
N LEU A 47 8.76 7.71 -1.21
CA LEU A 47 9.45 8.98 -1.27
C LEU A 47 9.90 9.38 0.14
N ALA A 48 10.97 10.15 0.19
CA ALA A 48 11.51 10.61 1.45
C ALA A 48 10.97 12.00 1.77
N GLY A 49 10.11 12.05 2.79
CA GLY A 49 9.51 13.31 3.20
C GLY A 49 8.03 13.35 2.83
N GLY A 50 7.64 12.42 1.97
CA GLY A 50 6.26 12.34 1.53
C GLY A 50 5.34 11.92 2.68
N PRO A 51 4.02 11.78 2.35
CA PRO A 51 3.03 11.39 3.34
C PRO A 51 3.15 9.90 3.66
N ALA A 52 3.52 9.14 2.64
CA ALA A 52 3.67 7.70 2.80
C ALA A 52 4.87 7.41 3.70
N ASP A 53 5.79 8.36 3.73
CA ASP A 53 6.99 8.21 4.54
C ASP A 53 6.75 8.89 5.90
N LEU A 54 6.42 10.17 5.84
CA LEU A 54 6.17 10.93 7.05
C LEU A 54 5.22 10.15 7.95
N SER A 55 4.07 9.81 7.39
CA SER A 55 3.06 9.06 8.13
C SER A 55 3.73 7.99 8.99
N GLY A 56 4.69 7.29 8.37
CA GLY A 56 5.41 6.24 9.07
C GLY A 56 4.67 4.91 8.96
N GLU A 57 3.52 4.95 8.32
CA GLU A 57 2.71 3.76 8.14
C GLU A 57 3.13 3.03 6.86
N LEU A 58 2.97 3.71 5.74
CA LEU A 58 3.33 3.13 4.45
C LEU A 58 4.84 3.07 4.33
N ARG A 59 5.31 2.00 3.71
CA ARG A 59 6.74 1.81 3.52
C ARG A 59 7.00 0.65 2.56
N ARG A 60 8.24 0.58 2.09
CA ARG A 60 8.63 -0.48 1.16
C ARG A 60 8.38 -1.85 1.79
N GLY A 61 7.48 -2.59 1.17
CA GLY A 61 7.14 -3.92 1.65
C GLY A 61 5.67 -4.01 2.04
N ASP A 62 4.85 -3.26 1.31
CA ASP A 62 3.42 -3.25 1.56
C ASP A 62 2.68 -3.76 0.31
N ARG A 63 1.53 -4.35 0.56
CA ARG A 63 0.72 -4.89 -0.53
C ARG A 63 -0.60 -4.11 -0.64
N ILE A 64 -0.62 -3.19 -1.60
CA ILE A 64 -1.80 -2.37 -1.83
C ILE A 64 -2.99 -3.29 -2.12
N LEU A 65 -4.07 -3.04 -1.39
CA LEU A 65 -5.28 -3.82 -1.55
C LEU A 65 -6.36 -2.96 -2.19
N SER A 66 -6.60 -1.81 -1.57
CA SER A 66 -7.61 -0.89 -2.07
C SER A 66 -7.14 0.56 -1.88
N VAL A 67 -7.69 1.44 -2.69
CA VAL A 67 -7.33 2.85 -2.62
C VAL A 67 -8.60 3.69 -2.49
N ASN A 68 -8.73 4.36 -1.37
CA ASN A 68 -9.88 5.20 -1.11
C ASN A 68 -11.14 4.32 -1.07
N GLY A 69 -10.95 3.10 -0.61
CA GLY A 69 -12.06 2.15 -0.52
C GLY A 69 -12.44 1.62 -1.89
N VAL A 70 -11.41 1.28 -2.66
CA VAL A 70 -11.63 0.76 -4.01
C VAL A 70 -10.94 -0.59 -4.13
N ASN A 71 -11.71 -1.59 -4.53
CA ASN A 71 -11.18 -2.93 -4.69
C ASN A 71 -10.20 -2.96 -5.86
N LEU A 72 -8.93 -3.18 -5.53
CA LEU A 72 -7.89 -3.23 -6.54
C LEU A 72 -7.05 -4.50 -6.34
N ARG A 73 -7.59 -5.40 -5.54
CA ARG A 73 -6.90 -6.65 -5.26
C ARG A 73 -6.33 -7.25 -6.55
N ASN A 74 -7.24 -7.70 -7.41
CA ASN A 74 -6.85 -8.29 -8.67
C ASN A 74 -6.95 -7.24 -9.78
N ALA A 75 -6.55 -6.03 -9.44
CA ALA A 75 -6.59 -4.92 -10.38
C ALA A 75 -5.20 -4.75 -11.02
N THR A 76 -5.22 -4.32 -12.27
CA THR A 76 -3.98 -4.11 -13.01
C THR A 76 -3.17 -2.97 -12.38
N HIS A 77 -1.98 -2.78 -12.90
CA HIS A 77 -1.11 -1.73 -12.41
C HIS A 77 -1.78 -0.37 -12.58
N GLU A 78 -2.34 -0.16 -13.76
CA GLU A 78 -3.02 1.08 -14.07
C GLU A 78 -4.21 1.28 -13.13
N GLN A 79 -5.14 0.33 -13.20
CA GLN A 79 -6.33 0.39 -12.38
C GLN A 79 -5.96 0.74 -10.94
N ALA A 80 -4.72 0.41 -10.57
CA ALA A 80 -4.23 0.68 -9.24
C ALA A 80 -3.74 2.13 -9.17
N ALA A 81 -3.08 2.55 -10.23
CA ALA A 81 -2.56 3.91 -10.30
C ALA A 81 -3.71 4.89 -10.53
N ALA A 82 -4.54 4.55 -11.50
CA ALA A 82 -5.69 5.38 -11.83
C ALA A 82 -6.51 5.63 -10.58
N ALA A 83 -6.44 4.68 -9.65
CA ALA A 83 -7.17 4.79 -8.40
C ALA A 83 -6.57 5.91 -7.56
N LEU A 84 -5.36 6.31 -7.94
CA LEU A 84 -4.66 7.37 -7.23
C LEU A 84 -4.89 8.70 -7.96
N LYS A 85 -5.30 8.59 -9.21
CA LYS A 85 -5.55 9.76 -10.02
C LYS A 85 -7.00 10.22 -9.81
N ARG A 86 -7.83 9.28 -9.42
CA ARG A 86 -9.24 9.56 -9.19
C ARG A 86 -9.47 9.92 -7.72
N ALA A 87 -8.43 9.74 -6.93
CA ALA A 87 -8.50 10.03 -5.51
C ALA A 87 -8.50 11.55 -5.31
N GLY A 88 -7.80 11.98 -4.26
CA GLY A 88 -7.72 13.39 -3.95
C GLY A 88 -6.65 13.65 -2.88
N GLN A 89 -6.98 14.57 -1.98
CA GLN A 89 -6.06 14.92 -0.91
C GLN A 89 -5.97 13.77 0.11
N SER A 90 -7.14 13.35 0.57
CA SER A 90 -7.21 12.26 1.55
C SER A 90 -7.48 10.93 0.84
N VAL A 91 -6.42 10.20 0.58
CA VAL A 91 -6.54 8.91 -0.09
C VAL A 91 -6.26 7.79 0.91
N THR A 92 -7.22 6.90 1.03
CA THR A 92 -7.08 5.77 1.95
C THR A 92 -6.47 4.57 1.24
N ILE A 93 -5.18 4.38 1.47
CA ILE A 93 -4.46 3.28 0.85
C ILE A 93 -4.34 2.13 1.86
N VAL A 94 -5.15 1.10 1.64
CA VAL A 94 -5.15 -0.06 2.51
C VAL A 94 -4.22 -1.13 1.94
N ALA A 95 -3.03 -1.21 2.51
CA ALA A 95 -2.05 -2.18 2.05
C ALA A 95 -1.60 -3.03 3.25
N GLN A 96 -1.40 -4.31 2.97
CA GLN A 96 -0.97 -5.24 4.00
C GLN A 96 0.49 -5.62 3.81
N TYR A 97 1.28 -5.38 4.85
CA TYR A 97 2.70 -5.69 4.79
C TYR A 97 2.92 -7.18 4.47
N ARG A 98 3.23 -7.43 3.20
CA ARG A 98 3.48 -8.79 2.75
C ARG A 98 4.89 -8.92 2.19
N PRO A 99 5.84 -9.26 3.12
CA PRO A 99 7.24 -9.42 2.73
C PRO A 99 7.44 -10.74 1.97
N GLU A 100 6.47 -11.63 2.12
CA GLU A 100 6.55 -12.92 1.46
C GLU A 100 6.26 -12.76 -0.04
N GLU A 101 5.40 -11.81 -0.35
CA GLU A 101 5.04 -11.55 -1.73
C GLU A 101 6.05 -10.61 -2.38
N TYR A 102 6.03 -9.36 -1.91
CA TYR A 102 6.93 -8.35 -2.44
C TYR A 102 8.30 -8.95 -2.75
N SER A 103 8.69 -9.93 -1.95
CA SER A 103 9.96 -10.61 -2.13
C SER A 103 10.16 -10.95 -3.61
N ARG A 104 9.09 -11.46 -4.21
CA ARG A 104 9.14 -11.84 -5.61
C ARG A 104 9.72 -10.70 -6.46
N PHE A 105 9.36 -9.49 -6.08
CA PHE A 105 9.83 -8.31 -6.78
C PHE A 105 11.22 -7.90 -6.29
N GLU A 106 11.36 -7.87 -4.97
CA GLU A 106 12.64 -7.50 -4.37
C GLU A 106 13.78 -8.24 -5.06
N SER A 107 13.59 -9.54 -5.20
CA SER A 107 14.60 -10.37 -5.83
C SER A 107 14.85 -9.90 -7.28
N SER A 108 13.79 -9.88 -8.05
CA SER A 108 13.86 -9.46 -9.43
C SER A 108 14.78 -8.24 -9.55
N GLY A 109 14.47 -7.23 -8.77
CA GLY A 109 15.26 -6.00 -8.78
C GLY A 109 14.43 -4.81 -8.30
N PRO A 110 15.12 -3.85 -7.62
CA PRO A 110 14.46 -2.67 -7.12
C PRO A 110 14.14 -1.69 -8.25
N SER A 111 12.85 -1.42 -8.41
CA SER A 111 12.40 -0.50 -9.45
C SER A 111 12.55 0.94 -8.97
N SER A 112 13.60 1.58 -9.45
CA SER A 112 13.87 2.96 -9.09
C SER A 112 14.08 3.07 -7.57
N GLY A 113 15.36 3.01 -7.19
CA GLY A 113 15.71 3.10 -5.78
C GLY A 113 16.58 1.91 -5.37
N GLY A 1 -24.00 -14.50 19.47
CA GLY A 1 -23.62 -13.48 20.43
C GLY A 1 -22.28 -13.80 21.07
N SER A 2 -21.28 -12.97 20.76
CA SER A 2 -19.95 -13.16 21.30
C SER A 2 -19.13 -11.88 21.13
N SER A 3 -18.27 -11.63 22.10
CA SER A 3 -17.43 -10.45 22.07
C SER A 3 -16.39 -10.50 23.19
N GLY A 4 -15.34 -11.28 22.94
CA GLY A 4 -14.29 -11.43 23.92
C GLY A 4 -13.14 -10.44 23.65
N SER A 5 -12.16 -10.47 24.54
CA SER A 5 -11.01 -9.59 24.42
C SER A 5 -9.83 -10.15 25.21
N SER A 6 -8.64 -9.72 24.83
CA SER A 6 -7.43 -10.17 25.49
C SER A 6 -6.27 -9.22 25.18
N GLY A 7 -5.19 -9.40 25.90
CA GLY A 7 -4.00 -8.57 25.71
C GLY A 7 -2.74 -9.42 25.60
N ARG A 8 -1.96 -9.13 24.57
CA ARG A 8 -0.71 -9.86 24.35
C ARG A 8 0.36 -8.91 23.79
N PRO A 9 1.63 -9.22 24.16
CA PRO A 9 2.75 -8.41 23.72
C PRO A 9 3.08 -8.69 22.24
N GLY A 10 3.98 -7.89 21.70
CA GLY A 10 4.38 -8.04 20.32
C GLY A 10 3.74 -6.97 19.44
N GLY A 11 3.84 -7.18 18.13
CA GLY A 11 3.26 -6.24 17.18
C GLY A 11 2.47 -6.97 16.10
N ASP A 12 1.20 -7.20 16.39
CA ASP A 12 0.33 -7.89 15.45
C ASP A 12 -0.03 -6.94 14.31
N ALA A 13 0.85 -6.92 13.32
CA ALA A 13 0.65 -6.06 12.16
C ALA A 13 0.84 -6.88 10.88
N ARG A 14 -0.20 -7.65 10.55
CA ARG A 14 -0.16 -8.49 9.36
C ARG A 14 -1.18 -8.00 8.34
N GLU A 15 -2.43 -7.91 8.80
CA GLU A 15 -3.51 -7.46 7.93
C GLU A 15 -3.21 -6.07 7.37
N PRO A 16 -4.09 -5.62 6.45
CA PRO A 16 -3.92 -4.31 5.83
C PRO A 16 -4.31 -3.19 6.80
N ARG A 17 -3.44 -2.19 6.88
CA ARG A 17 -3.68 -1.07 7.75
C ARG A 17 -4.22 0.13 6.95
N LYS A 18 -5.09 0.89 7.59
CA LYS A 18 -5.68 2.05 6.95
C LYS A 18 -4.68 3.21 7.00
N ILE A 19 -4.18 3.58 5.83
CA ILE A 19 -3.22 4.67 5.74
C ILE A 19 -3.86 5.82 4.96
N ILE A 20 -3.73 7.01 5.53
CA ILE A 20 -4.28 8.20 4.90
C ILE A 20 -3.14 9.17 4.57
N LEU A 21 -2.79 9.21 3.29
CA LEU A 21 -1.72 10.07 2.83
C LEU A 21 -2.34 11.34 2.22
N HIS A 22 -1.72 12.47 2.55
CA HIS A 22 -2.19 13.74 2.04
C HIS A 22 -1.28 14.22 0.91
N LYS A 23 -1.79 14.07 -0.31
CA LYS A 23 -1.04 14.48 -1.48
C LYS A 23 -0.35 15.82 -1.21
N GLY A 24 0.97 15.77 -1.14
CA GLY A 24 1.76 16.96 -0.88
C GLY A 24 2.21 17.61 -2.19
N SER A 25 2.92 16.82 -2.99
CA SER A 25 3.43 17.31 -4.27
C SER A 25 3.77 16.12 -5.17
N THR A 26 4.61 15.25 -4.65
CA THR A 26 5.03 14.08 -5.41
C THR A 26 4.07 12.91 -5.15
N GLY A 27 2.80 13.16 -5.43
CA GLY A 27 1.78 12.15 -5.23
C GLY A 27 1.59 11.84 -3.75
N LEU A 28 1.48 10.55 -3.45
CA LEU A 28 1.29 10.11 -2.07
C LEU A 28 2.67 9.84 -1.44
N GLY A 29 3.69 9.86 -2.29
CA GLY A 29 5.03 9.60 -1.84
C GLY A 29 5.31 8.11 -1.71
N PHE A 30 4.88 7.37 -2.73
CA PHE A 30 5.07 5.93 -2.75
C PHE A 30 4.73 5.36 -4.13
N ASN A 31 5.51 4.36 -4.53
CA ASN A 31 5.30 3.72 -5.81
C ASN A 31 4.43 2.48 -5.62
N ILE A 32 4.08 1.86 -6.75
CA ILE A 32 3.24 0.67 -6.72
C ILE A 32 3.69 -0.29 -7.82
N VAL A 33 3.46 -1.57 -7.59
CA VAL A 33 3.83 -2.59 -8.55
C VAL A 33 2.74 -3.67 -8.59
N GLY A 34 2.88 -4.57 -9.55
CA GLY A 34 1.92 -5.65 -9.71
C GLY A 34 0.95 -5.36 -10.85
N GLY A 35 -0.23 -5.96 -10.76
CA GLY A 35 -1.25 -5.77 -11.78
C GLY A 35 -1.07 -6.77 -12.92
N GLU A 36 -0.08 -7.64 -12.76
CA GLU A 36 0.20 -8.65 -13.77
C GLU A 36 -0.66 -9.89 -13.54
N ASP A 37 -1.72 -9.98 -14.33
CA ASP A 37 -2.63 -11.11 -14.22
C ASP A 37 -3.62 -10.86 -13.09
N GLY A 38 -3.09 -10.48 -11.94
CA GLY A 38 -3.90 -10.20 -10.78
C GLY A 38 -3.34 -10.87 -9.53
N GLU A 39 -2.03 -10.77 -9.39
CA GLU A 39 -1.35 -11.35 -8.25
C GLU A 39 -1.45 -10.42 -7.03
N GLY A 40 -1.74 -9.16 -7.32
CA GLY A 40 -1.87 -8.17 -6.27
C GLY A 40 -0.96 -6.97 -6.54
N ILE A 41 -1.13 -5.94 -5.73
CA ILE A 41 -0.34 -4.73 -5.88
C ILE A 41 0.54 -4.55 -4.64
N PHE A 42 1.70 -3.95 -4.86
CA PHE A 42 2.64 -3.72 -3.78
C PHE A 42 3.47 -2.46 -4.02
N VAL A 43 3.85 -1.80 -2.94
CA VAL A 43 4.65 -0.59 -3.03
C VAL A 43 6.04 -0.94 -3.57
N SER A 44 6.53 -0.10 -4.46
CA SER A 44 7.85 -0.30 -5.05
C SER A 44 8.87 0.59 -4.35
N PHE A 45 8.37 1.59 -3.66
CA PHE A 45 9.23 2.52 -2.95
C PHE A 45 8.40 3.62 -2.26
N ILE A 46 9.04 4.29 -1.32
CA ILE A 46 8.38 5.36 -0.58
C ILE A 46 9.31 6.58 -0.53
N LEU A 47 8.86 7.65 -1.16
CA LEU A 47 9.62 8.88 -1.20
C LEU A 47 10.09 9.23 0.22
N ALA A 48 11.19 9.96 0.28
CA ALA A 48 11.74 10.36 1.57
C ALA A 48 11.19 11.73 1.95
N GLY A 49 10.37 11.75 2.99
CA GLY A 49 9.77 12.98 3.46
C GLY A 49 8.30 13.08 3.02
N GLY A 50 7.92 12.18 2.14
CA GLY A 50 6.56 12.15 1.64
C GLY A 50 5.57 11.80 2.75
N PRO A 51 4.26 11.78 2.37
CA PRO A 51 3.22 11.45 3.33
C PRO A 51 3.18 9.96 3.63
N ALA A 52 3.54 9.18 2.62
CA ALA A 52 3.56 7.73 2.76
C ALA A 52 4.76 7.32 3.60
N ASP A 53 5.68 8.26 3.75
CA ASP A 53 6.89 8.01 4.53
C ASP A 53 6.74 8.65 5.91
N LEU A 54 6.37 9.93 5.89
CA LEU A 54 6.19 10.66 7.13
C LEU A 54 5.21 9.91 8.03
N SER A 55 4.07 9.57 7.44
CA SER A 55 3.04 8.85 8.17
C SER A 55 3.68 7.78 9.08
N GLY A 56 4.57 7.01 8.49
CA GLY A 56 5.26 5.96 9.22
C GLY A 56 4.55 4.61 9.06
N GLU A 57 3.39 4.67 8.43
CA GLU A 57 2.61 3.47 8.20
C GLU A 57 2.99 2.83 6.86
N LEU A 58 2.81 3.61 5.80
CA LEU A 58 3.14 3.14 4.47
C LEU A 58 4.65 2.95 4.35
N ARG A 59 5.03 1.78 3.87
CA ARG A 59 6.44 1.46 3.72
C ARG A 59 6.66 0.74 2.38
N ARG A 60 7.91 0.79 1.93
CA ARG A 60 8.27 0.15 0.67
C ARG A 60 8.25 -1.37 0.82
N GLY A 61 7.18 -1.97 0.30
CA GLY A 61 7.02 -3.40 0.38
C GLY A 61 5.60 -3.78 0.79
N ASP A 62 4.86 -2.77 1.21
CA ASP A 62 3.48 -2.97 1.65
C ASP A 62 2.63 -3.36 0.43
N ARG A 63 1.61 -4.17 0.70
CA ARG A 63 0.72 -4.62 -0.35
C ARG A 63 -0.55 -3.76 -0.36
N ILE A 64 -0.68 -2.97 -1.42
CA ILE A 64 -1.84 -2.10 -1.57
C ILE A 64 -3.08 -2.96 -1.81
N LEU A 65 -3.83 -3.18 -0.74
CA LEU A 65 -5.05 -3.97 -0.83
C LEU A 65 -6.13 -3.18 -1.56
N SER A 66 -6.40 -1.99 -1.05
CA SER A 66 -7.40 -1.12 -1.64
C SER A 66 -6.99 0.34 -1.50
N VAL A 67 -7.54 1.17 -2.36
CA VAL A 67 -7.24 2.60 -2.33
C VAL A 67 -8.54 3.39 -2.29
N ASN A 68 -8.55 4.42 -1.46
CA ASN A 68 -9.71 5.27 -1.31
C ASN A 68 -10.97 4.39 -1.33
N GLY A 69 -10.80 3.17 -0.88
CA GLY A 69 -11.92 2.23 -0.84
C GLY A 69 -12.19 1.64 -2.23
N VAL A 70 -11.16 1.04 -2.79
CA VAL A 70 -11.27 0.44 -4.11
C VAL A 70 -10.66 -0.97 -4.08
N ASN A 71 -11.28 -1.87 -4.82
CA ASN A 71 -10.81 -3.25 -4.89
C ASN A 71 -9.79 -3.37 -6.02
N LEU A 72 -8.55 -3.56 -5.63
CA LEU A 72 -7.47 -3.70 -6.60
C LEU A 72 -6.79 -5.06 -6.40
N ARG A 73 -7.24 -5.78 -5.39
CA ARG A 73 -6.69 -7.08 -5.09
C ARG A 73 -6.34 -7.83 -6.38
N ASN A 74 -7.17 -7.61 -7.38
CA ASN A 74 -6.97 -8.25 -8.68
C ASN A 74 -7.12 -7.21 -9.79
N ALA A 75 -6.42 -6.09 -9.60
CA ALA A 75 -6.48 -5.02 -10.58
C ALA A 75 -5.08 -4.82 -11.19
N THR A 76 -5.08 -4.45 -12.46
CA THR A 76 -3.82 -4.22 -13.16
C THR A 76 -3.06 -3.04 -12.54
N HIS A 77 -1.89 -2.78 -13.10
CA HIS A 77 -1.05 -1.70 -12.61
C HIS A 77 -1.77 -0.36 -12.85
N GLU A 78 -2.15 -0.15 -14.09
CA GLU A 78 -2.84 1.08 -14.46
C GLU A 78 -4.12 1.25 -13.63
N GLN A 79 -4.81 0.13 -13.46
CA GLN A 79 -6.05 0.13 -12.68
C GLN A 79 -5.76 0.53 -11.23
N ALA A 80 -4.60 0.10 -10.75
CA ALA A 80 -4.20 0.39 -9.38
C ALA A 80 -3.73 1.84 -9.30
N ALA A 81 -3.31 2.36 -10.44
CA ALA A 81 -2.81 3.73 -10.51
C ALA A 81 -4.00 4.67 -10.75
N ALA A 82 -4.88 4.25 -11.64
CA ALA A 82 -6.06 5.04 -11.96
C ALA A 82 -6.86 5.29 -10.69
N ALA A 83 -6.61 4.47 -9.69
CA ALA A 83 -7.30 4.58 -8.42
C ALA A 83 -6.68 5.72 -7.61
N LEU A 84 -5.47 6.10 -8.02
CA LEU A 84 -4.76 7.17 -7.34
C LEU A 84 -5.00 8.49 -8.08
N LYS A 85 -5.51 8.37 -9.30
CA LYS A 85 -5.80 9.53 -10.12
C LYS A 85 -7.21 10.03 -9.83
N ARG A 86 -8.04 9.12 -9.33
CA ARG A 86 -9.41 9.45 -9.00
C ARG A 86 -9.50 9.93 -7.54
N ALA A 87 -8.44 9.65 -6.80
CA ALA A 87 -8.39 10.05 -5.40
C ALA A 87 -8.45 11.57 -5.29
N GLY A 88 -7.66 12.10 -4.36
CA GLY A 88 -7.61 13.53 -4.15
C GLY A 88 -6.58 13.88 -3.07
N GLN A 89 -6.87 14.96 -2.35
CA GLN A 89 -5.99 15.42 -1.30
C GLN A 89 -5.89 14.37 -0.19
N SER A 90 -7.06 13.94 0.27
CA SER A 90 -7.13 12.94 1.33
C SER A 90 -7.48 11.58 0.73
N VAL A 91 -6.45 10.76 0.57
CA VAL A 91 -6.64 9.43 0.02
C VAL A 91 -6.39 8.38 1.12
N THR A 92 -7.22 7.35 1.10
CA THR A 92 -7.10 6.28 2.08
C THR A 92 -6.53 5.02 1.44
N ILE A 93 -5.24 4.81 1.66
CA ILE A 93 -4.56 3.65 1.11
C ILE A 93 -4.48 2.56 2.17
N VAL A 94 -5.18 1.47 1.91
CA VAL A 94 -5.20 0.34 2.83
C VAL A 94 -4.28 -0.76 2.30
N ALA A 95 -3.09 -0.82 2.88
CA ALA A 95 -2.12 -1.82 2.47
C ALA A 95 -1.67 -2.62 3.70
N GLN A 96 -1.21 -3.83 3.45
CA GLN A 96 -0.74 -4.69 4.52
C GLN A 96 0.73 -5.05 4.31
N TYR A 97 1.51 -4.82 5.36
CA TYR A 97 2.94 -5.11 5.31
C TYR A 97 3.18 -6.59 5.02
N ARG A 98 3.36 -6.90 3.74
CA ARG A 98 3.61 -8.27 3.32
C ARG A 98 4.85 -8.33 2.44
N PRO A 99 6.02 -8.51 3.10
CA PRO A 99 7.29 -8.59 2.39
C PRO A 99 7.43 -9.95 1.69
N GLU A 100 6.65 -10.90 2.16
CA GLU A 100 6.68 -12.25 1.61
C GLU A 100 6.40 -12.20 0.10
N GLU A 101 5.39 -11.43 -0.26
CA GLU A 101 5.01 -11.29 -1.65
C GLU A 101 6.02 -10.42 -2.39
N TYR A 102 6.11 -9.17 -1.96
CA TYR A 102 7.04 -8.24 -2.57
C TYR A 102 8.33 -8.93 -2.97
N SER A 103 8.74 -9.88 -2.15
CA SER A 103 9.97 -10.62 -2.40
C SER A 103 10.10 -10.91 -3.90
N ARG A 104 8.98 -11.27 -4.50
CA ARG A 104 8.96 -11.58 -5.92
C ARG A 104 9.58 -10.43 -6.72
N PHE A 105 9.08 -9.23 -6.46
CA PHE A 105 9.57 -8.05 -7.14
C PHE A 105 10.96 -7.67 -6.65
N GLU A 106 11.12 -7.65 -5.34
CA GLU A 106 12.39 -7.32 -4.73
C GLU A 106 13.54 -7.97 -5.50
N SER A 107 13.40 -9.26 -5.73
CA SER A 107 14.40 -10.01 -6.46
C SER A 107 14.58 -9.43 -7.86
N SER A 108 13.48 -9.44 -8.61
CA SER A 108 13.50 -8.91 -9.97
C SER A 108 13.43 -7.39 -9.94
N GLY A 109 14.60 -6.78 -9.83
CA GLY A 109 14.69 -5.32 -9.80
C GLY A 109 15.12 -4.76 -11.15
N PRO A 110 15.56 -3.48 -11.13
CA PRO A 110 16.00 -2.82 -12.35
C PRO A 110 17.38 -3.33 -12.78
N SER A 111 17.35 -4.24 -13.74
CA SER A 111 18.58 -4.82 -14.26
C SER A 111 19.64 -3.72 -14.44
N SER A 112 19.24 -2.67 -15.16
CA SER A 112 20.13 -1.56 -15.42
C SER A 112 21.25 -1.99 -16.36
N GLY A 113 22.20 -2.73 -15.79
CA GLY A 113 23.33 -3.21 -16.57
C GLY A 113 23.70 -4.64 -16.17
N GLY A 1 -24.44 -6.79 22.46
CA GLY A 1 -23.24 -6.82 23.27
C GLY A 1 -22.17 -5.89 22.69
N SER A 2 -20.98 -5.97 23.28
CA SER A 2 -19.87 -5.15 22.84
C SER A 2 -18.57 -5.62 23.50
N SER A 3 -17.73 -6.26 22.71
CA SER A 3 -16.47 -6.76 23.20
C SER A 3 -15.52 -7.04 22.02
N GLY A 4 -14.23 -6.97 22.32
CA GLY A 4 -13.21 -7.21 21.30
C GLY A 4 -11.84 -7.43 21.94
N SER A 5 -11.19 -8.51 21.53
CA SER A 5 -9.88 -8.83 22.05
C SER A 5 -9.01 -9.43 20.94
N SER A 6 -7.94 -8.74 20.64
CA SER A 6 -7.02 -9.18 19.60
C SER A 6 -5.95 -10.09 20.21
N GLY A 7 -5.46 -11.01 19.39
CA GLY A 7 -4.43 -11.94 19.83
C GLY A 7 -3.83 -12.70 18.64
N ARG A 8 -3.93 -14.01 18.72
CA ARG A 8 -3.40 -14.86 17.67
C ARG A 8 -1.87 -14.72 17.59
N PRO A 9 -1.22 -15.79 17.04
CA PRO A 9 0.23 -15.80 16.91
C PRO A 9 0.66 -14.90 15.76
N GLY A 10 1.83 -14.28 15.94
CA GLY A 10 2.38 -13.41 14.92
C GLY A 10 3.28 -12.34 15.55
N GLY A 11 3.37 -11.21 14.88
CA GLY A 11 4.19 -10.10 15.36
C GLY A 11 3.32 -9.03 16.02
N ASP A 12 2.82 -8.13 15.20
CA ASP A 12 1.98 -7.05 15.69
C ASP A 12 1.36 -6.31 14.50
N ALA A 13 1.07 -7.08 13.46
CA ALA A 13 0.48 -6.51 12.26
C ALA A 13 0.21 -7.63 11.25
N ARG A 14 0.97 -7.60 10.16
CA ARG A 14 0.83 -8.60 9.12
C ARG A 14 -0.44 -8.35 8.31
N GLU A 15 -1.55 -8.17 9.03
CA GLU A 15 -2.82 -7.92 8.40
C GLU A 15 -2.83 -6.52 7.75
N PRO A 16 -3.95 -6.23 7.03
CA PRO A 16 -4.09 -4.95 6.36
C PRO A 16 -4.41 -3.85 7.37
N ARG A 17 -4.09 -2.62 6.97
CA ARG A 17 -4.32 -1.47 7.82
C ARG A 17 -4.81 -0.28 6.98
N LYS A 18 -5.04 0.83 7.67
CA LYS A 18 -5.49 2.04 7.00
C LYS A 18 -4.36 3.06 6.97
N ILE A 19 -4.02 3.48 5.76
CA ILE A 19 -2.95 4.45 5.58
C ILE A 19 -3.49 5.63 4.76
N ILE A 20 -3.65 6.75 5.44
CA ILE A 20 -4.15 7.95 4.80
C ILE A 20 -2.97 8.88 4.46
N LEU A 21 -2.64 8.93 3.17
CA LEU A 21 -1.54 9.75 2.72
C LEU A 21 -2.11 11.05 2.12
N HIS A 22 -1.46 12.16 2.48
CA HIS A 22 -1.88 13.45 1.98
C HIS A 22 -1.05 13.83 0.75
N LYS A 23 -1.71 13.77 -0.40
CA LYS A 23 -1.06 14.09 -1.66
C LYS A 23 -0.37 15.45 -1.53
N GLY A 24 0.94 15.42 -1.51
CA GLY A 24 1.73 16.63 -1.40
C GLY A 24 1.35 17.64 -2.50
N SER A 25 1.64 17.26 -3.72
CA SER A 25 1.33 18.11 -4.86
C SER A 25 1.35 17.29 -6.15
N THR A 26 2.37 16.46 -6.28
CA THR A 26 2.51 15.61 -7.46
C THR A 26 2.56 14.15 -7.05
N GLY A 27 1.46 13.68 -6.46
CA GLY A 27 1.37 12.30 -6.03
C GLY A 27 1.52 12.20 -4.51
N LEU A 28 1.13 11.03 -3.99
CA LEU A 28 1.21 10.80 -2.56
C LEU A 28 2.67 10.86 -2.12
N GLY A 29 3.41 9.82 -2.50
CA GLY A 29 4.82 9.75 -2.15
C GLY A 29 5.27 8.29 -2.03
N PHE A 30 4.94 7.52 -3.05
CA PHE A 30 5.31 6.11 -3.08
C PHE A 30 4.98 5.48 -4.42
N ASN A 31 5.73 4.45 -4.77
CA ASN A 31 5.53 3.76 -6.03
C ASN A 31 4.62 2.54 -5.79
N ILE A 32 4.23 1.92 -6.89
CA ILE A 32 3.37 0.74 -6.82
C ILE A 32 3.81 -0.27 -7.88
N VAL A 33 3.51 -1.54 -7.59
CA VAL A 33 3.87 -2.60 -8.51
C VAL A 33 2.73 -3.62 -8.56
N GLY A 34 2.89 -4.59 -9.45
CA GLY A 34 1.88 -5.62 -9.61
C GLY A 34 1.11 -5.44 -10.92
N GLY A 35 0.00 -6.16 -11.03
CA GLY A 35 -0.83 -6.08 -12.21
C GLY A 35 -0.52 -7.22 -13.18
N GLU A 36 -0.23 -8.37 -12.62
CA GLU A 36 0.09 -9.54 -13.41
C GLU A 36 -0.81 -10.72 -13.02
N ASP A 37 -1.62 -11.16 -13.98
CA ASP A 37 -2.54 -12.26 -13.74
C ASP A 37 -3.18 -12.09 -12.36
N GLY A 38 -3.52 -10.85 -12.05
CA GLY A 38 -4.15 -10.54 -10.78
C GLY A 38 -3.35 -11.13 -9.61
N GLU A 39 -2.13 -10.63 -9.46
CA GLU A 39 -1.25 -11.10 -8.39
C GLU A 39 -1.40 -10.21 -7.16
N GLY A 40 -1.73 -8.95 -7.42
CA GLY A 40 -1.89 -7.99 -6.35
C GLY A 40 -1.10 -6.70 -6.63
N ILE A 41 -1.07 -5.83 -5.63
CA ILE A 41 -0.37 -4.57 -5.76
C ILE A 41 0.54 -4.36 -4.55
N PHE A 42 1.75 -3.93 -4.81
CA PHE A 42 2.72 -3.69 -3.76
C PHE A 42 3.51 -2.40 -4.01
N VAL A 43 4.03 -1.85 -2.93
CA VAL A 43 4.81 -0.62 -3.02
C VAL A 43 6.20 -0.95 -3.57
N SER A 44 6.65 -0.10 -4.48
CA SER A 44 7.96 -0.28 -5.09
C SER A 44 8.97 0.67 -4.45
N PHE A 45 8.44 1.65 -3.75
CA PHE A 45 9.27 2.64 -3.08
C PHE A 45 8.43 3.67 -2.33
N ILE A 46 9.07 4.35 -1.39
CA ILE A 46 8.39 5.37 -0.60
C ILE A 46 9.21 6.67 -0.64
N LEU A 47 8.54 7.73 -1.07
CA LEU A 47 9.19 9.02 -1.16
C LEU A 47 9.83 9.37 0.19
N ALA A 48 10.83 10.23 0.13
CA ALA A 48 11.53 10.64 1.33
C ALA A 48 10.90 11.92 1.88
N GLY A 49 10.47 11.85 3.13
CA GLY A 49 9.84 12.99 3.77
C GLY A 49 8.41 13.18 3.27
N GLY A 50 8.01 12.31 2.36
CA GLY A 50 6.68 12.38 1.80
C GLY A 50 5.62 11.94 2.82
N PRO A 51 4.35 11.85 2.34
CA PRO A 51 3.26 11.44 3.20
C PRO A 51 3.30 9.94 3.48
N ALA A 52 3.70 9.19 2.47
CA ALA A 52 3.80 7.75 2.58
C ALA A 52 4.94 7.39 3.53
N ASP A 53 5.88 8.33 3.64
CA ASP A 53 7.03 8.12 4.50
C ASP A 53 6.75 8.71 5.88
N LEU A 54 6.42 9.99 5.88
CA LEU A 54 6.12 10.69 7.12
C LEU A 54 5.15 9.85 7.95
N SER A 55 4.02 9.54 7.34
CA SER A 55 3.01 8.73 8.02
C SER A 55 3.67 7.64 8.84
N GLY A 56 4.65 7.00 8.24
CA GLY A 56 5.37 5.93 8.92
C GLY A 56 4.68 4.58 8.72
N GLU A 57 3.42 4.66 8.30
CA GLU A 57 2.63 3.46 8.08
C GLU A 57 3.00 2.85 6.73
N LEU A 58 2.90 3.67 5.70
CA LEU A 58 3.21 3.21 4.35
C LEU A 58 4.73 2.97 4.23
N ARG A 59 5.08 1.76 3.86
CA ARG A 59 6.48 1.40 3.70
C ARG A 59 6.68 0.56 2.44
N ARG A 60 7.86 0.68 1.86
CA ARG A 60 8.19 -0.06 0.66
C ARG A 60 8.25 -1.55 0.95
N GLY A 61 7.20 -2.25 0.52
CA GLY A 61 7.12 -3.68 0.73
C GLY A 61 5.68 -4.12 1.01
N ASP A 62 4.88 -3.16 1.46
CA ASP A 62 3.49 -3.42 1.76
C ASP A 62 2.78 -3.89 0.50
N ARG A 63 1.53 -4.30 0.68
CA ARG A 63 0.72 -4.78 -0.44
C ARG A 63 -0.58 -3.98 -0.52
N ILE A 64 -0.63 -3.10 -1.52
CA ILE A 64 -1.80 -2.28 -1.71
C ILE A 64 -3.00 -3.17 -2.04
N LEU A 65 -4.04 -3.04 -1.22
CA LEU A 65 -5.24 -3.83 -1.39
C LEU A 65 -6.30 -2.98 -2.11
N SER A 66 -6.58 -1.82 -1.53
CA SER A 66 -7.56 -0.92 -2.09
C SER A 66 -7.04 0.53 -2.02
N VAL A 67 -7.64 1.38 -2.85
CA VAL A 67 -7.25 2.78 -2.88
C VAL A 67 -8.49 3.65 -2.62
N ASN A 68 -8.52 4.21 -1.42
CA ASN A 68 -9.63 5.07 -1.02
C ASN A 68 -10.85 4.19 -0.72
N GLY A 69 -11.22 3.38 -1.69
CA GLY A 69 -12.36 2.50 -1.53
C GLY A 69 -12.60 1.68 -2.80
N VAL A 70 -11.50 1.32 -3.45
CA VAL A 70 -11.58 0.53 -4.67
C VAL A 70 -10.91 -0.83 -4.44
N ASN A 71 -11.50 -1.85 -5.05
CA ASN A 71 -10.97 -3.20 -4.93
C ASN A 71 -9.94 -3.45 -6.03
N LEU A 72 -8.67 -3.39 -5.63
CA LEU A 72 -7.58 -3.61 -6.56
C LEU A 72 -6.86 -4.91 -6.20
N ARG A 73 -7.51 -5.69 -5.37
CA ARG A 73 -6.95 -6.97 -4.94
C ARG A 73 -6.34 -7.70 -6.13
N ASN A 74 -7.03 -7.61 -7.26
CA ASN A 74 -6.58 -8.26 -8.47
C ASN A 74 -6.79 -7.31 -9.66
N ALA A 75 -6.30 -6.10 -9.50
CA ALA A 75 -6.43 -5.10 -10.55
C ALA A 75 -5.08 -4.88 -11.22
N THR A 76 -5.11 -4.22 -12.37
CA THR A 76 -3.90 -3.94 -13.11
C THR A 76 -3.08 -2.85 -12.42
N HIS A 77 -1.88 -2.62 -12.95
CA HIS A 77 -0.99 -1.62 -12.39
C HIS A 77 -1.60 -0.23 -12.58
N GLU A 78 -1.98 0.04 -13.82
CA GLU A 78 -2.58 1.33 -14.15
C GLU A 78 -3.87 1.54 -13.35
N GLN A 79 -4.60 0.46 -13.17
CA GLN A 79 -5.85 0.51 -12.43
C GLN A 79 -5.59 1.00 -11.01
N ALA A 80 -4.62 0.38 -10.36
CA ALA A 80 -4.28 0.74 -9.00
C ALA A 80 -3.83 2.21 -8.96
N ALA A 81 -3.38 2.67 -10.11
CA ALA A 81 -2.91 4.05 -10.23
C ALA A 81 -4.11 4.96 -10.54
N ALA A 82 -4.99 4.46 -11.40
CA ALA A 82 -6.16 5.21 -11.78
C ALA A 82 -7.03 5.47 -10.55
N ALA A 83 -6.81 4.65 -9.53
CA ALA A 83 -7.55 4.78 -8.29
C ALA A 83 -6.95 5.90 -7.45
N LEU A 84 -5.70 6.23 -7.76
CA LEU A 84 -5.00 7.29 -7.06
C LEU A 84 -5.19 8.61 -7.80
N LYS A 85 -5.51 8.50 -9.08
CA LYS A 85 -5.72 9.67 -9.92
C LYS A 85 -7.14 10.17 -9.73
N ARG A 86 -8.01 9.26 -9.29
CA ARG A 86 -9.40 9.60 -9.07
C ARG A 86 -9.62 10.01 -7.61
N ALA A 87 -8.62 9.74 -6.80
CA ALA A 87 -8.70 10.08 -5.38
C ALA A 87 -8.61 11.60 -5.21
N GLY A 88 -7.94 12.00 -4.15
CA GLY A 88 -7.79 13.43 -3.86
C GLY A 88 -6.63 13.66 -2.88
N GLN A 89 -6.82 14.66 -2.03
CA GLN A 89 -5.82 14.99 -1.04
C GLN A 89 -5.71 13.89 0.01
N SER A 90 -6.86 13.53 0.55
CA SER A 90 -6.91 12.49 1.57
C SER A 90 -7.26 11.15 0.93
N VAL A 91 -6.22 10.40 0.58
CA VAL A 91 -6.42 9.10 -0.04
C VAL A 91 -6.17 8.00 1.00
N THR A 92 -7.18 7.17 1.19
CA THR A 92 -7.08 6.09 2.14
C THR A 92 -6.58 4.81 1.46
N ILE A 93 -5.30 4.53 1.64
CA ILE A 93 -4.70 3.36 1.05
C ILE A 93 -4.62 2.25 2.10
N VAL A 94 -5.27 1.14 1.79
CA VAL A 94 -5.29 0.00 2.68
C VAL A 94 -4.30 -1.05 2.18
N ALA A 95 -3.13 -1.08 2.82
CA ALA A 95 -2.10 -2.02 2.45
C ALA A 95 -1.76 -2.90 3.65
N GLN A 96 -1.05 -3.99 3.37
CA GLN A 96 -0.66 -4.91 4.43
C GLN A 96 0.85 -5.20 4.34
N TYR A 97 1.55 -4.82 5.41
CA TYR A 97 2.98 -5.03 5.46
C TYR A 97 3.33 -6.50 5.22
N ARG A 98 3.69 -6.79 3.97
CA ARG A 98 4.04 -8.15 3.60
C ARG A 98 5.32 -8.15 2.75
N PRO A 99 6.47 -8.12 3.46
CA PRO A 99 7.77 -8.11 2.80
C PRO A 99 8.11 -9.49 2.24
N GLU A 100 7.42 -10.50 2.78
CA GLU A 100 7.64 -11.86 2.35
C GLU A 100 7.23 -12.04 0.89
N GLU A 101 6.26 -11.22 0.48
CA GLU A 101 5.78 -11.27 -0.89
C GLU A 101 6.62 -10.36 -1.79
N TYR A 102 6.51 -9.06 -1.54
CA TYR A 102 7.26 -8.09 -2.31
C TYR A 102 8.67 -8.58 -2.60
N SER A 103 9.16 -9.43 -1.71
CA SER A 103 10.50 -9.98 -1.86
C SER A 103 10.78 -10.28 -3.33
N ARG A 104 9.79 -10.87 -3.98
CA ARG A 104 9.92 -11.23 -5.38
C ARG A 104 10.35 -10.01 -6.19
N PHE A 105 9.61 -8.92 -6.03
CA PHE A 105 9.92 -7.69 -6.74
C PHE A 105 11.24 -7.10 -6.27
N GLU A 106 11.69 -7.59 -5.12
CA GLU A 106 12.95 -7.11 -4.55
C GLU A 106 14.13 -7.74 -5.30
N SER A 107 14.11 -9.05 -5.38
CA SER A 107 15.17 -9.78 -6.05
C SER A 107 15.38 -9.22 -7.46
N SER A 108 14.28 -9.15 -8.20
CA SER A 108 14.32 -8.64 -9.55
C SER A 108 13.02 -7.91 -9.88
N GLY A 109 13.16 -6.77 -10.56
CA GLY A 109 12.01 -5.98 -10.94
C GLY A 109 12.44 -4.58 -11.40
N PRO A 110 11.43 -3.67 -11.48
CA PRO A 110 11.69 -2.30 -11.91
C PRO A 110 12.39 -1.50 -10.80
N SER A 111 13.67 -1.30 -10.98
CA SER A 111 14.46 -0.55 -10.00
C SER A 111 15.11 0.67 -10.68
N SER A 112 14.45 1.80 -10.53
CA SER A 112 14.95 3.04 -11.10
C SER A 112 14.87 2.97 -12.63
N GLY A 113 14.84 4.15 -13.24
CA GLY A 113 14.75 4.23 -14.70
C GLY A 113 14.22 5.59 -15.13
N GLY A 1 -26.93 -11.34 29.74
CA GLY A 1 -25.97 -11.93 28.81
C GLY A 1 -24.57 -11.40 29.07
N SER A 2 -23.60 -12.03 28.41
CA SER A 2 -22.21 -11.63 28.56
C SER A 2 -21.36 -12.29 27.47
N SER A 3 -20.13 -11.81 27.36
CA SER A 3 -19.21 -12.33 26.37
C SER A 3 -17.78 -11.95 26.72
N GLY A 4 -16.92 -12.97 26.76
CA GLY A 4 -15.52 -12.75 27.10
C GLY A 4 -14.62 -13.08 25.90
N SER A 5 -13.34 -12.82 26.08
CA SER A 5 -12.36 -13.08 25.04
C SER A 5 -10.96 -12.69 25.51
N SER A 6 -9.96 -13.19 24.79
CA SER A 6 -8.58 -12.90 25.13
C SER A 6 -7.65 -13.60 24.14
N GLY A 7 -6.45 -13.05 24.03
CA GLY A 7 -5.45 -13.62 23.13
C GLY A 7 -4.74 -12.52 22.34
N ARG A 8 -3.64 -12.90 21.70
CA ARG A 8 -2.87 -11.96 20.92
C ARG A 8 -2.56 -12.55 19.54
N PRO A 9 -2.76 -11.71 18.49
CA PRO A 9 -2.50 -12.14 17.13
C PRO A 9 -1.00 -12.19 16.84
N GLY A 10 -0.30 -12.99 17.64
CA GLY A 10 1.14 -13.13 17.48
C GLY A 10 1.79 -11.78 17.14
N GLY A 11 2.33 -11.72 15.94
CA GLY A 11 2.98 -10.51 15.47
C GLY A 11 2.09 -9.29 15.66
N ASP A 12 2.58 -8.15 15.21
CA ASP A 12 1.83 -6.91 15.32
C ASP A 12 2.09 -6.04 14.09
N ALA A 13 2.17 -6.70 12.94
CA ALA A 13 2.42 -6.00 11.70
C ALA A 13 2.38 -7.00 10.54
N ARG A 14 1.19 -7.53 10.29
CA ARG A 14 1.01 -8.49 9.22
C ARG A 14 -0.27 -8.18 8.44
N GLU A 15 -1.34 -7.91 9.20
CA GLU A 15 -2.62 -7.60 8.59
C GLU A 15 -2.55 -6.24 7.88
N PRO A 16 -3.66 -5.92 7.15
CA PRO A 16 -3.74 -4.67 6.42
C PRO A 16 -3.98 -3.50 7.37
N ARG A 17 -3.31 -2.39 7.09
CA ARG A 17 -3.44 -1.20 7.91
C ARG A 17 -3.91 -0.01 7.05
N LYS A 18 -4.86 0.73 7.59
CA LYS A 18 -5.39 1.89 6.90
C LYS A 18 -4.36 3.01 6.93
N ILE A 19 -3.83 3.33 5.76
CA ILE A 19 -2.84 4.39 5.63
C ILE A 19 -3.42 5.53 4.80
N ILE A 20 -3.64 6.66 5.46
CA ILE A 20 -4.18 7.83 4.80
C ILE A 20 -3.04 8.78 4.44
N LEU A 21 -2.69 8.75 3.16
CA LEU A 21 -1.62 9.61 2.66
C LEU A 21 -2.23 10.90 2.10
N HIS A 22 -1.57 12.01 2.43
CA HIS A 22 -2.02 13.31 1.97
C HIS A 22 -1.13 13.78 0.82
N LYS A 23 -1.64 13.60 -0.39
CA LYS A 23 -0.91 14.00 -1.58
C LYS A 23 -0.28 15.37 -1.34
N GLY A 24 1.05 15.37 -1.27
CA GLY A 24 1.79 16.60 -1.05
C GLY A 24 2.03 17.35 -2.36
N SER A 25 2.40 16.58 -3.38
CA SER A 25 2.67 17.15 -4.69
C SER A 25 3.15 16.06 -5.64
N THR A 26 4.43 15.71 -5.50
CA THR A 26 5.02 14.70 -6.34
C THR A 26 4.11 13.48 -6.44
N GLY A 27 3.35 13.25 -5.38
CA GLY A 27 2.42 12.14 -5.34
C GLY A 27 2.03 11.80 -3.91
N LEU A 28 1.93 10.51 -3.64
CA LEU A 28 1.56 10.03 -2.31
C LEU A 28 2.82 9.74 -1.51
N GLY A 29 3.95 9.78 -2.21
CA GLY A 29 5.23 9.53 -1.57
C GLY A 29 5.55 8.04 -1.56
N PHE A 30 5.01 7.33 -2.54
CA PHE A 30 5.23 5.91 -2.65
C PHE A 30 4.77 5.39 -4.03
N ASN A 31 5.52 4.42 -4.53
CA ASN A 31 5.21 3.83 -5.82
C ASN A 31 4.36 2.57 -5.62
N ILE A 32 3.95 1.98 -6.73
CA ILE A 32 3.14 0.77 -6.69
C ILE A 32 3.63 -0.21 -7.74
N VAL A 33 3.36 -1.48 -7.50
CA VAL A 33 3.77 -2.52 -8.42
C VAL A 33 2.69 -3.61 -8.47
N GLY A 34 2.85 -4.50 -9.43
CA GLY A 34 1.89 -5.59 -9.61
C GLY A 34 0.83 -5.22 -10.65
N GLY A 35 -0.05 -6.18 -10.91
CA GLY A 35 -1.11 -5.97 -11.88
C GLY A 35 -0.94 -6.90 -13.08
N GLU A 36 -0.45 -8.10 -12.80
CA GLU A 36 -0.23 -9.08 -13.85
C GLU A 36 -1.07 -10.33 -13.58
N ASP A 37 -2.09 -10.51 -14.43
CA ASP A 37 -2.97 -11.66 -14.29
C ASP A 37 -3.67 -11.60 -12.93
N GLY A 38 -3.66 -10.41 -12.35
CA GLY A 38 -4.29 -10.21 -11.05
C GLY A 38 -3.56 -10.99 -9.96
N GLU A 39 -2.33 -10.59 -9.70
CA GLU A 39 -1.52 -11.24 -8.68
C GLU A 39 -1.52 -10.42 -7.39
N GLY A 40 -1.81 -9.13 -7.54
CA GLY A 40 -1.85 -8.24 -6.41
C GLY A 40 -0.99 -6.99 -6.65
N ILE A 41 -1.11 -6.04 -5.74
CA ILE A 41 -0.35 -4.80 -5.84
C ILE A 41 0.57 -4.67 -4.63
N PHE A 42 1.71 -4.04 -4.86
CA PHE A 42 2.69 -3.84 -3.81
C PHE A 42 3.53 -2.58 -4.06
N VAL A 43 3.81 -1.87 -2.98
CA VAL A 43 4.60 -0.66 -3.07
C VAL A 43 5.97 -0.99 -3.67
N SER A 44 6.46 -0.08 -4.50
CA SER A 44 7.76 -0.27 -5.13
C SER A 44 8.82 0.56 -4.41
N PHE A 45 8.38 1.70 -3.90
CA PHE A 45 9.28 2.60 -3.19
C PHE A 45 8.49 3.63 -2.37
N ILE A 46 9.21 4.30 -1.49
CA ILE A 46 8.60 5.31 -0.64
C ILE A 46 9.47 6.57 -0.62
N LEU A 47 8.87 7.69 -0.98
CA LEU A 47 9.58 8.95 -1.01
C LEU A 47 9.96 9.34 0.42
N ALA A 48 11.05 10.10 0.51
CA ALA A 48 11.53 10.55 1.81
C ALA A 48 10.98 11.95 2.09
N GLY A 49 10.09 12.01 3.07
CA GLY A 49 9.48 13.28 3.46
C GLY A 49 8.03 13.35 2.98
N GLY A 50 7.67 12.40 2.13
CA GLY A 50 6.31 12.35 1.61
C GLY A 50 5.32 11.95 2.69
N PRO A 51 4.03 11.82 2.29
CA PRO A 51 2.98 11.45 3.22
C PRO A 51 3.06 9.96 3.55
N ALA A 52 3.58 9.19 2.61
CA ALA A 52 3.70 7.75 2.78
C ALA A 52 4.82 7.48 3.80
N ASP A 53 5.89 8.24 3.69
CA ASP A 53 7.02 8.09 4.59
C ASP A 53 6.70 8.77 5.92
N LEU A 54 6.41 10.06 5.84
CA LEU A 54 6.09 10.83 7.03
C LEU A 54 5.07 10.06 7.87
N SER A 55 3.97 9.68 7.22
CA SER A 55 2.93 8.93 7.90
C SER A 55 3.54 7.91 8.85
N GLY A 56 4.62 7.28 8.39
CA GLY A 56 5.30 6.28 9.19
C GLY A 56 4.58 4.93 9.13
N GLU A 57 3.43 4.95 8.49
CA GLU A 57 2.63 3.74 8.34
C GLU A 57 3.05 2.99 7.08
N LEU A 58 2.98 3.70 5.95
CA LEU A 58 3.34 3.11 4.68
C LEU A 58 4.85 2.81 4.66
N ARG A 59 5.19 1.73 3.98
CA ARG A 59 6.58 1.33 3.88
C ARG A 59 6.83 0.62 2.55
N ARG A 60 8.09 0.63 2.13
CA ARG A 60 8.47 -0.01 0.89
C ARG A 60 8.38 -1.53 1.02
N GLY A 61 7.44 -2.10 0.28
CA GLY A 61 7.23 -3.54 0.31
C GLY A 61 5.77 -3.88 0.63
N ASP A 62 5.10 -2.93 1.28
CA ASP A 62 3.70 -3.12 1.65
C ASP A 62 2.93 -3.62 0.43
N ARG A 63 1.84 -4.33 0.71
CA ARG A 63 1.01 -4.87 -0.34
C ARG A 63 -0.32 -4.11 -0.41
N ILE A 64 -0.43 -3.28 -1.42
CA ILE A 64 -1.65 -2.49 -1.62
C ILE A 64 -2.85 -3.43 -1.78
N LEU A 65 -3.90 -3.13 -1.04
CA LEU A 65 -5.11 -3.94 -1.10
C LEU A 65 -6.23 -3.13 -1.75
N SER A 66 -6.43 -1.93 -1.22
CA SER A 66 -7.48 -1.06 -1.73
C SER A 66 -7.03 0.41 -1.57
N VAL A 67 -7.58 1.25 -2.44
CA VAL A 67 -7.26 2.67 -2.41
C VAL A 67 -8.56 3.48 -2.37
N ASN A 68 -8.60 4.43 -1.44
CA ASN A 68 -9.77 5.27 -1.29
C ASN A 68 -11.02 4.40 -1.23
N GLY A 69 -10.81 3.14 -0.88
CA GLY A 69 -11.91 2.20 -0.79
C GLY A 69 -12.23 1.59 -2.15
N VAL A 70 -11.19 1.07 -2.80
CA VAL A 70 -11.35 0.46 -4.10
C VAL A 70 -10.74 -0.94 -4.08
N ASN A 71 -11.35 -1.83 -4.84
CA ASN A 71 -10.88 -3.20 -4.93
C ASN A 71 -9.84 -3.30 -6.04
N LEU A 72 -8.60 -3.51 -5.62
CA LEU A 72 -7.50 -3.63 -6.57
C LEU A 72 -6.86 -5.02 -6.42
N ARG A 73 -7.39 -5.78 -5.48
CA ARG A 73 -6.87 -7.12 -5.22
C ARG A 73 -6.47 -7.79 -6.53
N ASN A 74 -7.30 -7.59 -7.54
CA ASN A 74 -7.04 -8.17 -8.85
C ASN A 74 -7.12 -7.08 -9.91
N ALA A 75 -6.38 -5.99 -9.67
CA ALA A 75 -6.35 -4.88 -10.59
C ALA A 75 -4.95 -4.74 -11.18
N THR A 76 -4.90 -4.19 -12.38
CA THR A 76 -3.63 -3.98 -13.06
C THR A 76 -2.89 -2.78 -12.47
N HIS A 77 -1.62 -2.68 -12.82
CA HIS A 77 -0.79 -1.60 -12.32
C HIS A 77 -1.47 -0.26 -12.62
N GLU A 78 -2.06 -0.18 -13.80
CA GLU A 78 -2.76 1.03 -14.20
C GLU A 78 -3.97 1.28 -13.32
N GLN A 79 -4.87 0.30 -13.32
CA GLN A 79 -6.08 0.39 -12.51
C GLN A 79 -5.75 0.84 -11.09
N ALA A 80 -4.70 0.23 -10.55
CA ALA A 80 -4.27 0.55 -9.21
C ALA A 80 -3.82 2.01 -9.16
N ALA A 81 -3.28 2.47 -10.28
CA ALA A 81 -2.81 3.84 -10.36
C ALA A 81 -4.01 4.77 -10.63
N ALA A 82 -4.99 4.22 -11.33
CA ALA A 82 -6.17 4.98 -11.66
C ALA A 82 -6.95 5.30 -10.38
N ALA A 83 -6.74 4.45 -9.38
CA ALA A 83 -7.41 4.63 -8.10
C ALA A 83 -6.75 5.78 -7.35
N LEU A 84 -5.56 6.14 -7.80
CA LEU A 84 -4.81 7.22 -7.17
C LEU A 84 -5.05 8.51 -7.96
N LYS A 85 -5.29 8.35 -9.25
CA LYS A 85 -5.53 9.49 -10.12
C LYS A 85 -6.96 9.99 -9.92
N ARG A 86 -7.82 9.06 -9.50
CA ARG A 86 -9.21 9.40 -9.28
C ARG A 86 -9.41 9.88 -7.83
N ALA A 87 -8.38 9.68 -7.03
CA ALA A 87 -8.43 10.09 -5.63
C ALA A 87 -8.39 11.61 -5.55
N GLY A 88 -7.70 12.11 -4.53
CA GLY A 88 -7.57 13.54 -4.33
C GLY A 88 -6.42 13.86 -3.38
N GLN A 89 -6.75 14.62 -2.34
CA GLN A 89 -5.75 15.01 -1.36
C GLN A 89 -5.68 13.96 -0.24
N SER A 90 -6.86 13.64 0.30
CA SER A 90 -6.94 12.67 1.37
C SER A 90 -7.36 11.31 0.81
N VAL A 91 -6.37 10.49 0.52
CA VAL A 91 -6.61 9.16 -0.02
C VAL A 91 -6.32 8.12 1.05
N THR A 92 -7.18 7.11 1.11
CA THR A 92 -7.02 6.05 2.08
C THR A 92 -6.44 4.80 1.41
N ILE A 93 -5.13 4.62 1.61
CA ILE A 93 -4.44 3.49 1.04
C ILE A 93 -4.31 2.38 2.10
N VAL A 94 -5.05 1.30 1.86
CA VAL A 94 -5.03 0.17 2.79
C VAL A 94 -4.03 -0.87 2.29
N ALA A 95 -2.86 -0.87 2.90
CA ALA A 95 -1.82 -1.81 2.53
C ALA A 95 -1.38 -2.60 3.76
N GLN A 96 -0.79 -3.76 3.51
CA GLN A 96 -0.34 -4.62 4.58
C GLN A 96 1.14 -4.97 4.38
N TYR A 97 1.94 -4.65 5.39
CA TYR A 97 3.36 -4.93 5.34
C TYR A 97 3.62 -6.40 4.96
N ARG A 98 3.84 -6.61 3.68
CA ARG A 98 4.10 -7.96 3.18
C ARG A 98 5.31 -7.94 2.24
N PRO A 99 6.51 -8.03 2.86
CA PRO A 99 7.76 -8.03 2.09
C PRO A 99 7.97 -9.38 1.42
N GLU A 100 7.61 -10.43 2.13
CA GLU A 100 7.77 -11.78 1.62
C GLU A 100 7.36 -11.83 0.15
N GLU A 101 6.16 -11.35 -0.13
CA GLU A 101 5.64 -11.34 -1.49
C GLU A 101 6.44 -10.36 -2.34
N TYR A 102 6.37 -9.09 -1.97
CA TYR A 102 7.08 -8.05 -2.69
C TYR A 102 8.48 -8.52 -3.09
N SER A 103 9.08 -9.30 -2.21
CA SER A 103 10.42 -9.82 -2.45
C SER A 103 10.50 -10.42 -3.86
N ARG A 104 9.36 -10.92 -4.31
CA ARG A 104 9.29 -11.52 -5.64
C ARG A 104 9.62 -10.49 -6.71
N PHE A 105 9.30 -9.24 -6.40
CA PHE A 105 9.55 -8.14 -7.33
C PHE A 105 10.97 -7.62 -7.17
N GLU A 106 11.40 -7.51 -5.92
CA GLU A 106 12.73 -7.02 -5.61
C GLU A 106 13.77 -7.74 -6.47
N SER A 107 13.82 -9.06 -6.31
CA SER A 107 14.76 -9.87 -7.05
C SER A 107 14.59 -9.62 -8.56
N SER A 108 13.39 -9.91 -9.04
CA SER A 108 13.08 -9.73 -10.45
C SER A 108 11.80 -8.90 -10.60
N GLY A 109 11.95 -7.74 -11.21
CA GLY A 109 10.83 -6.85 -11.43
C GLY A 109 11.23 -5.65 -12.28
N PRO A 110 10.27 -4.69 -12.42
CA PRO A 110 10.52 -3.49 -13.19
C PRO A 110 11.44 -2.52 -12.44
N SER A 111 12.73 -2.86 -12.44
CA SER A 111 13.71 -2.03 -11.76
C SER A 111 15.05 -2.09 -12.51
N SER A 112 15.23 -1.13 -13.39
CA SER A 112 16.45 -1.06 -14.18
C SER A 112 17.63 -0.69 -13.28
N GLY A 113 18.83 -0.86 -13.82
CA GLY A 113 20.04 -0.55 -13.08
C GLY A 113 21.28 -0.70 -13.97
N GLY A 1 -32.19 -6.48 26.95
CA GLY A 1 -30.84 -7.01 27.00
C GLY A 1 -29.81 -5.91 26.73
N SER A 2 -28.58 -6.17 27.18
CA SER A 2 -27.50 -5.22 27.00
C SER A 2 -26.20 -5.80 27.53
N SER A 3 -25.10 -5.38 26.91
CA SER A 3 -23.79 -5.85 27.31
C SER A 3 -22.71 -5.23 26.42
N GLY A 4 -21.46 -5.42 26.83
CA GLY A 4 -20.34 -4.87 26.09
C GLY A 4 -19.02 -5.46 26.57
N SER A 5 -18.01 -5.34 25.74
CA SER A 5 -16.68 -5.86 26.07
C SER A 5 -15.63 -5.26 25.13
N SER A 6 -14.46 -5.01 25.69
CA SER A 6 -13.36 -4.45 24.92
C SER A 6 -12.16 -5.37 24.98
N GLY A 7 -11.17 -5.06 24.15
CA GLY A 7 -9.95 -5.84 24.09
C GLY A 7 -9.44 -5.98 22.66
N ARG A 8 -10.28 -6.59 21.83
CA ARG A 8 -9.92 -6.80 20.43
C ARG A 8 -8.68 -7.67 20.31
N PRO A 9 -8.54 -8.32 19.12
CA PRO A 9 -7.41 -9.19 18.87
C PRO A 9 -6.14 -8.38 18.62
N GLY A 10 -5.06 -8.83 19.23
CA GLY A 10 -3.78 -8.16 19.09
C GLY A 10 -2.82 -8.99 18.22
N GLY A 11 -2.33 -8.35 17.16
CA GLY A 11 -1.41 -9.01 16.26
C GLY A 11 -0.12 -8.20 16.09
N ASP A 12 0.79 -8.74 15.30
CA ASP A 12 2.06 -8.08 15.05
C ASP A 12 1.95 -7.24 13.77
N ALA A 13 0.73 -6.86 13.46
CA ALA A 13 0.48 -6.07 12.27
C ALA A 13 0.82 -6.88 11.02
N ARG A 14 -0.19 -7.58 10.52
CA ARG A 14 -0.01 -8.40 9.33
C ARG A 14 -1.04 -8.03 8.26
N GLU A 15 -2.31 -8.17 8.63
CA GLU A 15 -3.39 -7.86 7.72
C GLU A 15 -3.19 -6.46 7.14
N PRO A 16 -4.09 -6.10 6.17
CA PRO A 16 -4.02 -4.81 5.53
C PRO A 16 -4.55 -3.71 6.45
N ARG A 17 -3.70 -2.71 6.68
CA ARG A 17 -4.07 -1.61 7.54
C ARG A 17 -4.61 -0.45 6.70
N LYS A 18 -5.07 0.58 7.41
CA LYS A 18 -5.62 1.75 6.75
C LYS A 18 -4.61 2.91 6.85
N ILE A 19 -4.37 3.53 5.71
CA ILE A 19 -3.43 4.64 5.65
C ILE A 19 -4.06 5.80 4.87
N ILE A 20 -3.87 7.00 5.40
CA ILE A 20 -4.42 8.19 4.77
C ILE A 20 -3.28 9.14 4.43
N LEU A 21 -2.83 9.05 3.19
CA LEU A 21 -1.75 9.90 2.72
C LEU A 21 -2.33 11.21 2.17
N HIS A 22 -1.68 12.30 2.52
CA HIS A 22 -2.11 13.61 2.07
C HIS A 22 -1.22 14.08 0.92
N LYS A 23 -1.75 13.98 -0.29
CA LYS A 23 -1.02 14.38 -1.47
C LYS A 23 -0.28 15.69 -1.17
N GLY A 24 1.05 15.58 -1.11
CA GLY A 24 1.88 16.75 -0.84
C GLY A 24 1.98 17.65 -2.06
N SER A 25 2.51 17.08 -3.14
CA SER A 25 2.67 17.82 -4.38
C SER A 25 2.92 16.85 -5.54
N THR A 26 3.87 15.96 -5.33
CA THR A 26 4.23 14.97 -6.34
C THR A 26 3.16 13.88 -6.41
N GLY A 27 2.80 13.38 -5.23
CA GLY A 27 1.80 12.33 -5.14
C GLY A 27 1.58 11.90 -3.69
N LEU A 28 1.57 10.59 -3.49
CA LEU A 28 1.38 10.03 -2.17
C LEU A 28 2.74 9.76 -1.53
N GLY A 29 3.77 9.90 -2.35
CA GLY A 29 5.13 9.67 -1.89
C GLY A 29 5.45 8.17 -1.82
N PHE A 30 5.06 7.48 -2.88
CA PHE A 30 5.29 6.04 -2.95
C PHE A 30 4.90 5.50 -4.32
N ASN A 31 5.56 4.42 -4.71
CA ASN A 31 5.29 3.79 -5.99
C ASN A 31 4.53 2.49 -5.76
N ILE A 32 4.02 1.93 -6.86
CA ILE A 32 3.27 0.69 -6.79
C ILE A 32 3.76 -0.26 -7.88
N VAL A 33 3.52 -1.54 -7.66
CA VAL A 33 3.93 -2.55 -8.62
C VAL A 33 2.84 -3.61 -8.73
N GLY A 34 3.07 -4.58 -9.62
CA GLY A 34 2.11 -5.64 -9.83
C GLY A 34 1.35 -5.45 -11.14
N GLY A 35 0.17 -6.05 -11.19
CA GLY A 35 -0.67 -5.94 -12.37
C GLY A 35 -0.42 -7.11 -13.33
N GLU A 36 -0.17 -8.27 -12.74
CA GLU A 36 0.09 -9.46 -13.53
C GLU A 36 -0.79 -10.62 -13.04
N ASP A 37 -1.65 -11.08 -13.94
CA ASP A 37 -2.55 -12.18 -13.62
C ASP A 37 -3.12 -11.97 -12.22
N GLY A 38 -3.40 -10.71 -11.90
CA GLY A 38 -3.95 -10.38 -10.60
C GLY A 38 -3.11 -11.01 -9.48
N GLU A 39 -1.82 -10.73 -9.51
CA GLU A 39 -0.92 -11.27 -8.51
C GLU A 39 -0.99 -10.43 -7.23
N GLY A 40 -1.34 -9.16 -7.41
CA GLY A 40 -1.45 -8.25 -6.28
C GLY A 40 -0.56 -7.01 -6.50
N ILE A 41 -0.97 -5.91 -5.88
CA ILE A 41 -0.24 -4.68 -5.99
C ILE A 41 0.63 -4.47 -4.74
N PHE A 42 1.82 -3.94 -4.96
CA PHE A 42 2.74 -3.70 -3.85
C PHE A 42 3.53 -2.41 -4.08
N VAL A 43 4.06 -1.87 -2.98
CA VAL A 43 4.83 -0.65 -3.05
C VAL A 43 6.25 -0.98 -3.55
N SER A 44 6.69 -0.19 -4.51
CA SER A 44 8.02 -0.38 -5.08
C SER A 44 9.02 0.55 -4.39
N PHE A 45 8.50 1.66 -3.89
CA PHE A 45 9.34 2.64 -3.21
C PHE A 45 8.49 3.66 -2.46
N ILE A 46 9.13 4.34 -1.51
CA ILE A 46 8.44 5.35 -0.72
C ILE A 46 9.29 6.61 -0.68
N LEU A 47 8.72 7.69 -1.20
CA LEU A 47 9.41 8.96 -1.23
C LEU A 47 9.89 9.31 0.18
N ALA A 48 10.99 10.03 0.23
CA ALA A 48 11.57 10.43 1.51
C ALA A 48 10.99 11.79 1.92
N GLY A 49 10.22 11.76 3.00
CA GLY A 49 9.61 12.98 3.52
C GLY A 49 8.15 13.07 3.06
N GLY A 50 7.78 12.17 2.17
CA GLY A 50 6.42 12.14 1.65
C GLY A 50 5.42 11.74 2.74
N PRO A 51 4.13 11.64 2.32
CA PRO A 51 3.08 11.26 3.25
C PRO A 51 3.13 9.76 3.56
N ALA A 52 3.54 9.00 2.55
CA ALA A 52 3.64 7.56 2.70
C ALA A 52 4.80 7.22 3.63
N ASP A 53 5.72 8.17 3.74
CA ASP A 53 6.88 7.99 4.59
C ASP A 53 6.63 8.64 5.94
N LEU A 54 6.31 9.92 5.91
CA LEU A 54 6.03 10.68 7.12
C LEU A 54 5.03 9.90 7.96
N SER A 55 3.90 9.58 7.36
CA SER A 55 2.85 8.85 8.05
C SER A 55 3.47 7.75 8.91
N GLY A 56 4.56 7.18 8.40
CA GLY A 56 5.25 6.11 9.12
C GLY A 56 4.48 4.80 9.02
N GLU A 57 3.38 4.84 8.28
CA GLU A 57 2.56 3.66 8.09
C GLU A 57 2.94 2.94 6.80
N LEU A 58 2.86 3.68 5.70
CA LEU A 58 3.20 3.12 4.40
C LEU A 58 4.70 2.86 4.34
N ARG A 59 5.05 1.65 3.93
CA ARG A 59 6.44 1.26 3.82
C ARG A 59 6.64 0.33 2.61
N ARG A 60 7.76 0.54 1.94
CA ARG A 60 8.08 -0.27 0.76
C ARG A 60 7.96 -1.76 1.09
N GLY A 61 7.06 -2.41 0.37
CA GLY A 61 6.83 -3.83 0.57
C GLY A 61 5.37 -4.11 0.94
N ASP A 62 4.70 -3.06 1.39
CA ASP A 62 3.31 -3.17 1.78
C ASP A 62 2.45 -3.42 0.52
N ARG A 63 1.63 -4.44 0.61
CA ARG A 63 0.75 -4.80 -0.51
C ARG A 63 -0.50 -3.92 -0.48
N ILE A 64 -0.65 -3.12 -1.53
CA ILE A 64 -1.80 -2.24 -1.64
C ILE A 64 -3.04 -3.07 -1.95
N LEU A 65 -3.87 -3.26 -0.93
CA LEU A 65 -5.09 -4.03 -1.08
C LEU A 65 -6.09 -3.22 -1.90
N SER A 66 -6.37 -2.01 -1.42
CA SER A 66 -7.30 -1.14 -2.11
C SER A 66 -6.90 0.32 -1.91
N VAL A 67 -7.47 1.19 -2.73
CA VAL A 67 -7.17 2.60 -2.65
C VAL A 67 -8.48 3.39 -2.56
N ASN A 68 -8.47 4.40 -1.70
CA ASN A 68 -9.64 5.23 -1.50
C ASN A 68 -10.89 4.35 -1.50
N GLY A 69 -10.72 3.14 -0.99
CA GLY A 69 -11.82 2.20 -0.91
C GLY A 69 -12.13 1.61 -2.30
N VAL A 70 -11.08 1.18 -2.97
CA VAL A 70 -11.22 0.60 -4.30
C VAL A 70 -10.49 -0.75 -4.34
N ASN A 71 -11.28 -1.81 -4.43
CA ASN A 71 -10.72 -3.15 -4.49
C ASN A 71 -9.68 -3.22 -5.62
N LEU A 72 -8.42 -3.20 -5.22
CA LEU A 72 -7.34 -3.27 -6.18
C LEU A 72 -6.77 -4.68 -6.21
N ARG A 73 -7.40 -5.56 -5.43
CA ARG A 73 -6.96 -6.94 -5.36
C ARG A 73 -6.54 -7.43 -6.74
N ASN A 74 -7.52 -7.59 -7.61
CA ASN A 74 -7.26 -8.05 -8.97
C ASN A 74 -7.25 -6.86 -9.92
N ALA A 75 -6.65 -5.78 -9.46
CA ALA A 75 -6.57 -4.56 -10.26
C ALA A 75 -5.19 -4.48 -10.91
N THR A 76 -5.19 -3.99 -12.14
CA THR A 76 -3.95 -3.85 -12.89
C THR A 76 -3.16 -2.64 -12.39
N HIS A 77 -1.88 -2.62 -12.74
CA HIS A 77 -1.01 -1.53 -12.33
C HIS A 77 -1.71 -0.19 -12.60
N GLU A 78 -2.20 -0.04 -13.82
CA GLU A 78 -2.90 1.17 -14.20
C GLU A 78 -4.13 1.38 -13.32
N GLN A 79 -4.92 0.33 -13.20
CA GLN A 79 -6.12 0.38 -12.39
C GLN A 79 -5.80 0.87 -10.98
N ALA A 80 -4.68 0.37 -10.46
CA ALA A 80 -4.24 0.74 -9.13
C ALA A 80 -3.88 2.22 -9.11
N ALA A 81 -3.40 2.69 -10.25
CA ALA A 81 -3.01 4.09 -10.38
C ALA A 81 -4.26 4.95 -10.58
N ALA A 82 -5.13 4.48 -11.46
CA ALA A 82 -6.36 5.18 -11.76
C ALA A 82 -7.14 5.41 -10.46
N ALA A 83 -6.91 4.51 -9.51
CA ALA A 83 -7.59 4.60 -8.22
C ALA A 83 -6.98 5.76 -7.42
N LEU A 84 -5.79 6.17 -7.82
CA LEU A 84 -5.10 7.26 -7.16
C LEU A 84 -5.36 8.56 -7.93
N LYS A 85 -5.49 8.42 -9.24
CA LYS A 85 -5.74 9.57 -10.09
C LYS A 85 -7.16 10.08 -9.85
N ARG A 86 -7.98 9.22 -9.26
CA ARG A 86 -9.35 9.58 -8.97
C ARG A 86 -9.48 10.10 -7.54
N ALA A 87 -8.50 9.73 -6.72
CA ALA A 87 -8.49 10.16 -5.33
C ALA A 87 -8.40 11.69 -5.27
N GLY A 88 -7.61 12.16 -4.31
CA GLY A 88 -7.43 13.60 -4.13
C GLY A 88 -6.47 13.89 -2.98
N GLN A 89 -6.73 15.00 -2.30
CA GLN A 89 -5.90 15.40 -1.19
C GLN A 89 -5.84 14.29 -0.14
N SER A 90 -7.02 13.83 0.25
CA SER A 90 -7.13 12.77 1.24
C SER A 90 -7.44 11.44 0.56
N VAL A 91 -6.44 10.56 0.56
CA VAL A 91 -6.60 9.25 -0.06
C VAL A 91 -6.34 8.17 1.00
N THR A 92 -7.27 7.22 1.05
CA THR A 92 -7.17 6.13 2.00
C THR A 92 -6.57 4.89 1.32
N ILE A 93 -5.29 4.68 1.58
CA ILE A 93 -4.59 3.55 1.01
C ILE A 93 -4.55 2.41 2.03
N VAL A 94 -5.21 1.32 1.69
CA VAL A 94 -5.27 0.17 2.56
C VAL A 94 -4.32 -0.91 2.04
N ALA A 95 -3.16 -1.00 2.68
CA ALA A 95 -2.16 -1.97 2.29
C ALA A 95 -1.69 -2.75 3.52
N GLN A 96 -1.25 -3.97 3.29
CA GLN A 96 -0.79 -4.83 4.36
C GLN A 96 0.72 -5.05 4.25
N TYR A 97 1.41 -4.78 5.34
CA TYR A 97 2.85 -4.94 5.38
C TYR A 97 3.25 -6.38 5.08
N ARG A 98 3.47 -6.66 3.81
CA ARG A 98 3.85 -7.99 3.38
C ARG A 98 5.14 -7.94 2.56
N PRO A 99 6.28 -7.90 3.31
CA PRO A 99 7.59 -7.84 2.68
C PRO A 99 7.97 -9.21 2.09
N GLU A 100 7.31 -10.24 2.59
CA GLU A 100 7.57 -11.59 2.14
C GLU A 100 7.23 -11.73 0.66
N GLU A 101 6.17 -11.03 0.26
CA GLU A 101 5.73 -11.06 -1.12
C GLU A 101 6.64 -10.20 -1.99
N TYR A 102 6.55 -8.89 -1.76
CA TYR A 102 7.35 -7.94 -2.51
C TYR A 102 8.76 -8.49 -2.74
N SER A 103 9.20 -9.33 -1.83
CA SER A 103 10.52 -9.93 -1.93
C SER A 103 10.83 -10.27 -3.38
N ARG A 104 9.83 -10.81 -4.06
CA ARG A 104 9.98 -11.19 -5.45
C ARG A 104 10.49 -10.01 -6.27
N PHE A 105 9.77 -8.90 -6.15
CA PHE A 105 10.14 -7.69 -6.87
C PHE A 105 11.46 -7.12 -6.34
N GLU A 106 11.63 -7.20 -5.03
CA GLU A 106 12.83 -6.71 -4.39
C GLU A 106 14.06 -7.05 -5.23
N SER A 107 14.23 -8.34 -5.48
CA SER A 107 15.36 -8.82 -6.27
C SER A 107 15.51 -7.97 -7.53
N SER A 108 14.42 -7.91 -8.29
CA SER A 108 14.42 -7.14 -9.53
C SER A 108 14.88 -5.70 -9.25
N GLY A 109 16.13 -5.45 -9.61
CA GLY A 109 16.70 -4.12 -9.41
C GLY A 109 17.02 -3.46 -10.75
N PRO A 110 17.83 -2.37 -10.67
CA PRO A 110 18.22 -1.63 -11.87
C PRO A 110 19.27 -2.41 -12.67
N SER A 111 18.89 -3.61 -13.09
CA SER A 111 19.78 -4.44 -13.87
C SER A 111 19.64 -4.12 -15.36
N SER A 112 20.64 -3.42 -15.88
CA SER A 112 20.63 -3.04 -17.28
C SER A 112 21.54 -3.99 -18.07
N GLY A 113 22.81 -4.01 -17.68
CA GLY A 113 23.79 -4.85 -18.34
C GLY A 113 25.20 -4.29 -18.17
N GLY A 1 -25.59 -26.70 29.96
CA GLY A 1 -24.99 -25.49 30.51
C GLY A 1 -23.50 -25.69 30.79
N SER A 2 -22.69 -25.06 29.95
CA SER A 2 -21.25 -25.16 30.09
C SER A 2 -20.56 -24.29 29.04
N SER A 3 -19.28 -24.02 29.27
CA SER A 3 -18.51 -23.20 28.36
C SER A 3 -19.06 -21.78 28.32
N GLY A 4 -18.30 -20.90 27.71
CA GLY A 4 -18.70 -19.50 27.60
C GLY A 4 -17.51 -18.57 27.78
N SER A 5 -16.74 -18.42 26.72
CA SER A 5 -15.56 -17.57 26.75
C SER A 5 -14.80 -17.67 25.43
N SER A 6 -14.63 -16.52 24.79
CA SER A 6 -13.92 -16.47 23.52
C SER A 6 -14.02 -15.06 22.93
N GLY A 7 -12.87 -14.58 22.44
CA GLY A 7 -12.81 -13.25 21.85
C GLY A 7 -11.64 -12.45 22.43
N ARG A 8 -10.50 -12.59 21.78
CA ARG A 8 -9.30 -11.90 22.21
C ARG A 8 -8.65 -11.18 21.02
N PRO A 9 -8.01 -10.01 21.34
CA PRO A 9 -7.35 -9.23 20.32
C PRO A 9 -6.02 -9.87 19.90
N GLY A 10 -5.42 -9.31 18.86
CA GLY A 10 -4.16 -9.83 18.36
C GLY A 10 -3.80 -9.16 17.03
N GLY A 11 -2.55 -8.74 16.94
CA GLY A 11 -2.05 -8.09 15.73
C GLY A 11 -0.55 -8.29 15.57
N ASP A 12 -0.14 -8.43 14.32
CA ASP A 12 1.27 -8.64 14.01
C ASP A 12 1.59 -8.01 12.66
N ALA A 13 0.79 -7.01 12.30
CA ALA A 13 0.98 -6.33 11.03
C ALA A 13 0.98 -7.35 9.89
N ARG A 14 -0.20 -7.93 9.66
CA ARG A 14 -0.34 -8.92 8.61
C ARG A 14 -1.46 -8.51 7.65
N GLU A 15 -2.57 -8.08 8.24
CA GLU A 15 -3.72 -7.67 7.46
C GLU A 15 -3.48 -6.27 6.88
N PRO A 16 -4.45 -5.84 6.01
CA PRO A 16 -4.36 -4.53 5.38
C PRO A 16 -4.69 -3.42 6.37
N ARG A 17 -3.70 -2.60 6.66
CA ARG A 17 -3.87 -1.49 7.59
C ARG A 17 -4.30 -0.23 6.83
N LYS A 18 -5.20 0.52 7.44
CA LYS A 18 -5.69 1.74 6.85
C LYS A 18 -4.60 2.82 6.95
N ILE A 19 -4.04 3.15 5.80
CA ILE A 19 -3.00 4.17 5.74
C ILE A 19 -3.51 5.39 4.97
N ILE A 20 -3.92 6.38 5.74
CA ILE A 20 -4.45 7.61 5.15
C ILE A 20 -3.28 8.57 4.88
N LEU A 21 -2.97 8.71 3.60
CA LEU A 21 -1.89 9.60 3.19
C LEU A 21 -2.47 10.88 2.59
N HIS A 22 -1.83 11.99 2.90
CA HIS A 22 -2.28 13.28 2.40
C HIS A 22 -1.40 13.70 1.22
N LYS A 23 -1.95 13.54 0.02
CA LYS A 23 -1.24 13.89 -1.18
C LYS A 23 -0.48 15.20 -0.96
N GLY A 24 0.84 15.08 -0.94
CA GLY A 24 1.69 16.24 -0.74
C GLY A 24 1.75 17.10 -2.00
N SER A 25 1.92 16.43 -3.13
CA SER A 25 2.01 17.13 -4.40
C SER A 25 2.22 16.12 -5.53
N THR A 26 3.34 15.41 -5.44
CA THR A 26 3.68 14.42 -6.44
C THR A 26 2.70 13.24 -6.39
N GLY A 27 2.52 12.72 -5.19
CA GLY A 27 1.62 11.59 -4.99
C GLY A 27 1.46 11.28 -3.49
N LEU A 28 1.40 9.99 -3.20
CA LEU A 28 1.25 9.56 -1.82
C LEU A 28 2.63 9.37 -1.19
N GLY A 29 3.64 9.44 -2.03
CA GLY A 29 5.01 9.27 -1.58
C GLY A 29 5.41 7.80 -1.55
N PHE A 30 4.88 7.05 -2.49
CA PHE A 30 5.16 5.62 -2.58
C PHE A 30 4.83 5.08 -3.97
N ASN A 31 5.61 4.10 -4.39
CA ASN A 31 5.42 3.49 -5.69
C ASN A 31 4.54 2.24 -5.54
N ILE A 32 4.19 1.67 -6.68
CA ILE A 32 3.36 0.48 -6.69
C ILE A 32 3.81 -0.45 -7.82
N VAL A 33 3.61 -1.73 -7.60
CA VAL A 33 3.99 -2.73 -8.59
C VAL A 33 2.89 -3.78 -8.72
N GLY A 34 3.09 -4.70 -9.64
CA GLY A 34 2.11 -5.75 -9.87
C GLY A 34 1.41 -5.57 -11.22
N GLY A 35 0.20 -6.10 -11.29
CA GLY A 35 -0.58 -6.00 -12.51
C GLY A 35 -0.30 -7.18 -13.44
N GLU A 36 0.00 -8.32 -12.83
CA GLU A 36 0.29 -9.52 -13.59
C GLU A 36 -0.63 -10.66 -13.17
N ASP A 37 -1.37 -11.17 -14.14
CA ASP A 37 -2.30 -12.26 -13.87
C ASP A 37 -3.00 -12.02 -12.54
N GLY A 38 -3.21 -10.75 -12.25
CA GLY A 38 -3.88 -10.36 -11.00
C GLY A 38 -3.14 -10.94 -9.79
N GLU A 39 -1.82 -10.77 -9.79
CA GLU A 39 -1.00 -11.26 -8.71
C GLU A 39 -1.17 -10.38 -7.47
N GLY A 40 -1.56 -9.14 -7.72
CA GLY A 40 -1.76 -8.19 -6.64
C GLY A 40 -0.84 -6.97 -6.80
N ILE A 41 -1.15 -5.93 -6.04
CA ILE A 41 -0.35 -4.72 -6.08
C ILE A 41 0.50 -4.63 -4.82
N PHE A 42 1.69 -4.06 -4.99
CA PHE A 42 2.61 -3.90 -3.88
C PHE A 42 3.46 -2.64 -4.04
N VAL A 43 3.93 -2.13 -2.91
CA VAL A 43 4.74 -0.94 -2.91
C VAL A 43 6.15 -1.27 -3.43
N SER A 44 6.63 -0.42 -4.32
CA SER A 44 7.95 -0.62 -4.90
C SER A 44 8.98 0.26 -4.17
N PHE A 45 8.49 1.37 -3.66
CA PHE A 45 9.37 2.30 -2.95
C PHE A 45 8.54 3.38 -2.24
N ILE A 46 9.18 4.04 -1.29
CA ILE A 46 8.53 5.09 -0.54
C ILE A 46 9.38 6.36 -0.60
N LEU A 47 8.80 7.42 -1.16
CA LEU A 47 9.49 8.68 -1.27
C LEU A 47 9.93 9.16 0.11
N ALA A 48 11.01 9.92 0.13
CA ALA A 48 11.53 10.44 1.38
C ALA A 48 11.02 11.86 1.60
N GLY A 49 10.17 12.00 2.60
CA GLY A 49 9.58 13.29 2.92
C GLY A 49 8.10 13.34 2.57
N GLY A 50 7.69 12.37 1.75
CA GLY A 50 6.30 12.29 1.33
C GLY A 50 5.39 11.93 2.50
N PRO A 51 4.09 11.75 2.18
CA PRO A 51 3.11 11.39 3.20
C PRO A 51 3.25 9.93 3.61
N ALA A 52 3.66 9.12 2.65
CA ALA A 52 3.83 7.70 2.91
C ALA A 52 5.07 7.49 3.78
N ASP A 53 5.82 8.56 3.97
CA ASP A 53 7.02 8.51 4.77
C ASP A 53 6.80 9.31 6.06
N LEU A 54 6.41 10.56 5.88
CA LEU A 54 6.16 11.44 7.01
C LEU A 54 5.09 10.82 7.91
N SER A 55 3.96 10.49 7.29
CA SER A 55 2.86 9.88 8.02
C SER A 55 3.38 8.76 8.93
N GLY A 56 4.52 8.21 8.54
CA GLY A 56 5.12 7.14 9.31
C GLY A 56 4.53 5.78 8.93
N GLU A 57 3.47 5.85 8.14
CA GLU A 57 2.79 4.63 7.70
C GLU A 57 3.26 4.23 6.31
N LEU A 58 2.73 3.11 5.83
CA LEU A 58 3.09 2.61 4.52
C LEU A 58 4.60 2.37 4.47
N ARG A 59 4.99 1.47 3.58
CA ARG A 59 6.40 1.14 3.42
C ARG A 59 6.60 0.15 2.27
N ARG A 60 7.81 0.13 1.74
CA ARG A 60 8.13 -0.77 0.64
C ARG A 60 7.88 -2.22 1.06
N GLY A 61 6.98 -2.86 0.33
CA GLY A 61 6.65 -4.24 0.61
C GLY A 61 5.26 -4.36 1.24
N ASP A 62 4.38 -3.44 0.84
CA ASP A 62 3.02 -3.43 1.35
C ASP A 62 2.05 -3.64 0.19
N ARG A 63 1.37 -4.77 0.22
CA ARG A 63 0.41 -5.10 -0.81
C ARG A 63 -0.78 -4.14 -0.76
N ILE A 64 -0.98 -3.43 -1.84
CA ILE A 64 -2.07 -2.47 -1.94
C ILE A 64 -3.39 -3.24 -2.13
N LEU A 65 -4.11 -3.42 -1.05
CA LEU A 65 -5.38 -4.12 -1.08
C LEU A 65 -6.41 -3.25 -1.80
N SER A 66 -6.58 -2.04 -1.29
CA SER A 66 -7.52 -1.10 -1.88
C SER A 66 -6.98 0.33 -1.77
N VAL A 67 -7.56 1.20 -2.58
CA VAL A 67 -7.15 2.60 -2.59
C VAL A 67 -8.38 3.49 -2.42
N ASN A 68 -8.48 4.09 -1.24
CA ASN A 68 -9.59 4.97 -0.94
C ASN A 68 -10.89 4.15 -0.94
N GLY A 69 -10.78 2.94 -0.43
CA GLY A 69 -11.93 2.05 -0.37
C GLY A 69 -12.29 1.51 -1.76
N VAL A 70 -11.26 1.21 -2.52
CA VAL A 70 -11.45 0.70 -3.87
C VAL A 70 -10.74 -0.66 -4.00
N ASN A 71 -11.54 -1.69 -4.23
CA ASN A 71 -11.01 -3.03 -4.37
C ASN A 71 -10.07 -3.07 -5.59
N LEU A 72 -8.80 -3.32 -5.31
CA LEU A 72 -7.81 -3.39 -6.37
C LEU A 72 -7.01 -4.69 -6.23
N ARG A 73 -7.56 -5.59 -5.43
CA ARG A 73 -6.91 -6.88 -5.20
C ARG A 73 -6.30 -7.40 -6.50
N ASN A 74 -7.14 -7.50 -7.52
CA ASN A 74 -6.69 -7.98 -8.82
C ASN A 74 -6.90 -6.88 -9.86
N ALA A 75 -6.19 -5.78 -9.67
CA ALA A 75 -6.28 -4.66 -10.59
C ALA A 75 -4.93 -4.43 -11.26
N THR A 76 -4.99 -3.96 -12.49
CA THR A 76 -3.78 -3.69 -13.25
C THR A 76 -2.99 -2.53 -12.63
N HIS A 77 -1.68 -2.59 -12.78
CA HIS A 77 -0.82 -1.55 -12.23
C HIS A 77 -1.43 -0.18 -12.50
N GLU A 78 -1.94 -0.02 -13.71
CA GLU A 78 -2.56 1.23 -14.11
C GLU A 78 -3.78 1.52 -13.25
N GLN A 79 -4.68 0.54 -13.20
CA GLN A 79 -5.89 0.68 -12.41
C GLN A 79 -5.57 1.20 -11.01
N ALA A 80 -4.59 0.56 -10.38
CA ALA A 80 -4.18 0.94 -9.05
C ALA A 80 -3.71 2.40 -9.07
N ALA A 81 -3.27 2.83 -10.24
CA ALA A 81 -2.80 4.20 -10.42
C ALA A 81 -3.99 5.12 -10.68
N ALA A 82 -4.84 4.68 -11.59
CA ALA A 82 -6.02 5.46 -11.94
C ALA A 82 -6.88 5.68 -10.69
N ALA A 83 -6.78 4.72 -9.78
CA ALA A 83 -7.53 4.81 -8.53
C ALA A 83 -6.91 5.88 -7.63
N LEU A 84 -5.69 6.26 -7.99
CA LEU A 84 -4.98 7.26 -7.22
C LEU A 84 -5.23 8.65 -7.83
N LYS A 85 -5.36 8.66 -9.15
CA LYS A 85 -5.60 9.90 -9.87
C LYS A 85 -7.04 10.35 -9.61
N ARG A 86 -7.88 9.38 -9.28
CA ARG A 86 -9.28 9.66 -9.01
C ARG A 86 -9.48 10.00 -7.53
N ALA A 87 -8.45 9.70 -6.74
CA ALA A 87 -8.51 9.96 -5.32
C ALA A 87 -8.56 11.47 -5.08
N GLY A 88 -7.79 11.91 -4.10
CA GLY A 88 -7.74 13.33 -3.76
C GLY A 88 -6.71 13.58 -2.66
N GLN A 89 -6.98 14.62 -1.87
CA GLN A 89 -6.08 14.98 -0.79
C GLN A 89 -6.02 13.86 0.26
N SER A 90 -7.19 13.44 0.70
CA SER A 90 -7.28 12.38 1.68
C SER A 90 -7.56 11.05 1.00
N VAL A 91 -6.50 10.32 0.75
CA VAL A 91 -6.61 9.02 0.11
C VAL A 91 -6.28 7.92 1.11
N THR A 92 -7.27 7.06 1.33
CA THR A 92 -7.10 5.96 2.27
C THR A 92 -6.49 4.74 1.56
N ILE A 93 -5.19 4.58 1.74
CA ILE A 93 -4.49 3.46 1.14
C ILE A 93 -4.41 2.31 2.12
N VAL A 94 -5.21 1.27 1.86
CA VAL A 94 -5.24 0.11 2.71
C VAL A 94 -4.37 -0.99 2.10
N ALA A 95 -3.17 -1.13 2.65
CA ALA A 95 -2.24 -2.13 2.18
C ALA A 95 -1.76 -2.99 3.36
N GLN A 96 -1.37 -4.21 3.04
CA GLN A 96 -0.89 -5.14 4.04
C GLN A 96 0.51 -5.63 3.70
N TYR A 97 1.40 -5.51 4.67
CA TYR A 97 2.77 -5.95 4.47
C TYR A 97 2.82 -7.38 3.95
N ARG A 98 3.93 -7.71 3.30
CA ARG A 98 4.13 -9.04 2.75
C ARG A 98 5.44 -9.11 1.99
N PRO A 99 6.53 -9.45 2.74
CA PRO A 99 7.84 -9.56 2.14
C PRO A 99 7.97 -10.85 1.33
N GLU A 100 7.50 -11.94 1.91
CA GLU A 100 7.55 -13.23 1.26
C GLU A 100 7.03 -13.12 -0.18
N GLU A 101 6.02 -12.27 -0.34
CA GLU A 101 5.42 -12.06 -1.65
C GLU A 101 6.27 -11.10 -2.47
N TYR A 102 6.27 -9.84 -2.05
CA TYR A 102 7.03 -8.81 -2.74
C TYR A 102 8.41 -9.33 -3.14
N SER A 103 8.96 -10.17 -2.29
CA SER A 103 10.28 -10.75 -2.54
C SER A 103 10.34 -11.28 -3.98
N ARG A 104 9.19 -11.75 -4.44
CA ARG A 104 9.10 -12.28 -5.79
C ARG A 104 9.50 -11.23 -6.82
N PHE A 105 9.33 -9.98 -6.43
CA PHE A 105 9.67 -8.86 -7.30
C PHE A 105 11.09 -8.36 -7.02
N GLU A 106 11.36 -8.12 -5.74
CA GLU A 106 12.67 -7.65 -5.33
C GLU A 106 13.77 -8.37 -6.11
N SER A 107 13.50 -9.63 -6.40
CA SER A 107 14.45 -10.46 -7.13
C SER A 107 14.49 -10.03 -8.60
N SER A 108 13.32 -10.13 -9.24
CA SER A 108 13.21 -9.76 -10.64
C SER A 108 12.18 -8.63 -10.80
N GLY A 109 12.70 -7.42 -10.95
CA GLY A 109 11.85 -6.26 -11.11
C GLY A 109 12.63 -5.10 -11.74
N PRO A 110 11.95 -3.93 -11.81
CA PRO A 110 12.56 -2.74 -12.38
C PRO A 110 13.59 -2.12 -11.43
N SER A 111 14.76 -2.74 -11.40
CA SER A 111 15.82 -2.26 -10.53
C SER A 111 17.16 -2.32 -11.28
N SER A 112 17.54 -1.19 -11.84
CA SER A 112 18.79 -1.09 -12.58
C SER A 112 19.78 -0.21 -11.82
N GLY A 113 20.62 -0.86 -11.04
CA GLY A 113 21.62 -0.15 -10.26
C GLY A 113 22.76 -1.08 -9.85
N GLY A 1 -15.33 -13.67 40.37
CA GLY A 1 -14.05 -14.37 40.35
C GLY A 1 -12.98 -13.53 39.65
N SER A 2 -11.90 -14.19 39.27
CA SER A 2 -10.81 -13.52 38.60
C SER A 2 -9.84 -14.57 38.02
N SER A 3 -9.36 -14.26 36.82
CA SER A 3 -8.42 -15.16 36.14
C SER A 3 -7.59 -14.38 35.12
N GLY A 4 -6.49 -14.98 34.72
CA GLY A 4 -5.61 -14.36 33.76
C GLY A 4 -4.54 -15.34 33.26
N SER A 5 -3.37 -14.80 32.95
CA SER A 5 -2.27 -15.61 32.48
C SER A 5 -2.60 -16.20 31.10
N SER A 6 -1.86 -15.75 30.11
CA SER A 6 -2.07 -16.21 28.74
C SER A 6 -0.97 -15.67 27.83
N GLY A 7 -0.70 -16.43 26.77
CA GLY A 7 0.33 -16.03 25.83
C GLY A 7 -0.29 -15.37 24.59
N ARG A 8 0.26 -14.23 24.23
CA ARG A 8 -0.23 -13.49 23.07
C ARG A 8 0.94 -12.97 22.24
N PRO A 9 0.65 -12.68 20.95
CA PRO A 9 1.67 -12.17 20.05
C PRO A 9 1.98 -10.70 20.34
N GLY A 10 2.87 -10.15 19.53
CA GLY A 10 3.27 -8.76 19.69
C GLY A 10 2.92 -7.95 18.45
N GLY A 11 1.74 -7.33 18.49
CA GLY A 11 1.27 -6.52 17.37
C GLY A 11 1.38 -7.29 16.05
N ASP A 12 0.33 -8.05 15.76
CA ASP A 12 0.29 -8.83 14.54
C ASP A 12 0.06 -7.90 13.35
N ALA A 13 1.16 -7.35 12.83
CA ALA A 13 1.10 -6.45 11.70
C ALA A 13 1.27 -7.25 10.41
N ARG A 14 0.28 -8.07 10.12
CA ARG A 14 0.30 -8.89 8.92
C ARG A 14 -0.81 -8.47 7.97
N GLU A 15 -1.98 -8.24 8.53
CA GLU A 15 -3.13 -7.82 7.73
C GLU A 15 -2.89 -6.43 7.14
N PRO A 16 -3.85 -6.01 6.28
CA PRO A 16 -3.75 -4.71 5.64
C PRO A 16 -4.10 -3.58 6.62
N ARG A 17 -3.32 -2.53 6.56
CA ARG A 17 -3.53 -1.39 7.45
C ARG A 17 -3.95 -0.16 6.63
N LYS A 18 -4.86 0.61 7.22
CA LYS A 18 -5.36 1.80 6.55
C LYS A 18 -4.31 2.91 6.66
N ILE A 19 -3.68 3.18 5.51
CA ILE A 19 -2.65 4.21 5.46
C ILE A 19 -3.23 5.46 4.78
N ILE A 20 -3.82 6.33 5.60
CA ILE A 20 -4.40 7.55 5.08
C ILE A 20 -3.29 8.58 4.85
N LEU A 21 -2.95 8.75 3.59
CA LEU A 21 -1.91 9.69 3.22
C LEU A 21 -2.55 10.98 2.69
N HIS A 22 -1.90 12.09 2.96
CA HIS A 22 -2.39 13.39 2.52
C HIS A 22 -1.43 13.98 1.48
N LYS A 23 -1.77 13.77 0.22
CA LYS A 23 -0.95 14.28 -0.87
C LYS A 23 -0.44 15.68 -0.52
N GLY A 24 0.87 15.80 -0.45
CA GLY A 24 1.49 17.06 -0.12
C GLY A 24 1.68 17.92 -1.38
N SER A 25 2.05 17.26 -2.46
CA SER A 25 2.26 17.94 -3.73
C SER A 25 2.87 16.97 -4.75
N THR A 26 4.08 16.52 -4.45
CA THR A 26 4.77 15.60 -5.33
C THR A 26 3.92 14.36 -5.59
N GLY A 27 3.15 14.00 -4.57
CA GLY A 27 2.28 12.84 -4.67
C GLY A 27 1.99 12.24 -3.29
N LEU A 28 1.96 10.91 -3.25
CA LEU A 28 1.70 10.21 -2.01
C LEU A 28 3.03 9.84 -1.35
N GLY A 29 4.10 9.99 -2.12
CA GLY A 29 5.43 9.68 -1.63
C GLY A 29 5.67 8.17 -1.60
N PHE A 30 5.03 7.49 -2.54
CA PHE A 30 5.16 6.04 -2.63
C PHE A 30 4.69 5.53 -4.00
N ASN A 31 5.39 4.54 -4.50
CA ASN A 31 5.06 3.96 -5.79
C ASN A 31 4.30 2.65 -5.57
N ILE A 32 3.87 2.06 -6.68
CA ILE A 32 3.14 0.80 -6.63
C ILE A 32 3.61 -0.11 -7.76
N VAL A 33 3.29 -1.38 -7.62
CA VAL A 33 3.66 -2.37 -8.63
C VAL A 33 2.60 -3.47 -8.68
N GLY A 34 2.81 -4.40 -9.60
CA GLY A 34 1.88 -5.51 -9.76
C GLY A 34 1.05 -5.35 -11.04
N GLY A 35 -0.04 -6.09 -11.09
CA GLY A 35 -0.93 -6.03 -12.24
C GLY A 35 -0.62 -7.16 -13.22
N GLU A 36 -0.13 -8.27 -12.68
CA GLU A 36 0.21 -9.42 -13.50
C GLU A 36 -0.59 -10.64 -13.05
N ASP A 37 -1.40 -11.14 -13.97
CA ASP A 37 -2.23 -12.30 -13.69
C ASP A 37 -2.98 -12.07 -12.38
N GLY A 38 -3.14 -10.82 -12.04
CA GLY A 38 -3.84 -10.45 -10.81
C GLY A 38 -3.16 -11.07 -9.59
N GLU A 39 -1.89 -10.72 -9.42
CA GLU A 39 -1.11 -11.23 -8.30
C GLU A 39 -1.26 -10.31 -7.09
N GLY A 40 -1.60 -9.06 -7.37
CA GLY A 40 -1.79 -8.08 -6.32
C GLY A 40 -0.92 -6.84 -6.56
N ILE A 41 -1.16 -5.82 -5.76
CA ILE A 41 -0.41 -4.58 -5.88
C ILE A 41 0.51 -4.43 -4.66
N PHE A 42 1.69 -3.87 -4.92
CA PHE A 42 2.66 -3.66 -3.87
C PHE A 42 3.43 -2.35 -4.09
N VAL A 43 3.97 -1.83 -2.99
CA VAL A 43 4.72 -0.59 -3.05
C VAL A 43 6.10 -0.87 -3.67
N SER A 44 6.47 0.00 -4.61
CA SER A 44 7.75 -0.14 -5.29
C SER A 44 8.81 0.70 -4.58
N PHE A 45 8.36 1.84 -4.05
CA PHE A 45 9.26 2.73 -3.34
C PHE A 45 8.47 3.74 -2.50
N ILE A 46 9.19 4.39 -1.60
CA ILE A 46 8.57 5.38 -0.73
C ILE A 46 9.47 6.62 -0.65
N LEU A 47 8.90 7.74 -1.07
CA LEU A 47 9.63 9.00 -1.05
C LEU A 47 10.01 9.34 0.39
N ALA A 48 11.24 9.84 0.53
CA ALA A 48 11.75 10.21 1.84
C ALA A 48 11.30 11.64 2.17
N GLY A 49 10.38 11.73 3.11
CA GLY A 49 9.85 13.03 3.52
C GLY A 49 8.41 13.21 3.06
N GLY A 50 7.97 12.30 2.21
CA GLY A 50 6.61 12.35 1.69
C GLY A 50 5.59 11.99 2.78
N PRO A 51 4.31 11.87 2.34
CA PRO A 51 3.24 11.53 3.26
C PRO A 51 3.29 10.05 3.66
N ALA A 52 3.73 9.24 2.71
CA ALA A 52 3.84 7.81 2.95
C ALA A 52 4.96 7.53 3.93
N ASP A 53 6.05 8.29 3.77
CA ASP A 53 7.19 8.14 4.65
C ASP A 53 6.90 8.81 5.99
N LEU A 54 6.65 10.12 5.92
CA LEU A 54 6.35 10.89 7.11
C LEU A 54 5.34 10.12 7.97
N SER A 55 4.20 9.83 7.37
CA SER A 55 3.15 9.11 8.06
C SER A 55 3.74 7.93 8.84
N GLY A 56 4.65 7.23 8.18
CA GLY A 56 5.31 6.09 8.80
C GLY A 56 4.45 4.83 8.65
N GLU A 57 3.22 5.04 8.19
CA GLU A 57 2.31 3.93 8.01
C GLU A 57 2.71 3.09 6.80
N LEU A 58 2.70 3.74 5.64
CA LEU A 58 3.07 3.08 4.41
C LEU A 58 4.56 2.74 4.43
N ARG A 59 4.88 1.55 3.96
CA ARG A 59 6.26 1.10 3.92
C ARG A 59 6.52 0.29 2.65
N ARG A 60 7.73 0.46 2.13
CA ARG A 60 8.11 -0.25 0.91
C ARG A 60 8.05 -1.76 1.13
N GLY A 61 7.16 -2.39 0.38
CA GLY A 61 6.98 -3.83 0.48
C GLY A 61 5.57 -4.17 0.96
N ASP A 62 4.73 -3.16 1.02
CA ASP A 62 3.36 -3.34 1.47
C ASP A 62 2.46 -3.60 0.24
N ARG A 63 1.53 -4.53 0.42
CA ARG A 63 0.61 -4.87 -0.64
C ARG A 63 -0.64 -4.01 -0.57
N ILE A 64 -0.79 -3.15 -1.55
CA ILE A 64 -1.95 -2.26 -1.61
C ILE A 64 -3.21 -3.10 -1.86
N LEU A 65 -3.99 -3.27 -0.80
CA LEU A 65 -5.22 -4.03 -0.90
C LEU A 65 -6.27 -3.21 -1.64
N SER A 66 -6.53 -2.02 -1.11
CA SER A 66 -7.51 -1.13 -1.71
C SER A 66 -7.04 0.33 -1.59
N VAL A 67 -7.60 1.17 -2.44
CA VAL A 67 -7.24 2.57 -2.44
C VAL A 67 -8.52 3.41 -2.38
N ASN A 68 -8.48 4.44 -1.55
CA ASN A 68 -9.62 5.33 -1.38
C ASN A 68 -10.90 4.50 -1.38
N GLY A 69 -10.77 3.27 -0.93
CA GLY A 69 -11.91 2.36 -0.87
C GLY A 69 -12.22 1.79 -2.26
N VAL A 70 -11.22 1.13 -2.83
CA VAL A 70 -11.37 0.54 -4.14
C VAL A 70 -10.78 -0.87 -4.13
N ASN A 71 -11.42 -1.76 -4.89
CA ASN A 71 -10.97 -3.13 -4.96
C ASN A 71 -9.93 -3.26 -6.08
N LEU A 72 -8.70 -3.49 -5.67
CA LEU A 72 -7.60 -3.64 -6.61
C LEU A 72 -6.93 -5.00 -6.40
N ARG A 73 -7.44 -5.73 -5.43
CA ARG A 73 -6.90 -7.05 -5.12
C ARG A 73 -6.49 -7.76 -6.41
N ASN A 74 -7.23 -7.48 -7.48
CA ASN A 74 -6.95 -8.08 -8.76
C ASN A 74 -7.08 -7.03 -9.85
N ALA A 75 -6.30 -5.97 -9.71
CA ALA A 75 -6.32 -4.89 -10.68
C ALA A 75 -4.93 -4.73 -11.28
N THR A 76 -4.88 -4.08 -12.44
CA THR A 76 -3.63 -3.86 -13.14
C THR A 76 -2.96 -2.58 -12.63
N HIS A 77 -1.65 -2.51 -12.84
CA HIS A 77 -0.89 -1.35 -12.41
C HIS A 77 -1.66 -0.07 -12.73
N GLU A 78 -2.11 0.01 -13.97
CA GLU A 78 -2.87 1.18 -14.42
C GLU A 78 -4.11 1.36 -13.54
N GLN A 79 -4.92 0.31 -13.48
CA GLN A 79 -6.14 0.35 -12.68
C GLN A 79 -5.82 0.83 -11.26
N ALA A 80 -4.81 0.23 -10.68
CA ALA A 80 -4.40 0.59 -9.32
C ALA A 80 -3.99 2.06 -9.29
N ALA A 81 -3.46 2.52 -10.42
CA ALA A 81 -3.02 3.90 -10.54
C ALA A 81 -4.24 4.80 -10.74
N ALA A 82 -5.15 4.34 -11.59
CA ALA A 82 -6.36 5.09 -11.87
C ALA A 82 -7.10 5.37 -10.57
N ALA A 83 -6.76 4.59 -9.55
CA ALA A 83 -7.38 4.73 -8.25
C ALA A 83 -6.73 5.89 -7.50
N LEU A 84 -5.47 6.13 -7.84
CA LEU A 84 -4.73 7.20 -7.20
C LEU A 84 -4.96 8.51 -7.97
N LYS A 85 -5.51 8.35 -9.17
CA LYS A 85 -5.80 9.51 -10.01
C LYS A 85 -7.23 9.97 -9.75
N ARG A 86 -8.06 9.04 -9.32
CA ARG A 86 -9.45 9.35 -9.03
C ARG A 86 -9.61 9.78 -7.57
N ALA A 87 -8.52 9.63 -6.82
CA ALA A 87 -8.54 10.00 -5.42
C ALA A 87 -8.47 11.52 -5.29
N GLY A 88 -7.71 11.97 -4.31
CA GLY A 88 -7.54 13.40 -4.07
C GLY A 88 -6.43 13.66 -3.06
N GLN A 89 -6.70 14.61 -2.17
CA GLN A 89 -5.73 14.97 -1.15
C GLN A 89 -5.69 13.90 -0.05
N SER A 90 -6.87 13.59 0.47
CA SER A 90 -6.98 12.60 1.52
C SER A 90 -7.34 11.24 0.91
N VAL A 91 -6.32 10.46 0.62
CA VAL A 91 -6.52 9.14 0.04
C VAL A 91 -6.21 8.07 1.10
N THR A 92 -7.11 7.10 1.19
CA THR A 92 -6.94 6.02 2.15
C THR A 92 -6.40 4.77 1.45
N ILE A 93 -5.10 4.57 1.60
CA ILE A 93 -4.45 3.43 0.98
C ILE A 93 -4.31 2.32 2.03
N VAL A 94 -5.11 1.27 1.84
CA VAL A 94 -5.09 0.14 2.75
C VAL A 94 -4.19 -0.96 2.17
N ALA A 95 -2.97 -1.03 2.70
CA ALA A 95 -2.02 -2.02 2.26
C ALA A 95 -1.50 -2.82 3.46
N GLN A 96 -1.15 -4.07 3.20
CA GLN A 96 -0.65 -4.94 4.25
C GLN A 96 0.85 -5.20 4.04
N TYR A 97 1.60 -5.03 5.12
CA TYR A 97 3.03 -5.25 5.07
C TYR A 97 3.35 -6.71 4.71
N ARG A 98 3.59 -6.92 3.42
CA ARG A 98 3.90 -8.26 2.94
C ARG A 98 5.17 -8.23 2.08
N PRO A 99 6.34 -8.31 2.76
CA PRO A 99 7.61 -8.29 2.07
C PRO A 99 7.88 -9.62 1.38
N GLU A 100 7.17 -10.64 1.83
CA GLU A 100 7.32 -11.97 1.27
C GLU A 100 6.95 -11.96 -0.22
N GLU A 101 5.85 -11.30 -0.52
CA GLU A 101 5.38 -11.21 -1.89
C GLU A 101 6.33 -10.35 -2.73
N TYR A 102 6.44 -9.09 -2.32
CA TYR A 102 7.31 -8.15 -3.01
C TYR A 102 8.58 -8.84 -3.51
N SER A 103 9.05 -9.79 -2.69
CA SER A 103 10.26 -10.53 -3.03
C SER A 103 10.28 -10.82 -4.53
N ARG A 104 9.09 -11.08 -5.07
CA ARG A 104 8.97 -11.38 -6.48
C ARG A 104 9.52 -10.22 -7.33
N PHE A 105 9.05 -9.03 -7.01
CA PHE A 105 9.48 -7.84 -7.72
C PHE A 105 10.93 -7.49 -7.38
N GLU A 106 11.28 -7.74 -6.13
CA GLU A 106 12.64 -7.46 -5.67
C GLU A 106 13.66 -8.19 -6.53
N SER A 107 13.41 -9.49 -6.72
CA SER A 107 14.30 -10.31 -7.51
C SER A 107 14.11 -10.00 -9.00
N SER A 108 12.88 -10.20 -9.47
CA SER A 108 12.55 -9.95 -10.86
C SER A 108 13.52 -10.71 -11.77
N GLY A 109 13.06 -11.87 -12.21
CA GLY A 109 13.87 -12.70 -13.09
C GLY A 109 13.16 -12.96 -14.42
N PRO A 110 13.78 -13.83 -15.26
CA PRO A 110 13.21 -14.17 -16.55
C PRO A 110 12.03 -15.12 -16.39
N SER A 111 12.27 -16.21 -15.69
CA SER A 111 11.23 -17.20 -15.45
C SER A 111 11.75 -18.29 -14.51
N SER A 112 10.83 -19.13 -14.07
CA SER A 112 11.17 -20.20 -13.16
C SER A 112 9.99 -21.16 -13.01
N GLY A 113 8.87 -20.60 -12.55
CA GLY A 113 7.67 -21.39 -12.35
C GLY A 113 6.48 -20.48 -12.02
N GLY A 1 -31.76 -8.51 16.34
CA GLY A 1 -31.57 -7.85 17.62
C GLY A 1 -30.37 -6.89 17.56
N SER A 2 -29.63 -6.85 18.67
CA SER A 2 -28.47 -5.99 18.75
C SER A 2 -27.31 -6.73 19.42
N SER A 3 -26.14 -6.62 18.81
CA SER A 3 -24.95 -7.27 19.34
C SER A 3 -23.77 -6.30 19.32
N GLY A 4 -23.28 -5.98 20.51
CA GLY A 4 -22.16 -5.06 20.64
C GLY A 4 -20.85 -5.84 20.84
N SER A 5 -19.89 -5.52 19.99
CA SER A 5 -18.59 -6.16 20.07
C SER A 5 -17.85 -5.74 21.34
N SER A 6 -16.95 -6.60 21.79
CA SER A 6 -16.19 -6.32 22.98
C SER A 6 -15.20 -5.18 22.73
N GLY A 7 -14.30 -5.42 21.78
CA GLY A 7 -13.30 -4.43 21.42
C GLY A 7 -12.90 -4.56 19.95
N ARG A 8 -11.59 -4.59 19.73
CA ARG A 8 -11.08 -4.71 18.38
C ARG A 8 -9.93 -5.73 18.34
N PRO A 9 -9.82 -6.43 17.18
CA PRO A 9 -8.77 -7.42 17.00
C PRO A 9 -7.42 -6.76 16.76
N GLY A 10 -6.38 -7.40 17.27
CA GLY A 10 -5.03 -6.89 17.12
C GLY A 10 -4.04 -8.02 16.80
N GLY A 11 -2.86 -7.62 16.35
CA GLY A 11 -1.83 -8.58 16.01
C GLY A 11 -0.46 -7.90 15.91
N ASP A 12 0.43 -8.54 15.16
CA ASP A 12 1.77 -8.01 14.99
C ASP A 12 1.82 -7.19 13.70
N ALA A 13 0.69 -6.58 13.38
CA ALA A 13 0.59 -5.76 12.19
C ALA A 13 0.78 -6.64 10.95
N ARG A 14 -0.35 -7.14 10.46
CA ARG A 14 -0.33 -8.00 9.29
C ARG A 14 -1.37 -7.54 8.27
N GLU A 15 -2.62 -7.56 8.70
CA GLU A 15 -3.71 -7.15 7.84
C GLU A 15 -3.39 -5.81 7.18
N PRO A 16 -4.29 -5.39 6.23
CA PRO A 16 -4.11 -4.14 5.53
C PRO A 16 -4.44 -2.95 6.42
N ARG A 17 -3.41 -2.17 6.73
CA ARG A 17 -3.58 -1.01 7.58
C ARG A 17 -4.17 0.15 6.76
N LYS A 18 -5.21 0.75 7.33
CA LYS A 18 -5.86 1.87 6.67
C LYS A 18 -4.99 3.12 6.77
N ILE A 19 -4.25 3.37 5.69
CA ILE A 19 -3.36 4.52 5.65
C ILE A 19 -4.06 5.68 4.93
N ILE A 20 -3.83 6.87 5.44
CA ILE A 20 -4.43 8.06 4.85
C ILE A 20 -3.33 9.06 4.50
N LEU A 21 -2.86 8.98 3.27
CA LEU A 21 -1.81 9.87 2.80
C LEU A 21 -2.44 11.16 2.28
N HIS A 22 -1.81 12.28 2.62
CA HIS A 22 -2.30 13.58 2.20
C HIS A 22 -1.43 14.10 1.06
N LYS A 23 -1.90 13.88 -0.16
CA LYS A 23 -1.18 14.32 -1.34
C LYS A 23 -0.60 15.72 -1.08
N GLY A 24 0.71 15.78 -0.98
CA GLY A 24 1.39 17.04 -0.73
C GLY A 24 1.45 17.89 -2.01
N SER A 25 2.14 17.35 -3.00
CA SER A 25 2.29 18.03 -4.27
C SER A 25 2.86 17.08 -5.32
N THR A 26 3.96 16.43 -4.95
CA THR A 26 4.61 15.49 -5.85
C THR A 26 3.71 14.28 -6.09
N GLY A 27 3.17 13.75 -5.00
CA GLY A 27 2.30 12.58 -5.08
C GLY A 27 1.93 12.08 -3.68
N LEU A 28 1.84 10.76 -3.57
CA LEU A 28 1.51 10.14 -2.30
C LEU A 28 2.78 9.77 -1.56
N GLY A 29 3.90 9.90 -2.27
CA GLY A 29 5.20 9.57 -1.69
C GLY A 29 5.42 8.06 -1.66
N PHE A 30 5.04 7.41 -2.74
CA PHE A 30 5.19 5.97 -2.84
C PHE A 30 4.73 5.46 -4.20
N ASN A 31 5.36 4.38 -4.64
CA ASN A 31 5.03 3.79 -5.92
C ASN A 31 4.24 2.48 -5.69
N ILE A 32 3.76 1.93 -6.79
CA ILE A 32 3.00 0.69 -6.72
C ILE A 32 3.54 -0.29 -7.77
N VAL A 33 3.23 -1.56 -7.55
CA VAL A 33 3.67 -2.60 -8.46
C VAL A 33 2.59 -3.67 -8.58
N GLY A 34 2.84 -4.64 -9.44
CA GLY A 34 1.90 -5.73 -9.64
C GLY A 34 0.93 -5.40 -10.79
N GLY A 35 -0.18 -6.12 -10.81
CA GLY A 35 -1.18 -5.92 -11.84
C GLY A 35 -1.01 -6.93 -12.97
N GLU A 36 -0.25 -7.97 -12.69
CA GLU A 36 0.00 -9.01 -13.68
C GLU A 36 -0.67 -10.32 -13.26
N ASP A 37 -1.43 -10.88 -14.19
CA ASP A 37 -2.12 -12.13 -13.92
C ASP A 37 -2.82 -12.04 -12.56
N GLY A 38 -3.28 -10.84 -12.25
CA GLY A 38 -3.97 -10.61 -10.99
C GLY A 38 -3.21 -11.25 -9.83
N GLU A 39 -1.93 -10.91 -9.73
CA GLU A 39 -1.09 -11.45 -8.67
C GLU A 39 -1.24 -10.62 -7.40
N GLY A 40 -1.47 -9.33 -7.59
CA GLY A 40 -1.64 -8.42 -6.46
C GLY A 40 -0.93 -7.09 -6.72
N ILE A 41 -0.92 -6.25 -5.70
CA ILE A 41 -0.28 -4.96 -5.80
C ILE A 41 0.62 -4.73 -4.58
N PHE A 42 1.77 -4.13 -4.82
CA PHE A 42 2.71 -3.85 -3.76
C PHE A 42 3.48 -2.56 -4.03
N VAL A 43 3.91 -1.92 -2.96
CA VAL A 43 4.65 -0.68 -3.06
C VAL A 43 6.03 -0.97 -3.67
N SER A 44 6.42 -0.13 -4.61
CA SER A 44 7.72 -0.29 -5.27
C SER A 44 8.77 0.59 -4.57
N PHE A 45 8.29 1.70 -4.03
CA PHE A 45 9.18 2.63 -3.34
C PHE A 45 8.37 3.63 -2.51
N ILE A 46 9.08 4.31 -1.62
CA ILE A 46 8.46 5.30 -0.76
C ILE A 46 9.33 6.55 -0.70
N LEU A 47 8.76 7.65 -1.19
CA LEU A 47 9.48 8.92 -1.21
C LEU A 47 9.95 9.25 0.21
N ALA A 48 11.04 10.00 0.28
CA ALA A 48 11.59 10.40 1.56
C ALA A 48 11.03 11.77 1.96
N GLY A 49 10.18 11.74 2.97
CA GLY A 49 9.56 12.96 3.46
C GLY A 49 8.10 13.06 3.01
N GLY A 50 7.72 12.13 2.15
CA GLY A 50 6.36 12.09 1.65
C GLY A 50 5.37 11.71 2.74
N PRO A 51 4.07 11.62 2.34
CA PRO A 51 3.02 11.26 3.28
C PRO A 51 3.06 9.77 3.63
N ALA A 52 3.44 8.98 2.63
CA ALA A 52 3.53 7.54 2.81
C ALA A 52 4.72 7.22 3.70
N ASP A 53 5.66 8.16 3.76
CA ASP A 53 6.85 7.98 4.57
C ASP A 53 6.64 8.68 5.92
N LEU A 54 6.27 9.94 5.85
CA LEU A 54 6.04 10.72 7.06
C LEU A 54 5.03 9.99 7.95
N SER A 55 3.88 9.69 7.35
CA SER A 55 2.83 8.99 8.07
C SER A 55 3.44 7.96 9.03
N GLY A 56 4.48 7.30 8.55
CA GLY A 56 5.16 6.29 9.34
C GLY A 56 4.46 4.94 9.23
N GLU A 57 3.51 4.87 8.30
CA GLU A 57 2.76 3.65 8.08
C GLU A 57 3.26 2.95 6.81
N LEU A 58 2.96 3.57 5.68
CA LEU A 58 3.37 3.01 4.40
C LEU A 58 4.89 2.83 4.38
N ARG A 59 5.32 1.66 3.95
CA ARG A 59 6.73 1.35 3.88
C ARG A 59 7.03 0.49 2.66
N ARG A 60 8.20 0.71 2.08
CA ARG A 60 8.62 -0.05 0.92
C ARG A 60 8.49 -1.55 1.17
N GLY A 61 7.43 -2.12 0.62
CA GLY A 61 7.17 -3.55 0.78
C GLY A 61 5.80 -3.79 1.41
N ASP A 62 4.82 -3.07 0.90
CA ASP A 62 3.46 -3.19 1.41
C ASP A 62 2.53 -3.57 0.26
N ARG A 63 1.66 -4.53 0.53
CA ARG A 63 0.70 -4.99 -0.47
C ARG A 63 -0.53 -4.10 -0.48
N ILE A 64 -0.73 -3.42 -1.61
CA ILE A 64 -1.87 -2.53 -1.76
C ILE A 64 -3.13 -3.37 -1.98
N LEU A 65 -4.07 -3.21 -1.06
CA LEU A 65 -5.33 -3.93 -1.14
C LEU A 65 -6.35 -3.09 -1.90
N SER A 66 -6.58 -1.88 -1.39
CA SER A 66 -7.53 -0.97 -2.00
C SER A 66 -7.01 0.46 -1.91
N VAL A 67 -7.56 1.32 -2.76
CA VAL A 67 -7.17 2.71 -2.78
C VAL A 67 -8.41 3.60 -2.58
N ASN A 68 -8.40 4.29 -1.45
CA ASN A 68 -9.52 5.17 -1.12
C ASN A 68 -10.80 4.35 -1.03
N GLY A 69 -10.64 3.10 -0.62
CA GLY A 69 -11.78 2.21 -0.49
C GLY A 69 -12.19 1.64 -1.85
N VAL A 70 -11.18 1.32 -2.66
CA VAL A 70 -11.44 0.77 -3.98
C VAL A 70 -10.73 -0.58 -4.10
N ASN A 71 -11.53 -1.61 -4.30
CA ASN A 71 -11.00 -2.96 -4.44
C ASN A 71 -10.06 -3.01 -5.65
N LEU A 72 -8.81 -3.36 -5.37
CA LEU A 72 -7.81 -3.45 -6.42
C LEU A 72 -6.94 -4.69 -6.18
N ARG A 73 -7.44 -5.56 -5.33
CA ARG A 73 -6.73 -6.79 -5.01
C ARG A 73 -6.10 -7.38 -6.27
N ASN A 74 -6.94 -7.59 -7.27
CA ASN A 74 -6.49 -8.15 -8.53
C ASN A 74 -6.77 -7.16 -9.66
N ALA A 75 -6.14 -5.99 -9.55
CA ALA A 75 -6.31 -4.96 -10.54
C ALA A 75 -4.96 -4.68 -11.23
N THR A 76 -5.05 -4.24 -12.48
CA THR A 76 -3.85 -3.93 -13.25
C THR A 76 -3.11 -2.76 -12.62
N HIS A 77 -1.81 -2.72 -12.88
CA HIS A 77 -0.97 -1.66 -12.36
C HIS A 77 -1.65 -0.31 -12.59
N GLU A 78 -2.16 -0.14 -13.80
CA GLU A 78 -2.83 1.10 -14.17
C GLU A 78 -4.08 1.29 -13.31
N GLN A 79 -4.91 0.26 -13.28
CA GLN A 79 -6.14 0.30 -12.51
C GLN A 79 -5.83 0.68 -11.05
N ALA A 80 -4.62 0.38 -10.64
CA ALA A 80 -4.19 0.68 -9.28
C ALA A 80 -3.68 2.12 -9.22
N ALA A 81 -3.28 2.62 -10.38
CA ALA A 81 -2.78 3.98 -10.47
C ALA A 81 -3.94 4.94 -10.72
N ALA A 82 -4.79 4.55 -11.66
CA ALA A 82 -5.96 5.36 -12.00
C ALA A 82 -6.75 5.67 -10.74
N ALA A 83 -6.62 4.77 -9.77
CA ALA A 83 -7.32 4.93 -8.50
C ALA A 83 -6.70 6.07 -7.71
N LEU A 84 -5.45 6.37 -8.04
CA LEU A 84 -4.72 7.44 -7.37
C LEU A 84 -4.94 8.75 -8.13
N LYS A 85 -5.47 8.62 -9.34
CA LYS A 85 -5.73 9.78 -10.17
C LYS A 85 -7.17 10.26 -9.93
N ARG A 86 -7.98 9.34 -9.45
CA ARG A 86 -9.38 9.65 -9.17
C ARG A 86 -9.54 10.09 -7.71
N ALA A 87 -8.47 9.92 -6.95
CA ALA A 87 -8.48 10.29 -5.54
C ALA A 87 -8.47 11.82 -5.43
N GLY A 88 -7.76 12.29 -4.42
CA GLY A 88 -7.66 13.72 -4.18
C GLY A 88 -6.55 14.04 -3.18
N GLN A 89 -6.94 14.75 -2.12
CA GLN A 89 -5.99 15.11 -1.08
C GLN A 89 -5.93 14.03 -0.01
N SER A 90 -7.11 13.69 0.51
CA SER A 90 -7.21 12.68 1.54
C SER A 90 -7.59 11.33 0.92
N VAL A 91 -6.56 10.54 0.64
CA VAL A 91 -6.77 9.24 0.04
C VAL A 91 -6.45 8.15 1.07
N THR A 92 -7.37 7.20 1.18
CA THR A 92 -7.20 6.11 2.13
C THR A 92 -6.57 4.89 1.43
N ILE A 93 -5.28 4.73 1.64
CA ILE A 93 -4.56 3.63 1.04
C ILE A 93 -4.47 2.48 2.05
N VAL A 94 -5.18 1.40 1.74
CA VAL A 94 -5.18 0.23 2.61
C VAL A 94 -4.28 -0.85 2.01
N ALA A 95 -3.08 -0.95 2.57
CA ALA A 95 -2.13 -1.93 2.10
C ALA A 95 -1.50 -2.65 3.30
N GLN A 96 -1.09 -3.89 3.07
CA GLN A 96 -0.48 -4.68 4.12
C GLN A 96 1.04 -4.49 4.11
N TYR A 97 1.64 -4.73 5.27
CA TYR A 97 3.07 -4.59 5.41
C TYR A 97 3.77 -5.96 5.34
N ARG A 98 3.86 -6.48 4.13
CA ARG A 98 4.49 -7.77 3.92
C ARG A 98 5.70 -7.62 2.98
N PRO A 99 6.87 -7.37 3.60
CA PRO A 99 8.09 -7.20 2.83
C PRO A 99 8.62 -8.55 2.33
N GLU A 100 8.09 -9.61 2.93
CA GLU A 100 8.50 -10.96 2.55
C GLU A 100 7.96 -11.30 1.15
N GLU A 101 6.75 -10.84 0.89
CA GLU A 101 6.11 -11.08 -0.39
C GLU A 101 6.72 -10.16 -1.46
N TYR A 102 6.66 -8.87 -1.18
CA TYR A 102 7.20 -7.88 -2.10
C TYR A 102 8.53 -8.33 -2.68
N SER A 103 9.30 -9.02 -1.85
CA SER A 103 10.61 -9.52 -2.27
C SER A 103 10.49 -10.21 -3.61
N ARG A 104 9.33 -10.82 -3.84
CA ARG A 104 9.08 -11.52 -5.09
C ARG A 104 9.23 -10.57 -6.27
N PHE A 105 9.05 -9.28 -6.00
CA PHE A 105 9.16 -8.27 -7.03
C PHE A 105 10.57 -7.68 -7.06
N GLU A 106 11.04 -7.28 -5.89
CA GLU A 106 12.37 -6.69 -5.78
C GLU A 106 13.37 -7.50 -6.61
N SER A 107 13.11 -8.80 -6.69
CA SER A 107 13.98 -9.68 -7.44
C SER A 107 13.69 -9.56 -8.94
N SER A 108 12.45 -9.85 -9.30
CA SER A 108 12.03 -9.77 -10.68
C SER A 108 12.71 -10.88 -11.49
N GLY A 109 11.94 -11.92 -11.78
CA GLY A 109 12.45 -13.04 -12.54
C GLY A 109 13.60 -13.73 -11.80
N PRO A 110 14.48 -14.40 -12.60
CA PRO A 110 15.62 -15.10 -12.03
C PRO A 110 16.71 -14.12 -11.61
N SER A 111 17.67 -14.63 -10.85
CA SER A 111 18.77 -13.82 -10.37
C SER A 111 19.89 -13.78 -11.41
N SER A 112 20.53 -12.64 -11.50
CA SER A 112 21.62 -12.46 -12.45
C SER A 112 22.58 -11.38 -11.96
N GLY A 113 23.74 -11.34 -12.58
CA GLY A 113 24.76 -10.35 -12.22
C GLY A 113 26.01 -10.51 -13.08
N GLY A 1 -30.20 -5.13 33.77
CA GLY A 1 -28.84 -5.65 33.80
C GLY A 1 -28.03 -5.12 32.62
N SER A 2 -27.34 -4.00 32.85
CA SER A 2 -26.53 -3.40 31.81
C SER A 2 -25.13 -3.10 32.36
N SER A 3 -24.18 -3.04 31.44
CA SER A 3 -22.80 -2.76 31.81
C SER A 3 -22.06 -2.13 30.63
N GLY A 4 -21.94 -2.89 29.56
CA GLY A 4 -21.26 -2.42 28.37
C GLY A 4 -20.18 -3.41 27.92
N SER A 5 -19.10 -3.45 28.70
CA SER A 5 -17.99 -4.34 28.40
C SER A 5 -17.45 -4.04 27.00
N SER A 6 -16.25 -4.54 26.75
CA SER A 6 -15.61 -4.34 25.46
C SER A 6 -14.28 -5.09 25.41
N GLY A 7 -13.73 -5.18 24.21
CA GLY A 7 -12.47 -5.88 24.01
C GLY A 7 -11.88 -5.57 22.64
N ARG A 8 -10.55 -5.60 22.57
CA ARG A 8 -9.86 -5.33 21.32
C ARG A 8 -8.85 -6.44 21.03
N PRO A 9 -8.75 -6.79 19.72
CA PRO A 9 -7.83 -7.82 19.29
C PRO A 9 -6.38 -7.31 19.30
N GLY A 10 -5.49 -8.14 18.78
CA GLY A 10 -4.08 -7.78 18.73
C GLY A 10 -3.48 -8.12 17.36
N GLY A 11 -2.28 -8.64 17.39
CA GLY A 11 -1.58 -9.01 16.16
C GLY A 11 -0.25 -8.27 16.04
N ASP A 12 0.62 -8.82 15.20
CA ASP A 12 1.94 -8.22 14.99
C ASP A 12 1.89 -7.34 13.74
N ALA A 13 0.69 -6.88 13.42
CA ALA A 13 0.51 -6.03 12.26
C ALA A 13 0.66 -6.87 10.99
N ARG A 14 -0.42 -7.53 10.61
CA ARG A 14 -0.42 -8.36 9.42
C ARG A 14 -1.58 -7.99 8.50
N GLU A 15 -2.79 -8.03 9.06
CA GLU A 15 -3.97 -7.71 8.31
C GLU A 15 -3.77 -6.38 7.55
N PRO A 16 -4.77 -6.05 6.70
CA PRO A 16 -4.72 -4.83 5.92
C PRO A 16 -4.99 -3.60 6.79
N ARG A 17 -3.98 -2.76 6.90
CA ARG A 17 -4.09 -1.55 7.70
C ARG A 17 -4.61 -0.39 6.84
N LYS A 18 -4.88 0.73 7.51
CA LYS A 18 -5.37 1.90 6.82
C LYS A 18 -4.28 2.99 6.84
N ILE A 19 -3.91 3.42 5.63
CA ILE A 19 -2.90 4.46 5.50
C ILE A 19 -3.50 5.66 4.77
N ILE A 20 -3.82 6.69 5.55
CA ILE A 20 -4.38 7.89 5.00
C ILE A 20 -3.27 8.89 4.69
N LEU A 21 -2.89 8.95 3.44
CA LEU A 21 -1.84 9.85 3.00
C LEU A 21 -2.47 11.11 2.39
N HIS A 22 -1.97 12.26 2.83
CA HIS A 22 -2.47 13.53 2.34
C HIS A 22 -1.57 14.03 1.21
N LYS A 23 -2.09 13.92 0.00
CA LYS A 23 -1.35 14.37 -1.17
C LYS A 23 -0.67 15.69 -0.87
N GLY A 24 0.65 15.64 -0.77
CA GLY A 24 1.44 16.83 -0.49
C GLY A 24 1.50 17.74 -1.71
N SER A 25 2.08 17.22 -2.78
CA SER A 25 2.20 17.98 -4.02
C SER A 25 2.41 17.02 -5.20
N THR A 26 3.45 16.21 -5.09
CA THR A 26 3.76 15.25 -6.14
C THR A 26 2.74 14.13 -6.15
N GLY A 27 2.52 13.54 -4.98
CA GLY A 27 1.56 12.46 -4.86
C GLY A 27 1.44 12.01 -3.40
N LEU A 28 1.42 10.69 -3.22
CA LEU A 28 1.30 10.12 -1.89
C LEU A 28 2.70 9.84 -1.33
N GLY A 29 3.69 9.96 -2.21
CA GLY A 29 5.06 9.71 -1.83
C GLY A 29 5.36 8.21 -1.75
N PHE A 30 4.89 7.50 -2.78
CA PHE A 30 5.11 6.06 -2.84
C PHE A 30 4.73 5.51 -4.22
N ASN A 31 5.44 4.47 -4.62
CA ASN A 31 5.20 3.84 -5.91
C ASN A 31 4.38 2.57 -5.70
N ILE A 32 3.99 1.96 -6.81
CA ILE A 32 3.21 0.74 -6.77
C ILE A 32 3.73 -0.23 -7.83
N VAL A 33 3.44 -1.50 -7.62
CA VAL A 33 3.87 -2.54 -8.54
C VAL A 33 2.78 -3.60 -8.65
N GLY A 34 3.03 -4.58 -9.53
CA GLY A 34 2.08 -5.65 -9.74
C GLY A 34 1.32 -5.46 -11.05
N GLY A 35 0.19 -6.15 -11.15
CA GLY A 35 -0.64 -6.07 -12.33
C GLY A 35 -0.38 -7.25 -13.28
N GLU A 36 -0.01 -8.37 -12.67
CA GLU A 36 0.28 -9.57 -13.44
C GLU A 36 -0.60 -10.73 -12.95
N ASP A 37 -1.31 -11.32 -13.90
CA ASP A 37 -2.19 -12.44 -13.58
C ASP A 37 -2.94 -12.14 -12.28
N GLY A 38 -3.19 -10.85 -12.07
CA GLY A 38 -3.91 -10.43 -10.88
C GLY A 38 -3.30 -11.04 -9.62
N GLU A 39 -2.00 -10.80 -9.45
CA GLU A 39 -1.30 -11.33 -8.30
C GLU A 39 -1.49 -10.41 -7.10
N GLY A 40 -1.55 -9.12 -7.38
CA GLY A 40 -1.73 -8.13 -6.33
C GLY A 40 -0.81 -6.93 -6.54
N ILE A 41 -1.16 -5.83 -5.90
CA ILE A 41 -0.39 -4.61 -6.00
C ILE A 41 0.50 -4.47 -4.76
N PHE A 42 1.68 -3.90 -4.98
CA PHE A 42 2.63 -3.70 -3.89
C PHE A 42 3.39 -2.38 -4.06
N VAL A 43 3.98 -1.93 -2.96
CA VAL A 43 4.73 -0.69 -2.98
C VAL A 43 6.12 -0.95 -3.56
N SER A 44 6.53 -0.08 -4.47
CA SER A 44 7.83 -0.20 -5.11
C SER A 44 8.84 0.70 -4.41
N PHE A 45 8.32 1.72 -3.74
CA PHE A 45 9.18 2.65 -3.03
C PHE A 45 8.33 3.70 -2.31
N ILE A 46 9.00 4.44 -1.43
CA ILE A 46 8.32 5.47 -0.65
C ILE A 46 9.17 6.74 -0.68
N LEU A 47 8.58 7.81 -1.19
CA LEU A 47 9.27 9.09 -1.27
C LEU A 47 9.76 9.49 0.12
N ALA A 48 10.98 10.01 0.15
CA ALA A 48 11.57 10.43 1.40
C ALA A 48 10.99 11.80 1.81
N GLY A 49 10.33 11.80 2.95
CA GLY A 49 9.72 13.03 3.45
C GLY A 49 8.26 13.13 3.02
N GLY A 50 7.89 12.25 2.10
CA GLY A 50 6.53 12.24 1.59
C GLY A 50 5.53 11.89 2.70
N PRO A 51 4.23 11.84 2.30
CA PRO A 51 3.18 11.52 3.24
C PRO A 51 3.17 10.03 3.58
N ALA A 52 3.61 9.24 2.61
CA ALA A 52 3.66 7.80 2.79
C ALA A 52 4.79 7.45 3.76
N ASP A 53 5.84 8.26 3.72
CA ASP A 53 6.98 8.05 4.59
C ASP A 53 6.70 8.69 5.96
N LEU A 54 6.46 9.99 5.91
CA LEU A 54 6.17 10.73 7.13
C LEU A 54 5.16 9.95 7.97
N SER A 55 4.08 9.56 7.33
CA SER A 55 3.03 8.81 8.01
C SER A 55 3.64 7.65 8.79
N GLY A 56 4.57 6.96 8.14
CA GLY A 56 5.23 5.83 8.77
C GLY A 56 4.45 4.54 8.54
N GLU A 57 3.18 4.70 8.20
CA GLU A 57 2.31 3.57 7.96
C GLU A 57 2.68 2.89 6.63
N LEU A 58 2.71 3.70 5.58
CA LEU A 58 3.04 3.20 4.26
C LEU A 58 4.56 3.03 4.15
N ARG A 59 4.97 1.80 3.84
CA ARG A 59 6.38 1.50 3.70
C ARG A 59 6.60 0.51 2.56
N ARG A 60 7.75 0.63 1.92
CA ARG A 60 8.10 -0.24 0.81
C ARG A 60 7.99 -1.71 1.25
N GLY A 61 7.21 -2.46 0.49
CA GLY A 61 7.02 -3.88 0.79
C GLY A 61 5.53 -4.19 1.00
N ASP A 62 4.79 -3.15 1.37
CA ASP A 62 3.36 -3.31 1.60
C ASP A 62 2.69 -3.83 0.34
N ARG A 63 1.49 -4.37 0.53
CA ARG A 63 0.74 -4.92 -0.59
C ARG A 63 -0.57 -4.14 -0.76
N ILE A 64 -0.53 -3.17 -1.66
CA ILE A 64 -1.69 -2.35 -1.93
C ILE A 64 -2.89 -3.26 -2.25
N LEU A 65 -3.97 -3.03 -1.53
CA LEU A 65 -5.18 -3.81 -1.72
C LEU A 65 -6.28 -2.91 -2.31
N SER A 66 -6.44 -1.75 -1.70
CA SER A 66 -7.45 -0.81 -2.14
C SER A 66 -6.96 0.63 -1.88
N VAL A 67 -7.43 1.53 -2.72
CA VAL A 67 -7.06 2.93 -2.60
C VAL A 67 -8.33 3.78 -2.51
N ASN A 68 -8.49 4.41 -1.35
CA ASN A 68 -9.66 5.26 -1.13
C ASN A 68 -10.92 4.41 -1.20
N GLY A 69 -10.87 3.24 -0.57
CA GLY A 69 -12.00 2.34 -0.56
C GLY A 69 -12.32 1.85 -1.98
N VAL A 70 -11.27 1.46 -2.69
CA VAL A 70 -11.42 0.97 -4.05
C VAL A 70 -10.78 -0.40 -4.17
N ASN A 71 -11.59 -1.39 -4.50
CA ASN A 71 -11.12 -2.75 -4.65
C ASN A 71 -10.16 -2.81 -5.85
N LEU A 72 -8.91 -3.12 -5.54
CA LEU A 72 -7.89 -3.22 -6.57
C LEU A 72 -7.02 -4.44 -6.30
N ARG A 73 -7.54 -5.34 -5.49
CA ARG A 73 -6.83 -6.56 -5.15
C ARG A 73 -6.12 -7.13 -6.38
N ASN A 74 -6.92 -7.63 -7.31
CA ASN A 74 -6.39 -8.19 -8.53
C ASN A 74 -6.60 -7.21 -9.68
N ALA A 75 -6.15 -5.99 -9.46
CA ALA A 75 -6.27 -4.95 -10.47
C ALA A 75 -4.91 -4.71 -11.13
N THR A 76 -4.98 -4.35 -12.41
CA THR A 76 -3.76 -4.11 -13.17
C THR A 76 -3.02 -2.89 -12.61
N HIS A 77 -1.74 -2.81 -12.94
CA HIS A 77 -0.91 -1.70 -12.48
C HIS A 77 -1.63 -0.37 -12.74
N GLU A 78 -2.32 -0.32 -13.88
CA GLU A 78 -3.04 0.87 -14.26
C GLU A 78 -4.28 1.04 -13.38
N GLN A 79 -5.08 0.00 -13.33
CA GLN A 79 -6.30 0.01 -12.53
C GLN A 79 -5.99 0.52 -11.12
N ALA A 80 -4.83 0.15 -10.63
CA ALA A 80 -4.41 0.57 -9.30
C ALA A 80 -4.00 2.03 -9.33
N ALA A 81 -3.53 2.46 -10.49
CA ALA A 81 -3.10 3.84 -10.66
C ALA A 81 -4.33 4.72 -10.91
N ALA A 82 -5.31 4.14 -11.60
CA ALA A 82 -6.53 4.86 -11.91
C ALA A 82 -7.12 5.41 -10.61
N ALA A 83 -6.72 4.81 -9.51
CA ALA A 83 -7.21 5.22 -8.20
C ALA A 83 -6.40 6.44 -7.72
N LEU A 84 -5.09 6.29 -7.82
CA LEU A 84 -4.19 7.36 -7.40
C LEU A 84 -4.51 8.64 -8.17
N LYS A 85 -5.23 8.46 -9.28
CA LYS A 85 -5.62 9.57 -10.11
C LYS A 85 -6.86 10.24 -9.52
N ARG A 86 -7.82 9.41 -9.14
CA ARG A 86 -9.06 9.90 -8.54
C ARG A 86 -8.88 10.13 -7.05
N ALA A 87 -7.73 9.71 -6.55
CA ALA A 87 -7.43 9.86 -5.13
C ALA A 87 -7.27 11.35 -4.81
N GLY A 88 -8.22 11.86 -4.04
CA GLY A 88 -8.20 13.26 -3.66
C GLY A 88 -7.12 13.52 -2.61
N GLN A 89 -7.25 14.64 -1.92
CA GLN A 89 -6.29 15.02 -0.90
C GLN A 89 -6.17 13.90 0.14
N SER A 90 -7.31 13.48 0.66
CA SER A 90 -7.34 12.43 1.66
C SER A 90 -7.57 11.08 0.99
N VAL A 91 -6.49 10.36 0.76
CA VAL A 91 -6.56 9.05 0.13
C VAL A 91 -6.35 7.96 1.19
N THR A 92 -7.21 6.96 1.12
CA THR A 92 -7.12 5.86 2.07
C THR A 92 -6.46 4.65 1.42
N ILE A 93 -5.19 4.45 1.74
CA ILE A 93 -4.44 3.34 1.19
C ILE A 93 -4.49 2.17 2.17
N VAL A 94 -5.07 1.07 1.71
CA VAL A 94 -5.18 -0.12 2.54
C VAL A 94 -4.27 -1.21 1.96
N ALA A 95 -3.13 -1.39 2.62
CA ALA A 95 -2.17 -2.39 2.19
C ALA A 95 -1.75 -3.24 3.39
N GLN A 96 -1.29 -4.45 3.09
CA GLN A 96 -0.86 -5.37 4.13
C GLN A 96 0.67 -5.43 4.18
N TYR A 97 1.22 -4.85 5.24
CA TYR A 97 2.66 -4.84 5.41
C TYR A 97 3.24 -6.26 5.31
N ARG A 98 3.61 -6.61 4.09
CA ARG A 98 4.18 -7.93 3.84
C ARG A 98 5.46 -7.81 3.02
N PRO A 99 6.60 -7.67 3.74
CA PRO A 99 7.89 -7.54 3.08
C PRO A 99 8.36 -8.90 2.54
N GLU A 100 7.75 -9.95 3.05
CA GLU A 100 8.10 -11.30 2.64
C GLU A 100 7.68 -11.53 1.18
N GLU A 101 6.53 -10.95 0.84
CA GLU A 101 6.02 -11.09 -0.52
C GLU A 101 6.83 -10.22 -1.48
N TYR A 102 6.79 -8.91 -1.22
CA TYR A 102 7.51 -7.97 -2.06
C TYR A 102 8.86 -8.52 -2.48
N SER A 103 9.39 -9.39 -1.63
CA SER A 103 10.69 -10.00 -1.90
C SER A 103 10.82 -10.31 -3.40
N ARG A 104 9.75 -10.86 -3.95
CA ARG A 104 9.74 -11.19 -5.36
C ARG A 104 10.18 -10.00 -6.20
N PHE A 105 9.51 -8.87 -5.99
CA PHE A 105 9.82 -7.66 -6.72
C PHE A 105 11.22 -7.16 -6.36
N GLU A 106 11.58 -7.33 -5.09
CA GLU A 106 12.88 -6.90 -4.61
C GLU A 106 13.99 -7.49 -5.48
N SER A 107 13.97 -8.81 -5.61
CA SER A 107 14.96 -9.50 -6.40
C SER A 107 14.94 -8.99 -7.84
N SER A 108 13.79 -9.20 -8.49
CA SER A 108 13.62 -8.75 -9.86
C SER A 108 12.24 -8.13 -10.04
N GLY A 109 12.23 -6.85 -10.37
CA GLY A 109 10.99 -6.13 -10.58
C GLY A 109 11.13 -5.10 -11.69
N PRO A 110 10.27 -4.04 -11.62
CA PRO A 110 10.30 -2.99 -12.62
C PRO A 110 11.50 -2.06 -12.41
N SER A 111 12.68 -2.61 -12.70
CA SER A 111 13.91 -1.85 -12.55
C SER A 111 15.04 -2.53 -13.33
N SER A 112 15.25 -3.80 -13.02
CA SER A 112 16.29 -4.57 -13.68
C SER A 112 17.66 -3.98 -13.36
N GLY A 113 18.67 -4.84 -13.37
CA GLY A 113 20.03 -4.41 -13.10
C GLY A 113 20.48 -4.91 -11.71
N GLY A 1 -23.28 -15.10 38.52
CA GLY A 1 -22.48 -14.11 37.81
C GLY A 1 -21.20 -14.75 37.26
N SER A 2 -20.45 -13.96 36.50
CA SER A 2 -19.22 -14.43 35.92
C SER A 2 -18.47 -13.26 35.27
N SER A 3 -17.18 -13.47 35.05
CA SER A 3 -16.34 -12.45 34.43
C SER A 3 -15.80 -12.96 33.11
N GLY A 4 -15.24 -12.03 32.34
CA GLY A 4 -14.68 -12.37 31.04
C GLY A 4 -13.18 -12.02 30.99
N SER A 5 -12.73 -11.70 29.79
CA SER A 5 -11.33 -11.35 29.59
C SER A 5 -11.15 -10.62 28.26
N SER A 6 -9.95 -10.10 28.07
CA SER A 6 -9.64 -9.38 26.84
C SER A 6 -8.42 -9.99 26.16
N GLY A 7 -8.56 -10.25 24.88
CA GLY A 7 -7.47 -10.83 24.11
C GLY A 7 -6.57 -9.75 23.52
N ARG A 8 -5.59 -10.19 22.74
CA ARG A 8 -4.65 -9.28 22.12
C ARG A 8 -5.08 -8.97 20.68
N PRO A 9 -5.12 -7.65 20.36
CA PRO A 9 -5.51 -7.21 19.03
C PRO A 9 -4.39 -7.47 18.02
N GLY A 10 -4.79 -7.97 16.85
CA GLY A 10 -3.83 -8.26 15.81
C GLY A 10 -2.63 -9.02 16.35
N GLY A 11 -1.63 -9.20 15.48
CA GLY A 11 -0.43 -9.91 15.87
C GLY A 11 0.81 -9.02 15.68
N ASP A 12 1.40 -9.12 14.51
CA ASP A 12 2.59 -8.34 14.21
C ASP A 12 2.31 -7.46 12.97
N ALA A 13 1.03 -7.14 12.79
CA ALA A 13 0.63 -6.33 11.66
C ALA A 13 0.90 -7.08 10.36
N ARG A 14 -0.08 -7.88 9.96
CA ARG A 14 0.04 -8.66 8.74
C ARG A 14 -1.03 -8.24 7.74
N GLU A 15 -2.28 -8.41 8.14
CA GLU A 15 -3.39 -8.05 7.28
C GLU A 15 -3.21 -6.63 6.74
N PRO A 16 -4.14 -6.24 5.83
CA PRO A 16 -4.09 -4.93 5.23
C PRO A 16 -4.57 -3.86 6.21
N ARG A 17 -3.68 -2.90 6.47
CA ARG A 17 -4.00 -1.81 7.38
C ARG A 17 -4.55 -0.61 6.62
N LYS A 18 -4.94 0.40 7.37
CA LYS A 18 -5.49 1.61 6.78
C LYS A 18 -4.45 2.73 6.88
N ILE A 19 -4.16 3.32 5.73
CA ILE A 19 -3.19 4.41 5.67
C ILE A 19 -3.79 5.57 4.88
N ILE A 20 -3.80 6.74 5.51
CA ILE A 20 -4.33 7.93 4.87
C ILE A 20 -3.18 8.89 4.57
N LEU A 21 -2.80 8.92 3.30
CA LEU A 21 -1.71 9.80 2.87
C LEU A 21 -2.31 11.07 2.24
N HIS A 22 -1.72 12.19 2.62
CA HIS A 22 -2.18 13.47 2.11
C HIS A 22 -1.26 13.93 0.97
N LYS A 23 -1.75 13.75 -0.24
CA LYS A 23 -0.99 14.14 -1.43
C LYS A 23 -0.29 15.46 -1.16
N GLY A 24 1.03 15.41 -1.11
CA GLY A 24 1.83 16.60 -0.87
C GLY A 24 2.27 17.25 -2.18
N SER A 25 3.19 16.58 -2.85
CA SER A 25 3.71 17.08 -4.12
C SER A 25 3.13 16.25 -5.28
N THR A 26 1.84 16.40 -5.49
CA THR A 26 1.17 15.67 -6.56
C THR A 26 1.49 14.18 -6.46
N GLY A 27 1.34 13.64 -5.26
CA GLY A 27 1.62 12.23 -5.04
C GLY A 27 1.50 11.89 -3.55
N LEU A 28 1.31 10.60 -3.29
CA LEU A 28 1.18 10.12 -1.92
C LEU A 28 2.57 9.92 -1.32
N GLY A 29 3.57 10.00 -2.19
CA GLY A 29 4.94 9.83 -1.76
C GLY A 29 5.31 8.34 -1.69
N PHE A 30 4.92 7.62 -2.72
CA PHE A 30 5.20 6.19 -2.78
C PHE A 30 4.90 5.63 -4.16
N ASN A 31 5.70 4.65 -4.57
CA ASN A 31 5.52 4.02 -5.86
C ASN A 31 4.70 2.74 -5.70
N ILE A 32 4.35 2.16 -6.83
CA ILE A 32 3.56 0.93 -6.83
C ILE A 32 4.08 -0.01 -7.92
N VAL A 33 3.92 -1.30 -7.67
CA VAL A 33 4.37 -2.31 -8.62
C VAL A 33 3.32 -3.43 -8.71
N GLY A 34 3.61 -4.40 -9.55
CA GLY A 34 2.71 -5.52 -9.74
C GLY A 34 1.32 -5.03 -10.15
N GLY A 35 0.52 -5.98 -10.63
CA GLY A 35 -0.83 -5.67 -11.06
C GLY A 35 -1.12 -6.26 -12.44
N GLU A 36 -1.12 -7.59 -12.49
CA GLU A 36 -1.37 -8.29 -13.74
C GLU A 36 -2.36 -9.45 -13.51
N ASP A 37 -3.57 -9.25 -14.01
CA ASP A 37 -4.61 -10.26 -13.87
C ASP A 37 -5.03 -10.35 -12.39
N GLY A 38 -4.08 -10.80 -11.58
CA GLY A 38 -4.33 -10.94 -10.15
C GLY A 38 -3.03 -11.20 -9.39
N GLU A 39 -1.94 -10.70 -9.95
CA GLU A 39 -0.64 -10.87 -9.33
C GLU A 39 -0.65 -10.34 -7.90
N GLY A 40 -0.46 -9.03 -7.78
CA GLY A 40 -0.46 -8.39 -6.48
C GLY A 40 0.34 -7.08 -6.52
N ILE A 41 -0.33 -6.01 -6.12
CA ILE A 41 0.30 -4.70 -6.10
C ILE A 41 1.26 -4.62 -4.91
N PHE A 42 2.22 -3.71 -5.02
CA PHE A 42 3.19 -3.51 -3.96
C PHE A 42 3.95 -2.20 -4.14
N VAL A 43 4.33 -1.62 -3.01
CA VAL A 43 5.06 -0.36 -3.03
C VAL A 43 6.49 -0.59 -3.52
N SER A 44 6.87 0.19 -4.52
CA SER A 44 8.20 0.07 -5.10
C SER A 44 9.17 1.00 -4.37
N PHE A 45 8.59 1.96 -3.65
CA PHE A 45 9.39 2.91 -2.90
C PHE A 45 8.49 3.94 -2.19
N ILE A 46 9.09 4.63 -1.23
CA ILE A 46 8.36 5.63 -0.47
C ILE A 46 9.17 6.92 -0.43
N LEU A 47 8.68 7.92 -1.14
CA LEU A 47 9.35 9.21 -1.18
C LEU A 47 9.89 9.56 0.22
N ALA A 48 10.92 10.39 0.23
CA ALA A 48 11.54 10.80 1.47
C ALA A 48 10.91 12.11 1.94
N GLY A 49 10.26 12.04 3.09
CA GLY A 49 9.60 13.22 3.66
C GLY A 49 8.14 13.29 3.22
N GLY A 50 7.78 12.39 2.31
CA GLY A 50 6.41 12.36 1.80
C GLY A 50 5.44 11.94 2.90
N PRO A 51 4.14 11.89 2.52
CA PRO A 51 3.09 11.50 3.45
C PRO A 51 3.12 10.00 3.73
N ALA A 52 3.47 9.25 2.70
CA ALA A 52 3.54 7.81 2.81
C ALA A 52 4.72 7.43 3.71
N ASP A 53 5.73 8.29 3.71
CA ASP A 53 6.91 8.05 4.52
C ASP A 53 6.68 8.64 5.91
N LEU A 54 6.42 9.94 5.94
CA LEU A 54 6.19 10.63 7.19
C LEU A 54 5.22 9.83 8.05
N SER A 55 4.12 9.44 7.44
CA SER A 55 3.11 8.66 8.13
C SER A 55 3.76 7.53 8.93
N GLY A 56 4.70 6.86 8.27
CA GLY A 56 5.40 5.75 8.90
C GLY A 56 4.68 4.43 8.67
N GLU A 57 3.37 4.53 8.50
CA GLU A 57 2.55 3.36 8.28
C GLU A 57 2.90 2.72 6.93
N LEU A 58 2.78 3.52 5.89
CA LEU A 58 3.08 3.05 4.54
C LEU A 58 4.58 2.77 4.43
N ARG A 59 4.89 1.54 4.05
CA ARG A 59 6.28 1.13 3.90
C ARG A 59 6.43 0.24 2.67
N ARG A 60 7.56 0.42 1.98
CA ARG A 60 7.83 -0.36 0.79
C ARG A 60 7.62 -1.85 1.07
N GLY A 61 6.86 -2.48 0.20
CA GLY A 61 6.57 -3.90 0.34
C GLY A 61 5.08 -4.14 0.61
N ASP A 62 4.45 -3.13 1.18
CA ASP A 62 3.03 -3.22 1.49
C ASP A 62 2.23 -3.29 0.19
N ARG A 63 1.39 -4.30 0.10
CA ARG A 63 0.57 -4.50 -1.08
C ARG A 63 -0.68 -3.60 -1.01
N ILE A 64 -0.89 -2.85 -2.08
CA ILE A 64 -2.04 -1.96 -2.15
C ILE A 64 -3.31 -2.78 -2.36
N LEU A 65 -3.89 -3.20 -1.23
CA LEU A 65 -5.11 -3.99 -1.28
C LEU A 65 -6.23 -3.16 -1.90
N SER A 66 -6.47 -2.00 -1.30
CA SER A 66 -7.49 -1.10 -1.78
C SER A 66 -7.05 0.35 -1.61
N VAL A 67 -7.58 1.20 -2.49
CA VAL A 67 -7.24 2.62 -2.45
C VAL A 67 -8.53 3.44 -2.42
N ASN A 68 -8.51 4.51 -1.64
CA ASN A 68 -9.66 5.38 -1.52
C ASN A 68 -10.93 4.54 -1.49
N GLY A 69 -10.79 3.33 -0.97
CA GLY A 69 -11.91 2.41 -0.87
C GLY A 69 -12.23 1.79 -2.24
N VAL A 70 -11.22 1.20 -2.85
CA VAL A 70 -11.39 0.58 -4.15
C VAL A 70 -10.82 -0.84 -4.11
N ASN A 71 -11.45 -1.72 -4.86
CA ASN A 71 -11.03 -3.11 -4.91
C ASN A 71 -9.98 -3.27 -6.01
N LEU A 72 -8.76 -3.55 -5.59
CA LEU A 72 -7.65 -3.73 -6.52
C LEU A 72 -7.02 -5.10 -6.29
N ARG A 73 -7.61 -5.85 -5.38
CA ARG A 73 -7.12 -7.17 -5.05
C ARG A 73 -6.64 -7.88 -6.32
N ASN A 74 -7.58 -8.08 -7.24
CA ASN A 74 -7.27 -8.74 -8.49
C ASN A 74 -7.27 -7.70 -9.63
N ALA A 75 -6.71 -6.55 -9.33
CA ALA A 75 -6.64 -5.47 -10.31
C ALA A 75 -5.25 -5.47 -10.96
N THR A 76 -5.15 -4.74 -12.06
CA THR A 76 -3.90 -4.64 -12.79
C THR A 76 -3.01 -3.57 -12.15
N HIS A 77 -1.99 -3.17 -12.91
CA HIS A 77 -1.05 -2.17 -12.44
C HIS A 77 -1.64 -0.78 -12.66
N GLU A 78 -2.18 -0.58 -13.86
CA GLU A 78 -2.78 0.70 -14.21
C GLU A 78 -4.03 0.95 -13.37
N GLN A 79 -4.78 -0.13 -13.14
CA GLN A 79 -5.99 -0.03 -12.35
C GLN A 79 -5.68 0.49 -10.95
N ALA A 80 -4.59 -0.01 -10.39
CA ALA A 80 -4.17 0.40 -9.06
C ALA A 80 -3.73 1.87 -9.10
N ALA A 81 -3.21 2.26 -10.26
CA ALA A 81 -2.74 3.62 -10.43
C ALA A 81 -3.94 4.54 -10.69
N ALA A 82 -4.82 4.08 -11.57
CA ALA A 82 -6.00 4.84 -11.90
C ALA A 82 -6.81 5.13 -10.64
N ALA A 83 -6.51 4.36 -9.60
CA ALA A 83 -7.18 4.52 -8.32
C ALA A 83 -6.52 5.65 -7.53
N LEU A 84 -5.32 6.00 -7.97
CA LEU A 84 -4.57 7.06 -7.31
C LEU A 84 -4.78 8.38 -8.06
N LYS A 85 -5.29 8.25 -9.28
CA LYS A 85 -5.55 9.42 -10.11
C LYS A 85 -6.99 9.87 -9.90
N ARG A 86 -7.79 8.98 -9.33
CA ARG A 86 -9.18 9.28 -9.06
C ARG A 86 -9.35 9.81 -7.63
N ALA A 87 -8.31 9.60 -6.84
CA ALA A 87 -8.34 10.05 -5.45
C ALA A 87 -8.21 11.58 -5.41
N GLY A 88 -7.50 12.06 -4.40
CA GLY A 88 -7.31 13.49 -4.24
C GLY A 88 -6.36 13.78 -3.06
N GLN A 89 -6.65 14.88 -2.38
CA GLN A 89 -5.83 15.28 -1.25
C GLN A 89 -5.82 14.18 -0.19
N SER A 90 -7.02 13.74 0.18
CA SER A 90 -7.16 12.70 1.18
C SER A 90 -7.45 11.36 0.50
N VAL A 91 -6.43 10.51 0.49
CA VAL A 91 -6.55 9.19 -0.12
C VAL A 91 -6.29 8.12 0.93
N THR A 92 -7.24 7.20 1.06
CA THR A 92 -7.12 6.13 2.02
C THR A 92 -6.54 4.88 1.35
N ILE A 93 -5.25 4.68 1.55
CA ILE A 93 -4.57 3.53 0.97
C ILE A 93 -4.53 2.39 1.99
N VAL A 94 -5.24 1.32 1.68
CA VAL A 94 -5.28 0.17 2.56
C VAL A 94 -4.37 -0.94 2.00
N ALA A 95 -3.20 -1.04 2.59
CA ALA A 95 -2.23 -2.04 2.17
C ALA A 95 -1.86 -2.93 3.36
N GLN A 96 -1.30 -4.09 3.05
CA GLN A 96 -0.90 -5.03 4.07
C GLN A 96 0.61 -5.28 4.01
N TYR A 97 1.30 -4.83 5.05
CA TYR A 97 2.73 -4.98 5.12
C TYR A 97 3.14 -6.44 4.88
N ARG A 98 3.52 -6.73 3.64
CA ARG A 98 3.92 -8.07 3.27
C ARG A 98 5.16 -8.01 2.38
N PRO A 99 6.35 -7.96 3.04
CA PRO A 99 7.61 -7.91 2.31
C PRO A 99 7.96 -9.27 1.72
N GLU A 100 7.58 -10.32 2.45
CA GLU A 100 7.84 -11.68 2.02
C GLU A 100 7.39 -11.87 0.57
N GLU A 101 6.31 -11.18 0.23
CA GLU A 101 5.77 -11.27 -1.11
C GLU A 101 6.56 -10.38 -2.07
N TYR A 102 6.55 -9.08 -1.77
CA TYR A 102 7.26 -8.12 -2.58
C TYR A 102 8.75 -8.47 -2.67
N SER A 103 9.18 -9.32 -1.76
CA SER A 103 10.57 -9.74 -1.73
C SER A 103 11.07 -9.99 -3.15
N ARG A 104 10.25 -10.69 -3.92
CA ARG A 104 10.60 -11.01 -5.30
C ARG A 104 10.92 -9.73 -6.07
N PHE A 105 10.07 -8.73 -5.89
CA PHE A 105 10.25 -7.46 -6.55
C PHE A 105 11.47 -6.71 -6.01
N GLU A 106 11.73 -6.95 -4.73
CA GLU A 106 12.87 -6.32 -4.08
C GLU A 106 14.16 -6.65 -4.81
N SER A 107 14.47 -7.94 -4.84
CA SER A 107 15.68 -8.41 -5.50
C SER A 107 15.79 -7.78 -6.88
N SER A 108 14.74 -7.95 -7.66
CA SER A 108 14.71 -7.42 -9.02
C SER A 108 15.04 -5.91 -8.98
N GLY A 109 14.24 -5.18 -8.22
CA GLY A 109 14.43 -3.74 -8.10
C GLY A 109 15.86 -3.42 -7.66
N PRO A 110 16.33 -2.23 -8.10
CA PRO A 110 17.68 -1.79 -7.76
C PRO A 110 17.75 -1.32 -6.31
N SER A 111 18.67 -1.94 -5.57
CA SER A 111 18.86 -1.59 -4.17
C SER A 111 19.68 -0.31 -4.05
N SER A 112 18.99 0.78 -3.76
CA SER A 112 19.64 2.07 -3.61
C SER A 112 18.80 2.99 -2.72
N GLY A 113 19.41 4.10 -2.33
CA GLY A 113 18.74 5.07 -1.47
C GLY A 113 18.58 4.52 -0.06
N GLY A 1 -31.14 -13.29 12.82
CA GLY A 1 -29.81 -13.44 13.41
C GLY A 1 -29.73 -12.74 14.76
N SER A 2 -28.50 -12.62 15.26
CA SER A 2 -28.27 -11.98 16.53
C SER A 2 -27.09 -11.02 16.44
N SER A 3 -26.94 -10.21 17.47
CA SER A 3 -25.85 -9.25 17.52
C SER A 3 -25.26 -9.18 18.93
N GLY A 4 -24.16 -9.90 19.10
CA GLY A 4 -23.48 -9.93 20.39
C GLY A 4 -22.51 -8.75 20.53
N SER A 5 -21.47 -8.98 21.32
CA SER A 5 -20.47 -7.96 21.54
C SER A 5 -19.37 -8.49 22.47
N SER A 6 -18.18 -7.95 22.29
CA SER A 6 -17.04 -8.36 23.10
C SER A 6 -15.77 -7.66 22.62
N GLY A 7 -14.70 -7.84 23.38
CA GLY A 7 -13.43 -7.23 23.05
C GLY A 7 -12.59 -8.16 22.18
N ARG A 8 -12.20 -7.66 21.01
CA ARG A 8 -11.41 -8.45 20.09
C ARG A 8 -9.93 -8.12 20.27
N PRO A 9 -9.07 -9.16 20.04
CA PRO A 9 -7.64 -9.00 20.17
C PRO A 9 -7.06 -8.22 18.98
N GLY A 10 -5.75 -8.30 18.85
CA GLY A 10 -5.06 -7.60 17.77
C GLY A 10 -4.31 -8.59 16.87
N GLY A 11 -3.26 -8.08 16.23
CA GLY A 11 -2.46 -8.91 15.35
C GLY A 11 -0.99 -8.50 15.41
N ASP A 12 -0.23 -9.00 14.45
CA ASP A 12 1.19 -8.69 14.38
C ASP A 12 1.50 -7.98 13.06
N ALA A 13 0.48 -7.31 12.53
CA ALA A 13 0.62 -6.60 11.28
C ALA A 13 0.68 -7.61 10.12
N ARG A 14 -0.50 -8.05 9.69
CA ARG A 14 -0.59 -9.00 8.60
C ARG A 14 -1.67 -8.57 7.61
N GLU A 15 -2.80 -8.16 8.17
CA GLU A 15 -3.91 -7.72 7.34
C GLU A 15 -3.66 -6.32 6.79
N PRO A 16 -4.57 -5.88 5.89
CA PRO A 16 -4.44 -4.57 5.27
C PRO A 16 -4.84 -3.47 6.27
N ARG A 17 -3.84 -2.67 6.64
CA ARG A 17 -4.08 -1.58 7.58
C ARG A 17 -4.62 -0.36 6.84
N LYS A 18 -4.95 0.66 7.62
CA LYS A 18 -5.47 1.90 7.05
C LYS A 18 -4.36 2.95 7.03
N ILE A 19 -4.18 3.54 5.85
CA ILE A 19 -3.16 4.56 5.69
C ILE A 19 -3.76 5.75 4.94
N ILE A 20 -3.89 6.86 5.65
CA ILE A 20 -4.45 8.07 5.07
C ILE A 20 -3.31 9.02 4.69
N LEU A 21 -2.96 9.00 3.42
CA LEU A 21 -1.90 9.85 2.92
C LEU A 21 -2.50 11.14 2.33
N HIS A 22 -1.83 12.24 2.62
CA HIS A 22 -2.29 13.54 2.13
C HIS A 22 -1.43 13.97 0.95
N LYS A 23 -1.98 13.82 -0.24
CA LYS A 23 -1.28 14.20 -1.45
C LYS A 23 -0.50 15.50 -1.20
N GLY A 24 0.81 15.36 -1.18
CA GLY A 24 1.67 16.51 -0.95
C GLY A 24 1.71 17.42 -2.18
N SER A 25 2.11 16.83 -3.30
CA SER A 25 2.20 17.57 -4.55
C SER A 25 2.39 16.61 -5.72
N THR A 26 3.45 15.82 -5.63
CA THR A 26 3.76 14.85 -6.67
C THR A 26 2.77 13.68 -6.62
N GLY A 27 2.62 13.14 -5.42
CA GLY A 27 1.71 12.01 -5.22
C GLY A 27 1.58 11.68 -3.73
N LEU A 28 1.42 10.40 -3.45
CA LEU A 28 1.27 9.94 -2.08
C LEU A 28 2.66 9.70 -1.48
N GLY A 29 3.67 9.78 -2.34
CA GLY A 29 5.04 9.58 -1.90
C GLY A 29 5.37 8.08 -1.83
N PHE A 30 4.92 7.35 -2.83
CA PHE A 30 5.17 5.92 -2.89
C PHE A 30 4.80 5.35 -4.26
N ASN A 31 5.52 4.32 -4.66
CA ASN A 31 5.29 3.68 -5.94
C ASN A 31 4.49 2.39 -5.73
N ILE A 32 4.11 1.79 -6.84
CA ILE A 32 3.35 0.55 -6.79
C ILE A 32 3.81 -0.38 -7.91
N VAL A 33 3.65 -1.68 -7.66
CA VAL A 33 4.04 -2.68 -8.63
C VAL A 33 2.99 -3.78 -8.68
N GLY A 34 3.03 -4.56 -9.75
CA GLY A 34 2.09 -5.65 -9.94
C GLY A 34 1.34 -5.51 -11.25
N GLY A 35 0.10 -5.98 -11.25
CA GLY A 35 -0.73 -5.91 -12.44
C GLY A 35 -0.44 -7.08 -13.38
N GLU A 36 -0.21 -8.23 -12.77
CA GLU A 36 0.09 -9.43 -13.55
C GLU A 36 -0.75 -10.61 -13.05
N ASP A 37 -1.55 -11.16 -13.95
CA ASP A 37 -2.41 -12.28 -13.61
C ASP A 37 -3.12 -11.99 -12.29
N GLY A 38 -3.32 -10.71 -12.02
CA GLY A 38 -3.97 -10.30 -10.79
C GLY A 38 -3.29 -10.90 -9.56
N GLU A 39 -1.96 -10.83 -9.57
CA GLU A 39 -1.18 -11.36 -8.47
C GLU A 39 -1.33 -10.47 -7.23
N GLY A 40 -1.48 -9.18 -7.49
CA GLY A 40 -1.63 -8.22 -6.41
C GLY A 40 -0.73 -7.00 -6.62
N ILE A 41 -1.08 -5.92 -5.95
CA ILE A 41 -0.31 -4.70 -6.06
C ILE A 41 0.53 -4.50 -4.79
N PHE A 42 1.76 -4.05 -5.00
CA PHE A 42 2.67 -3.83 -3.89
C PHE A 42 3.46 -2.53 -4.08
N VAL A 43 3.97 -2.02 -2.97
CA VAL A 43 4.75 -0.79 -3.01
C VAL A 43 6.18 -1.10 -3.48
N SER A 44 6.67 -0.25 -4.36
CA SER A 44 8.01 -0.42 -4.90
C SER A 44 8.99 0.49 -4.15
N PHE A 45 8.51 1.68 -3.82
CA PHE A 45 9.33 2.65 -3.11
C PHE A 45 8.46 3.66 -2.37
N ILE A 46 9.11 4.42 -1.50
CA ILE A 46 8.41 5.43 -0.72
C ILE A 46 9.22 6.73 -0.72
N LEU A 47 8.61 7.77 -1.27
CA LEU A 47 9.26 9.06 -1.35
C LEU A 47 9.73 9.47 0.04
N ALA A 48 10.94 10.03 0.08
CA ALA A 48 11.51 10.47 1.34
C ALA A 48 10.96 11.86 1.70
N GLY A 49 10.24 11.91 2.80
CA GLY A 49 9.65 13.16 3.25
C GLY A 49 8.17 13.25 2.87
N GLY A 50 7.76 12.34 1.98
CA GLY A 50 6.39 12.30 1.52
C GLY A 50 5.45 11.89 2.65
N PRO A 51 4.14 11.77 2.30
CA PRO A 51 3.13 11.39 3.28
C PRO A 51 3.22 9.89 3.59
N ALA A 52 3.61 9.13 2.58
CA ALA A 52 3.74 7.69 2.74
C ALA A 52 4.91 7.38 3.66
N ASP A 53 5.88 8.28 3.65
CA ASP A 53 7.06 8.12 4.49
C ASP A 53 6.81 8.76 5.85
N LEU A 54 6.50 10.05 5.81
CA LEU A 54 6.24 10.80 7.03
C LEU A 54 5.26 10.02 7.90
N SER A 55 4.13 9.69 7.31
CA SER A 55 3.10 8.94 8.02
C SER A 55 3.75 7.86 8.89
N GLY A 56 4.64 7.10 8.27
CA GLY A 56 5.33 6.03 8.98
C GLY A 56 4.56 4.72 8.88
N GLU A 57 3.41 4.79 8.22
CA GLU A 57 2.57 3.61 8.04
C GLU A 57 2.89 2.93 6.70
N LEU A 58 2.96 3.75 5.67
CA LEU A 58 3.25 3.25 4.33
C LEU A 58 4.76 3.09 4.17
N ARG A 59 5.16 1.87 3.81
CA ARG A 59 6.57 1.58 3.62
C ARG A 59 6.76 0.69 2.39
N ARG A 60 7.99 0.67 1.90
CA ARG A 60 8.32 -0.14 0.74
C ARG A 60 8.19 -1.63 1.06
N GLY A 61 6.96 -2.10 0.99
CA GLY A 61 6.69 -3.51 1.27
C GLY A 61 5.29 -3.69 1.87
N ASP A 62 4.33 -3.01 1.25
CA ASP A 62 2.95 -3.09 1.71
C ASP A 62 2.04 -3.33 0.50
N ARG A 63 1.47 -4.52 0.46
CA ARG A 63 0.58 -4.90 -0.62
C ARG A 63 -0.64 -3.96 -0.65
N ILE A 64 -0.86 -3.35 -1.80
CA ILE A 64 -1.98 -2.44 -1.97
C ILE A 64 -3.25 -3.24 -2.22
N LEU A 65 -4.02 -3.41 -1.16
CA LEU A 65 -5.27 -4.15 -1.24
C LEU A 65 -6.32 -3.29 -1.96
N SER A 66 -6.54 -2.10 -1.43
CA SER A 66 -7.50 -1.19 -2.00
C SER A 66 -7.04 0.25 -1.82
N VAL A 67 -7.70 1.15 -2.54
CA VAL A 67 -7.35 2.57 -2.47
C VAL A 67 -8.62 3.38 -2.24
N ASN A 68 -8.54 4.27 -1.26
CA ASN A 68 -9.67 5.12 -0.93
C ASN A 68 -10.96 4.30 -1.03
N GLY A 69 -10.83 3.02 -0.76
CA GLY A 69 -11.97 2.12 -0.81
C GLY A 69 -12.19 1.60 -2.24
N VAL A 70 -11.11 1.15 -2.85
CA VAL A 70 -11.17 0.63 -4.21
C VAL A 70 -10.66 -0.81 -4.22
N ASN A 71 -11.53 -1.71 -4.64
CA ASN A 71 -11.19 -3.13 -4.70
C ASN A 71 -10.19 -3.35 -5.85
N LEU A 72 -8.95 -3.55 -5.47
CA LEU A 72 -7.89 -3.78 -6.45
C LEU A 72 -7.24 -5.15 -6.19
N ARG A 73 -7.88 -5.91 -5.32
CA ARG A 73 -7.37 -7.23 -4.97
C ARG A 73 -6.79 -7.92 -6.21
N ASN A 74 -7.37 -7.59 -7.36
CA ASN A 74 -6.93 -8.16 -8.61
C ASN A 74 -7.12 -7.14 -9.73
N ALA A 75 -6.31 -6.09 -9.68
CA ALA A 75 -6.39 -5.05 -10.68
C ALA A 75 -5.02 -4.88 -11.35
N THR A 76 -4.99 -4.04 -12.36
CA THR A 76 -3.75 -3.79 -13.09
C THR A 76 -2.99 -2.63 -12.46
N HIS A 77 -1.73 -2.50 -12.87
CA HIS A 77 -0.88 -1.44 -12.36
C HIS A 77 -1.56 -0.09 -12.59
N GLU A 78 -2.02 0.11 -13.82
CA GLU A 78 -2.68 1.35 -14.18
C GLU A 78 -3.95 1.53 -13.36
N GLN A 79 -4.80 0.50 -13.39
CA GLN A 79 -6.05 0.54 -12.66
C GLN A 79 -5.80 0.95 -11.21
N ALA A 80 -4.63 0.59 -10.71
CA ALA A 80 -4.25 0.93 -9.35
C ALA A 80 -3.86 2.40 -9.27
N ALA A 81 -3.13 2.83 -10.28
CA ALA A 81 -2.68 4.21 -10.35
C ALA A 81 -3.88 5.13 -10.59
N ALA A 82 -4.74 4.69 -11.50
CA ALA A 82 -5.94 5.45 -11.83
C ALA A 82 -6.76 5.67 -10.56
N ALA A 83 -6.62 4.74 -9.62
CA ALA A 83 -7.34 4.81 -8.37
C ALA A 83 -6.72 5.91 -7.50
N LEU A 84 -5.43 6.10 -7.67
CA LEU A 84 -4.71 7.11 -6.92
C LEU A 84 -4.85 8.46 -7.62
N LYS A 85 -5.13 8.40 -8.91
CA LYS A 85 -5.27 9.61 -9.70
C LYS A 85 -6.71 10.14 -9.54
N ARG A 86 -7.61 9.22 -9.23
CA ARG A 86 -9.01 9.57 -9.05
C ARG A 86 -9.28 9.96 -7.60
N ALA A 87 -8.26 9.73 -6.76
CA ALA A 87 -8.38 10.05 -5.35
C ALA A 87 -8.49 11.57 -5.18
N GLY A 88 -7.75 12.08 -4.21
CA GLY A 88 -7.75 13.51 -3.94
C GLY A 88 -6.72 13.87 -2.88
N GLN A 89 -7.08 14.85 -2.06
CA GLN A 89 -6.19 15.29 -0.99
C GLN A 89 -6.09 14.22 0.10
N SER A 90 -7.25 13.81 0.58
CA SER A 90 -7.31 12.80 1.62
C SER A 90 -7.69 11.44 1.02
N VAL A 91 -6.68 10.59 0.87
CA VAL A 91 -6.90 9.27 0.31
C VAL A 91 -6.55 8.21 1.36
N THR A 92 -7.40 7.21 1.45
CA THR A 92 -7.20 6.13 2.40
C THR A 92 -6.68 4.87 1.69
N ILE A 93 -5.38 4.66 1.79
CA ILE A 93 -4.75 3.51 1.16
C ILE A 93 -4.72 2.35 2.16
N VAL A 94 -5.40 1.27 1.78
CA VAL A 94 -5.45 0.10 2.63
C VAL A 94 -4.53 -0.99 2.05
N ALA A 95 -3.37 -1.11 2.66
CA ALA A 95 -2.39 -2.10 2.22
C ALA A 95 -1.96 -2.95 3.40
N GLN A 96 -1.48 -4.15 3.09
CA GLN A 96 -1.03 -5.07 4.13
C GLN A 96 0.43 -5.47 3.87
N TYR A 97 1.23 -5.38 4.93
CA TYR A 97 2.63 -5.75 4.84
C TYR A 97 2.81 -7.13 4.20
N ARG A 98 3.99 -7.34 3.64
CA ARG A 98 4.29 -8.60 2.99
C ARG A 98 5.69 -8.57 2.38
N PRO A 99 6.69 -9.00 3.19
CA PRO A 99 8.07 -9.03 2.74
C PRO A 99 8.31 -10.17 1.75
N GLU A 100 7.89 -11.36 2.17
CA GLU A 100 8.06 -12.54 1.34
C GLU A 100 7.63 -12.24 -0.10
N GLU A 101 6.36 -11.86 -0.24
CA GLU A 101 5.82 -11.55 -1.55
C GLU A 101 6.71 -10.53 -2.27
N TYR A 102 6.68 -9.31 -1.76
CA TYR A 102 7.47 -8.23 -2.34
C TYR A 102 8.87 -8.73 -2.71
N SER A 103 9.39 -9.63 -1.88
CA SER A 103 10.71 -10.19 -2.12
C SER A 103 10.83 -10.68 -3.56
N ARG A 104 9.68 -10.95 -4.16
CA ARG A 104 9.64 -11.42 -5.53
C ARG A 104 10.03 -10.29 -6.49
N PHE A 105 9.68 -9.08 -6.08
CA PHE A 105 9.97 -7.90 -6.89
C PHE A 105 11.33 -7.31 -6.51
N GLU A 106 11.66 -7.43 -5.23
CA GLU A 106 12.92 -6.90 -4.74
C GLU A 106 14.09 -7.50 -5.52
N SER A 107 14.20 -8.82 -5.44
CA SER A 107 15.26 -9.52 -6.14
C SER A 107 15.39 -9.00 -7.57
N SER A 108 14.32 -9.20 -8.34
CA SER A 108 14.30 -8.75 -9.72
C SER A 108 15.36 -9.50 -10.52
N GLY A 109 15.18 -9.48 -11.84
CA GLY A 109 16.11 -10.15 -12.73
C GLY A 109 17.13 -9.16 -13.30
N PRO A 110 17.74 -9.55 -14.45
CA PRO A 110 18.72 -8.71 -15.10
C PRO A 110 18.06 -7.53 -15.81
N SER A 111 17.70 -6.53 -15.02
CA SER A 111 17.06 -5.34 -15.56
C SER A 111 18.07 -4.52 -16.36
N SER A 112 17.77 -4.35 -17.63
CA SER A 112 18.65 -3.59 -18.51
C SER A 112 18.87 -2.19 -17.94
N GLY A 113 17.77 -1.48 -17.74
CA GLY A 113 17.83 -0.13 -17.20
C GLY A 113 16.51 0.62 -17.44
N GLY A 1 -13.67 4.85 17.91
CA GLY A 1 -12.59 4.26 18.67
C GLY A 1 -12.62 4.72 20.13
N SER A 2 -12.24 3.81 21.01
CA SER A 2 -12.22 4.12 22.43
C SER A 2 -11.35 3.09 23.17
N SER A 3 -10.80 3.53 24.30
CA SER A 3 -9.96 2.66 25.10
C SER A 3 -8.74 2.22 24.29
N GLY A 4 -7.66 1.94 25.01
CA GLY A 4 -6.43 1.50 24.38
C GLY A 4 -5.48 0.89 25.40
N SER A 5 -4.28 0.55 24.92
CA SER A 5 -3.28 -0.05 25.78
C SER A 5 -1.92 -0.05 25.06
N SER A 6 -1.06 0.85 25.51
CA SER A 6 0.28 0.96 24.93
C SER A 6 1.21 -0.06 25.58
N GLY A 7 2.25 -0.42 24.84
CA GLY A 7 3.23 -1.37 25.32
C GLY A 7 2.76 -2.81 25.06
N ARG A 8 2.96 -3.25 23.83
CA ARG A 8 2.58 -4.60 23.44
C ARG A 8 3.74 -5.30 22.73
N PRO A 9 4.05 -6.53 23.22
CA PRO A 9 5.13 -7.32 22.65
C PRO A 9 4.72 -7.91 21.30
N GLY A 10 5.57 -7.70 20.30
CA GLY A 10 5.30 -8.22 18.97
C GLY A 10 4.45 -7.24 18.17
N GLY A 11 4.55 -7.37 16.85
CA GLY A 11 3.80 -6.51 15.96
C GLY A 11 2.67 -7.28 15.25
N ASP A 12 1.51 -7.27 15.89
CA ASP A 12 0.36 -7.96 15.34
C ASP A 12 -0.14 -7.21 14.10
N ALA A 13 0.48 -7.52 12.98
CA ALA A 13 0.11 -6.88 11.72
C ALA A 13 -0.36 -7.94 10.73
N ARG A 14 0.21 -7.88 9.53
CA ARG A 14 -0.13 -8.83 8.48
C ARG A 14 -1.46 -8.45 7.84
N GLU A 15 -2.44 -8.18 8.69
CA GLU A 15 -3.76 -7.80 8.22
C GLU A 15 -3.71 -6.46 7.50
N PRO A 16 -4.84 -6.10 6.85
CA PRO A 16 -4.93 -4.85 6.12
C PRO A 16 -5.07 -3.66 7.08
N ARG A 17 -4.22 -2.67 6.87
CA ARG A 17 -4.24 -1.48 7.70
C ARG A 17 -4.69 -0.27 6.89
N LYS A 18 -5.64 0.47 7.45
CA LYS A 18 -6.16 1.66 6.78
C LYS A 18 -5.14 2.80 6.94
N ILE A 19 -4.50 3.13 5.82
CA ILE A 19 -3.52 4.19 5.82
C ILE A 19 -4.08 5.41 5.08
N ILE A 20 -4.02 6.55 5.74
CA ILE A 20 -4.53 7.78 5.17
C ILE A 20 -3.36 8.72 4.88
N LEU A 21 -3.07 8.89 3.61
CA LEU A 21 -1.98 9.76 3.19
C LEU A 21 -2.55 11.05 2.62
N HIS A 22 -1.84 12.14 2.87
CA HIS A 22 -2.27 13.44 2.38
C HIS A 22 -1.33 13.91 1.26
N LYS A 23 -1.78 13.69 0.04
CA LYS A 23 -0.99 14.08 -1.12
C LYS A 23 -0.32 15.42 -0.85
N GLY A 24 1.01 15.37 -0.77
CA GLY A 24 1.79 16.58 -0.52
C GLY A 24 1.68 17.57 -1.68
N SER A 25 2.32 17.20 -2.78
CA SER A 25 2.30 18.04 -3.96
C SER A 25 1.32 17.48 -5.00
N THR A 26 1.70 16.33 -5.56
CA THR A 26 0.86 15.69 -6.55
C THR A 26 1.08 14.17 -6.52
N GLY A 27 1.20 13.64 -5.31
CA GLY A 27 1.40 12.22 -5.12
C GLY A 27 1.28 11.83 -3.65
N LEU A 28 1.22 10.53 -3.42
CA LEU A 28 1.10 10.02 -2.06
C LEU A 28 2.50 9.82 -1.48
N GLY A 29 3.49 9.94 -2.34
CA GLY A 29 4.87 9.77 -1.92
C GLY A 29 5.24 8.30 -1.81
N PHE A 30 4.86 7.55 -2.84
CA PHE A 30 5.14 6.13 -2.88
C PHE A 30 4.76 5.52 -4.23
N ASN A 31 5.51 4.51 -4.63
CA ASN A 31 5.26 3.84 -5.90
C ASN A 31 4.54 2.51 -5.63
N ILE A 32 4.11 1.88 -6.72
CA ILE A 32 3.42 0.61 -6.62
C ILE A 32 3.84 -0.28 -7.79
N VAL A 33 3.48 -1.56 -7.68
CA VAL A 33 3.82 -2.52 -8.71
C VAL A 33 2.73 -3.61 -8.75
N GLY A 34 2.86 -4.47 -9.74
CA GLY A 34 1.89 -5.55 -9.91
C GLY A 34 1.08 -5.37 -11.19
N GLY A 35 -0.02 -6.11 -11.26
CA GLY A 35 -0.89 -6.04 -12.42
C GLY A 35 -0.65 -7.23 -13.36
N GLU A 36 -0.33 -8.36 -12.76
CA GLU A 36 -0.06 -9.56 -13.52
C GLU A 36 -0.91 -10.72 -13.00
N ASP A 37 -1.74 -11.26 -13.88
CA ASP A 37 -2.60 -12.38 -13.51
C ASP A 37 -3.26 -12.08 -12.16
N GLY A 38 -3.41 -10.79 -11.88
CA GLY A 38 -4.01 -10.37 -10.62
C GLY A 38 -3.32 -11.01 -9.43
N GLU A 39 -2.01 -10.79 -9.36
CA GLU A 39 -1.20 -11.34 -8.28
C GLU A 39 -1.34 -10.47 -7.04
N GLY A 40 -1.50 -9.18 -7.27
CA GLY A 40 -1.62 -8.23 -6.17
C GLY A 40 -0.70 -7.02 -6.38
N ILE A 41 -1.12 -5.90 -5.82
CA ILE A 41 -0.34 -4.67 -5.94
C ILE A 41 0.56 -4.53 -4.71
N PHE A 42 1.72 -3.92 -4.94
CA PHE A 42 2.68 -3.73 -3.87
C PHE A 42 3.48 -2.43 -4.09
N VAL A 43 3.90 -1.85 -2.98
CA VAL A 43 4.66 -0.62 -3.03
C VAL A 43 6.06 -0.91 -3.57
N SER A 44 6.47 -0.11 -4.54
CA SER A 44 7.78 -0.28 -5.14
C SER A 44 8.79 0.64 -4.46
N PHE A 45 8.26 1.60 -3.72
CA PHE A 45 9.11 2.55 -3.01
C PHE A 45 8.26 3.61 -2.29
N ILE A 46 8.93 4.34 -1.42
CA ILE A 46 8.25 5.39 -0.66
C ILE A 46 9.08 6.67 -0.71
N LEU A 47 8.46 7.72 -1.23
CA LEU A 47 9.13 9.01 -1.34
C LEU A 47 9.62 9.45 0.05
N ALA A 48 10.84 9.99 0.06
CA ALA A 48 11.43 10.45 1.30
C ALA A 48 10.86 11.83 1.66
N GLY A 49 10.21 11.88 2.81
CA GLY A 49 9.61 13.13 3.27
C GLY A 49 8.13 13.20 2.90
N GLY A 50 7.74 12.33 1.98
CA GLY A 50 6.35 12.27 1.53
C GLY A 50 5.42 11.87 2.67
N PRO A 51 4.11 11.79 2.33
CA PRO A 51 3.10 11.41 3.31
C PRO A 51 3.16 9.92 3.61
N ALA A 52 3.54 9.16 2.59
CA ALA A 52 3.65 7.71 2.74
C ALA A 52 4.85 7.37 3.61
N ASP A 53 5.74 8.35 3.74
CA ASP A 53 6.94 8.16 4.54
C ASP A 53 6.72 8.78 5.92
N LEU A 54 6.42 10.07 5.93
CA LEU A 54 6.20 10.78 7.17
C LEU A 54 5.20 10.00 8.03
N SER A 55 4.09 9.64 7.40
CA SER A 55 3.06 8.88 8.10
C SER A 55 3.71 7.80 8.98
N GLY A 56 4.64 7.08 8.38
CA GLY A 56 5.34 6.02 9.10
C GLY A 56 4.65 4.67 8.88
N GLU A 57 3.42 4.75 8.42
CA GLU A 57 2.64 3.54 8.16
C GLU A 57 3.06 2.90 6.84
N LEU A 58 2.78 3.63 5.76
CA LEU A 58 3.13 3.15 4.43
C LEU A 58 4.64 2.99 4.33
N ARG A 59 5.06 1.80 3.96
CA ARG A 59 6.47 1.50 3.81
C ARG A 59 6.71 0.55 2.63
N ARG A 60 7.82 0.79 1.95
CA ARG A 60 8.17 -0.03 0.79
C ARG A 60 8.08 -1.51 1.16
N GLY A 61 7.40 -2.26 0.29
CA GLY A 61 7.24 -3.69 0.50
C GLY A 61 5.86 -4.00 1.07
N ASP A 62 4.92 -3.12 0.78
CA ASP A 62 3.56 -3.28 1.25
C ASP A 62 2.73 -3.99 0.17
N ARG A 63 1.58 -4.51 0.59
CA ARG A 63 0.70 -5.21 -0.32
C ARG A 63 -0.61 -4.44 -0.49
N ILE A 64 -0.59 -3.51 -1.43
CA ILE A 64 -1.77 -2.70 -1.70
C ILE A 64 -2.98 -3.60 -1.91
N LEU A 65 -4.07 -3.26 -1.25
CA LEU A 65 -5.29 -4.04 -1.35
C LEU A 65 -6.37 -3.20 -2.04
N SER A 66 -6.52 -1.97 -1.57
CA SER A 66 -7.50 -1.06 -2.14
C SER A 66 -7.08 0.39 -1.88
N VAL A 67 -7.74 1.30 -2.58
CA VAL A 67 -7.45 2.71 -2.44
C VAL A 67 -8.75 3.48 -2.22
N ASN A 68 -8.72 4.36 -1.23
CA ASN A 68 -9.88 5.16 -0.91
C ASN A 68 -11.15 4.31 -1.04
N GLY A 69 -10.96 3.01 -0.78
CA GLY A 69 -12.07 2.08 -0.86
C GLY A 69 -12.27 1.57 -2.29
N VAL A 70 -11.14 1.22 -2.91
CA VAL A 70 -11.18 0.72 -4.28
C VAL A 70 -10.64 -0.71 -4.31
N ASN A 71 -11.54 -1.64 -4.63
CA ASN A 71 -11.19 -3.04 -4.69
C ASN A 71 -10.24 -3.26 -5.87
N LEU A 72 -8.98 -3.50 -5.54
CA LEU A 72 -7.97 -3.73 -6.56
C LEU A 72 -7.17 -4.98 -6.20
N ARG A 73 -7.77 -5.81 -5.36
CA ARG A 73 -7.12 -7.04 -4.93
C ARG A 73 -6.45 -7.73 -6.13
N ASN A 74 -7.06 -7.54 -7.29
CA ASN A 74 -6.53 -8.14 -8.51
C ASN A 74 -6.78 -7.19 -9.68
N ALA A 75 -6.03 -6.11 -9.71
CA ALA A 75 -6.17 -5.12 -10.77
C ALA A 75 -4.81 -4.94 -11.46
N THR A 76 -4.82 -4.07 -12.47
CA THR A 76 -3.60 -3.78 -13.21
C THR A 76 -2.87 -2.58 -12.61
N HIS A 77 -1.58 -2.51 -12.89
CA HIS A 77 -0.77 -1.42 -12.39
C HIS A 77 -1.46 -0.08 -12.66
N GLU A 78 -1.88 0.08 -13.91
CA GLU A 78 -2.57 1.29 -14.32
C GLU A 78 -3.83 1.50 -13.49
N GLN A 79 -4.67 0.47 -13.51
CA GLN A 79 -5.93 0.53 -12.77
C GLN A 79 -5.65 0.83 -11.30
N ALA A 80 -4.52 0.35 -10.82
CA ALA A 80 -4.14 0.56 -9.43
C ALA A 80 -3.69 2.01 -9.25
N ALA A 81 -3.36 2.64 -10.37
CA ALA A 81 -2.92 4.02 -10.35
C ALA A 81 -4.12 4.94 -10.60
N ALA A 82 -4.92 4.55 -11.58
CA ALA A 82 -6.10 5.32 -11.93
C ALA A 82 -6.83 5.74 -10.65
N ALA A 83 -6.73 4.88 -9.65
CA ALA A 83 -7.38 5.14 -8.37
C ALA A 83 -6.72 6.35 -7.71
N LEU A 84 -5.42 6.23 -7.48
CA LEU A 84 -4.66 7.30 -6.86
C LEU A 84 -4.82 8.58 -7.67
N LYS A 85 -5.26 8.40 -8.91
CA LYS A 85 -5.47 9.53 -9.81
C LYS A 85 -6.84 10.14 -9.54
N ARG A 86 -7.81 9.26 -9.30
CA ARG A 86 -9.17 9.70 -9.04
C ARG A 86 -9.31 10.10 -7.57
N ALA A 87 -8.27 9.81 -6.80
CA ALA A 87 -8.28 10.13 -5.38
C ALA A 87 -8.34 11.65 -5.21
N GLY A 88 -7.53 12.14 -4.28
CA GLY A 88 -7.48 13.56 -4.01
C GLY A 88 -6.45 13.87 -2.92
N GLN A 89 -6.78 14.85 -2.09
CA GLN A 89 -5.90 15.26 -1.01
C GLN A 89 -5.87 14.18 0.08
N SER A 90 -7.05 13.80 0.54
CA SER A 90 -7.17 12.79 1.57
C SER A 90 -7.54 11.44 0.94
N VAL A 91 -6.53 10.62 0.75
CA VAL A 91 -6.74 9.31 0.15
C VAL A 91 -6.45 8.24 1.21
N THR A 92 -7.36 7.28 1.29
CA THR A 92 -7.22 6.19 2.25
C THR A 92 -6.71 4.93 1.54
N ILE A 93 -5.42 4.70 1.67
CA ILE A 93 -4.80 3.54 1.06
C ILE A 93 -4.79 2.38 2.06
N VAL A 94 -5.42 1.28 1.66
CA VAL A 94 -5.50 0.11 2.50
C VAL A 94 -4.57 -0.97 1.95
N ALA A 95 -3.41 -1.08 2.56
CA ALA A 95 -2.42 -2.07 2.14
C ALA A 95 -1.89 -2.80 3.38
N GLN A 96 -1.47 -4.04 3.16
CA GLN A 96 -0.93 -4.85 4.23
C GLN A 96 0.54 -5.19 3.97
N TYR A 97 1.37 -4.85 4.93
CA TYR A 97 2.80 -5.11 4.82
C TYR A 97 3.06 -6.56 4.39
N ARG A 98 4.16 -6.75 3.69
CA ARG A 98 4.54 -8.07 3.22
C ARG A 98 5.77 -7.99 2.32
N PRO A 99 6.96 -8.02 2.97
CA PRO A 99 8.21 -7.95 2.24
C PRO A 99 8.52 -9.28 1.54
N GLU A 100 8.06 -10.36 2.17
CA GLU A 100 8.28 -11.68 1.62
C GLU A 100 7.82 -11.74 0.16
N GLU A 101 6.57 -11.35 -0.05
CA GLU A 101 6.00 -11.36 -1.38
C GLU A 101 6.72 -10.35 -2.28
N TYR A 102 6.64 -9.09 -1.87
CA TYR A 102 7.29 -8.02 -2.62
C TYR A 102 8.69 -8.44 -3.06
N SER A 103 9.33 -9.24 -2.23
CA SER A 103 10.67 -9.71 -2.52
C SER A 103 10.72 -10.30 -3.94
N ARG A 104 9.58 -10.84 -4.36
CA ARG A 104 9.49 -11.44 -5.68
C ARG A 104 9.75 -10.39 -6.75
N PHE A 105 9.46 -9.14 -6.41
CA PHE A 105 9.66 -8.04 -7.33
C PHE A 105 11.06 -7.45 -7.18
N GLU A 106 11.45 -7.24 -5.93
CA GLU A 106 12.77 -6.68 -5.64
C GLU A 106 13.82 -7.30 -6.55
N SER A 107 13.95 -8.62 -6.45
CA SER A 107 14.91 -9.34 -7.26
C SER A 107 14.77 -8.94 -8.73
N SER A 108 13.56 -9.11 -9.23
CA SER A 108 13.27 -8.77 -10.62
C SER A 108 13.93 -7.45 -10.98
N GLY A 109 13.54 -6.41 -10.25
CA GLY A 109 14.08 -5.08 -10.49
C GLY A 109 13.88 -4.64 -11.94
N PRO A 110 14.01 -3.31 -12.17
CA PRO A 110 13.84 -2.77 -13.50
C PRO A 110 15.05 -3.07 -14.39
N SER A 111 14.78 -3.69 -15.51
CA SER A 111 15.83 -4.06 -16.46
C SER A 111 16.39 -2.79 -17.11
N SER A 112 17.55 -2.37 -16.63
CA SER A 112 18.19 -1.19 -17.17
C SER A 112 19.66 -1.47 -17.48
N GLY A 113 20.38 -1.90 -16.45
CA GLY A 113 21.79 -2.22 -16.59
C GLY A 113 22.16 -3.45 -15.76
N GLY A 1 -14.05 5.65 35.95
CA GLY A 1 -13.53 5.00 34.75
C GLY A 1 -13.02 3.59 35.08
N SER A 2 -12.12 3.11 34.22
CA SER A 2 -11.55 1.79 34.41
C SER A 2 -10.34 1.62 33.49
N SER A 3 -9.29 1.01 34.04
CA SER A 3 -8.09 0.78 33.29
C SER A 3 -7.82 -0.72 33.17
N GLY A 4 -7.62 -1.16 31.94
CA GLY A 4 -7.36 -2.57 31.67
C GLY A 4 -5.94 -2.95 32.09
N SER A 5 -5.01 -2.74 31.18
CA SER A 5 -3.61 -3.06 31.45
C SER A 5 -2.72 -2.36 30.44
N SER A 6 -1.65 -1.76 30.96
CA SER A 6 -0.70 -1.05 30.11
C SER A 6 0.52 -1.93 29.85
N GLY A 7 0.72 -2.26 28.58
CA GLY A 7 1.85 -3.08 28.18
C GLY A 7 1.86 -3.30 26.67
N ARG A 8 2.59 -2.44 25.98
CA ARG A 8 2.70 -2.53 24.54
C ARG A 8 1.33 -2.32 23.90
N PRO A 9 1.30 -1.39 22.88
CA PRO A 9 0.06 -1.10 22.18
C PRO A 9 -0.30 -2.21 21.21
N GLY A 10 -0.72 -3.34 21.79
CA GLY A 10 -1.11 -4.49 20.99
C GLY A 10 0.05 -4.95 20.10
N GLY A 11 -0.31 -5.46 18.92
CA GLY A 11 0.68 -5.94 17.99
C GLY A 11 0.01 -6.51 16.73
N ASP A 12 0.40 -7.72 16.39
CA ASP A 12 -0.14 -8.40 15.22
C ASP A 12 -0.31 -7.37 14.09
N ALA A 13 0.80 -7.09 13.43
CA ALA A 13 0.79 -6.13 12.33
C ALA A 13 1.07 -6.87 11.02
N ARG A 14 0.09 -7.67 10.60
CA ARG A 14 0.23 -8.43 9.38
C ARG A 14 -0.84 -8.00 8.36
N GLU A 15 -2.09 -8.15 8.77
CA GLU A 15 -3.20 -7.79 7.91
C GLU A 15 -2.97 -6.40 7.30
N PRO A 16 -3.90 -6.01 6.39
CA PRO A 16 -3.81 -4.72 5.73
C PRO A 16 -4.20 -3.58 6.69
N ARG A 17 -3.38 -2.55 6.70
CA ARG A 17 -3.63 -1.41 7.55
C ARG A 17 -4.03 -0.19 6.71
N LYS A 18 -4.97 0.58 7.23
CA LYS A 18 -5.45 1.76 6.54
C LYS A 18 -4.39 2.86 6.64
N ILE A 19 -3.75 3.12 5.51
CA ILE A 19 -2.71 4.15 5.46
C ILE A 19 -3.26 5.38 4.77
N ILE A 20 -3.82 6.28 5.57
CA ILE A 20 -4.39 7.50 5.04
C ILE A 20 -3.27 8.52 4.81
N LEU A 21 -2.83 8.60 3.56
CA LEU A 21 -1.77 9.53 3.20
C LEU A 21 -2.38 10.79 2.59
N HIS A 22 -1.77 11.92 2.90
CA HIS A 22 -2.24 13.19 2.39
C HIS A 22 -1.25 13.73 1.35
N LYS A 23 -1.61 13.54 0.09
CA LYS A 23 -0.76 14.00 -1.00
C LYS A 23 -0.14 15.34 -0.63
N GLY A 24 1.17 15.34 -0.49
CA GLY A 24 1.90 16.55 -0.14
C GLY A 24 1.71 17.63 -1.20
N SER A 25 2.33 17.41 -2.35
CA SER A 25 2.23 18.36 -3.44
C SER A 25 1.39 17.77 -4.57
N THR A 26 1.82 16.61 -5.04
CA THR A 26 1.11 15.93 -6.11
C THR A 26 1.44 14.44 -6.11
N GLY A 27 1.81 13.95 -4.93
CA GLY A 27 2.15 12.54 -4.78
C GLY A 27 1.86 12.07 -3.36
N LEU A 28 1.77 10.75 -3.21
CA LEU A 28 1.49 10.15 -1.91
C LEU A 28 2.82 9.79 -1.24
N GLY A 29 3.89 9.91 -2.01
CA GLY A 29 5.22 9.60 -1.50
C GLY A 29 5.45 8.09 -1.46
N PHE A 30 5.04 7.44 -2.54
CA PHE A 30 5.21 6.00 -2.65
C PHE A 30 4.70 5.49 -4.01
N ASN A 31 5.37 4.46 -4.50
CA ASN A 31 5.01 3.88 -5.78
C ASN A 31 4.28 2.55 -5.54
N ILE A 32 3.85 1.95 -6.63
CA ILE A 32 3.15 0.67 -6.56
C ILE A 32 3.57 -0.21 -7.73
N VAL A 33 3.36 -1.51 -7.56
CA VAL A 33 3.71 -2.47 -8.59
C VAL A 33 2.63 -3.54 -8.68
N GLY A 34 2.81 -4.44 -9.62
CA GLY A 34 1.86 -5.52 -9.82
C GLY A 34 0.90 -5.20 -10.98
N GLY A 35 -0.10 -6.04 -11.13
CA GLY A 35 -1.08 -5.86 -12.18
C GLY A 35 -0.88 -6.88 -13.30
N GLU A 36 -0.27 -8.00 -12.94
CA GLU A 36 -0.01 -9.06 -13.90
C GLU A 36 -0.74 -10.34 -13.49
N ASP A 37 -1.65 -10.77 -14.35
CA ASP A 37 -2.42 -11.97 -14.09
C ASP A 37 -3.12 -11.83 -12.74
N GLY A 38 -3.62 -10.64 -12.49
CA GLY A 38 -4.32 -10.36 -11.24
C GLY A 38 -3.58 -10.99 -10.05
N GLU A 39 -2.31 -10.62 -9.92
CA GLU A 39 -1.49 -11.14 -8.84
C GLU A 39 -1.65 -10.27 -7.59
N GLY A 40 -1.89 -8.99 -7.82
CA GLY A 40 -2.07 -8.04 -6.74
C GLY A 40 -1.22 -6.79 -6.95
N ILE A 41 -1.14 -5.99 -5.90
CA ILE A 41 -0.37 -4.75 -5.97
C ILE A 41 0.55 -4.68 -4.74
N PHE A 42 1.70 -4.03 -4.94
CA PHE A 42 2.65 -3.87 -3.87
C PHE A 42 3.48 -2.60 -4.06
N VAL A 43 3.88 -2.02 -2.93
CA VAL A 43 4.68 -0.80 -2.96
C VAL A 43 6.02 -1.09 -3.62
N SER A 44 6.45 -0.14 -4.44
CA SER A 44 7.71 -0.27 -5.15
C SER A 44 8.78 0.59 -4.48
N PHE A 45 8.35 1.77 -4.05
CA PHE A 45 9.26 2.70 -3.38
C PHE A 45 8.49 3.70 -2.53
N ILE A 46 9.23 4.38 -1.66
CA ILE A 46 8.63 5.37 -0.78
C ILE A 46 9.50 6.62 -0.76
N LEU A 47 8.89 7.74 -1.14
CA LEU A 47 9.60 9.01 -1.16
C LEU A 47 10.01 9.38 0.26
N ALA A 48 11.11 10.13 0.34
CA ALA A 48 11.63 10.55 1.63
C ALA A 48 11.12 11.97 1.93
N GLY A 49 10.22 12.04 2.90
CA GLY A 49 9.64 13.32 3.30
C GLY A 49 8.18 13.42 2.86
N GLY A 50 7.76 12.45 2.05
CA GLY A 50 6.39 12.43 1.57
C GLY A 50 5.42 12.05 2.68
N PRO A 51 4.13 11.90 2.29
CA PRO A 51 3.09 11.54 3.26
C PRO A 51 3.19 10.06 3.64
N ALA A 52 3.63 9.26 2.68
CA ALA A 52 3.77 7.84 2.91
C ALA A 52 4.89 7.60 3.92
N ASP A 53 5.89 8.46 3.88
CA ASP A 53 7.02 8.34 4.79
C ASP A 53 6.69 9.11 6.09
N LEU A 54 6.41 10.39 5.92
CA LEU A 54 6.09 11.23 7.06
C LEU A 54 5.09 10.51 7.96
N SER A 55 3.94 10.17 7.37
CA SER A 55 2.90 9.47 8.10
C SER A 55 3.50 8.33 8.90
N GLY A 56 4.40 7.60 8.26
CA GLY A 56 5.05 6.48 8.91
C GLY A 56 4.13 5.25 8.95
N GLU A 57 3.20 5.22 8.01
CA GLU A 57 2.26 4.12 7.92
C GLU A 57 2.60 3.22 6.74
N LEU A 58 2.81 3.85 5.58
CA LEU A 58 3.15 3.11 4.37
C LEU A 58 4.64 2.79 4.39
N ARG A 59 4.95 1.57 3.97
CA ARG A 59 6.34 1.12 3.93
C ARG A 59 6.58 0.28 2.67
N ARG A 60 7.82 0.34 2.19
CA ARG A 60 8.19 -0.42 1.01
C ARG A 60 8.11 -1.92 1.29
N GLY A 61 7.16 -2.56 0.62
CA GLY A 61 6.96 -3.99 0.77
C GLY A 61 5.54 -4.29 1.25
N ASP A 62 4.73 -3.24 1.32
CA ASP A 62 3.36 -3.38 1.76
C ASP A 62 2.46 -3.60 0.54
N ARG A 63 1.66 -4.66 0.61
CA ARG A 63 0.76 -4.99 -0.47
C ARG A 63 -0.50 -4.12 -0.41
N ILE A 64 -0.69 -3.34 -1.47
CA ILE A 64 -1.84 -2.46 -1.54
C ILE A 64 -3.10 -3.28 -1.79
N LEU A 65 -3.90 -3.40 -0.75
CA LEU A 65 -5.15 -4.15 -0.84
C LEU A 65 -6.19 -3.32 -1.59
N SER A 66 -6.43 -2.13 -1.07
CA SER A 66 -7.40 -1.24 -1.68
C SER A 66 -6.94 0.22 -1.51
N VAL A 67 -7.45 1.07 -2.38
CA VAL A 67 -7.12 2.48 -2.34
C VAL A 67 -8.40 3.31 -2.33
N ASN A 68 -8.39 4.34 -1.50
CA ASN A 68 -9.55 5.22 -1.38
C ASN A 68 -10.82 4.38 -1.43
N GLY A 69 -10.70 3.15 -0.96
CA GLY A 69 -11.84 2.23 -0.94
C GLY A 69 -12.10 1.67 -2.34
N VAL A 70 -11.07 1.05 -2.89
CA VAL A 70 -11.17 0.46 -4.22
C VAL A 70 -10.59 -0.95 -4.19
N ASN A 71 -11.22 -1.83 -4.97
CA ASN A 71 -10.78 -3.22 -5.04
C ASN A 71 -9.72 -3.36 -6.13
N LEU A 72 -8.49 -3.59 -5.68
CA LEU A 72 -7.38 -3.74 -6.61
C LEU A 72 -6.71 -5.10 -6.36
N ARG A 73 -7.24 -5.82 -5.40
CA ARG A 73 -6.70 -7.13 -5.05
C ARG A 73 -6.24 -7.86 -6.32
N ASN A 74 -7.01 -7.68 -7.38
CA ASN A 74 -6.70 -8.31 -8.65
C ASN A 74 -6.89 -7.30 -9.78
N ALA A 75 -6.31 -6.13 -9.59
CA ALA A 75 -6.41 -5.08 -10.58
C ALA A 75 -5.03 -4.87 -11.23
N THR A 76 -5.05 -4.21 -12.38
CA THR A 76 -3.83 -3.94 -13.12
C THR A 76 -3.11 -2.72 -12.53
N HIS A 77 -1.86 -2.57 -12.92
CA HIS A 77 -1.05 -1.46 -12.43
C HIS A 77 -1.78 -0.15 -12.73
N GLU A 78 -2.40 -0.10 -13.90
CA GLU A 78 -3.13 1.09 -14.31
C GLU A 78 -4.32 1.33 -13.38
N GLN A 79 -5.17 0.31 -13.28
CA GLN A 79 -6.34 0.40 -12.45
C GLN A 79 -5.95 0.80 -11.02
N ALA A 80 -4.84 0.24 -10.56
CA ALA A 80 -4.34 0.51 -9.23
C ALA A 80 -3.86 1.96 -9.17
N ALA A 81 -3.42 2.46 -10.32
CA ALA A 81 -2.93 3.82 -10.40
C ALA A 81 -4.11 4.78 -10.51
N ALA A 82 -5.05 4.42 -11.38
CA ALA A 82 -6.24 5.23 -11.58
C ALA A 82 -6.92 5.49 -10.23
N ALA A 83 -6.66 4.58 -9.30
CA ALA A 83 -7.24 4.70 -7.97
C ALA A 83 -6.52 5.80 -7.20
N LEU A 84 -5.29 6.08 -7.64
CA LEU A 84 -4.49 7.10 -7.00
C LEU A 84 -4.65 8.43 -7.76
N LYS A 85 -5.02 8.30 -9.02
CA LYS A 85 -5.21 9.47 -9.86
C LYS A 85 -6.64 9.98 -9.70
N ARG A 86 -7.52 9.06 -9.32
CA ARG A 86 -8.92 9.40 -9.13
C ARG A 86 -9.18 9.81 -7.67
N ALA A 87 -8.16 9.62 -6.86
CA ALA A 87 -8.25 9.96 -5.45
C ALA A 87 -8.24 11.48 -5.29
N GLY A 88 -7.60 11.93 -4.22
CA GLY A 88 -7.49 13.35 -3.94
C GLY A 88 -6.43 13.63 -2.89
N GLN A 89 -6.61 14.74 -2.19
CA GLN A 89 -5.66 15.13 -1.16
C GLN A 89 -5.57 14.05 -0.08
N SER A 90 -6.74 13.66 0.42
CA SER A 90 -6.80 12.63 1.44
C SER A 90 -7.18 11.29 0.82
N VAL A 91 -6.15 10.47 0.59
CA VAL A 91 -6.35 9.16 0.00
C VAL A 91 -6.12 8.09 1.07
N THR A 92 -7.00 7.10 1.06
CA THR A 92 -6.91 6.00 2.01
C THR A 92 -6.36 4.75 1.34
N ILE A 93 -5.08 4.52 1.55
CA ILE A 93 -4.42 3.36 0.97
C ILE A 93 -4.33 2.24 2.01
N VAL A 94 -5.11 1.20 1.79
CA VAL A 94 -5.14 0.07 2.71
C VAL A 94 -4.22 -1.03 2.17
N ALA A 95 -3.03 -1.11 2.74
CA ALA A 95 -2.06 -2.10 2.34
C ALA A 95 -1.57 -2.87 3.58
N GLN A 96 -1.17 -4.11 3.33
CA GLN A 96 -0.69 -4.95 4.41
C GLN A 96 0.81 -5.20 4.25
N TYR A 97 1.53 -5.01 5.35
CA TYR A 97 2.97 -5.20 5.36
C TYR A 97 3.32 -6.66 5.03
N ARG A 98 3.63 -6.89 3.77
CA ARG A 98 4.00 -8.23 3.32
C ARG A 98 5.25 -8.16 2.44
N PRO A 99 6.43 -8.14 3.12
CA PRO A 99 7.69 -8.09 2.42
C PRO A 99 8.05 -9.45 1.81
N GLU A 100 7.40 -10.48 2.34
CA GLU A 100 7.63 -11.83 1.86
C GLU A 100 7.22 -11.95 0.40
N GLU A 101 6.04 -11.40 0.10
CA GLU A 101 5.52 -11.43 -1.26
C GLU A 101 6.33 -10.50 -2.16
N TYR A 102 6.35 -9.23 -1.78
CA TYR A 102 7.07 -8.23 -2.56
C TYR A 102 8.44 -8.76 -2.99
N SER A 103 9.02 -9.59 -2.13
CA SER A 103 10.32 -10.17 -2.43
C SER A 103 10.32 -10.80 -3.82
N ARG A 104 9.13 -11.21 -4.24
CA ARG A 104 8.98 -11.82 -5.55
C ARG A 104 9.31 -10.82 -6.65
N PHE A 105 9.07 -9.56 -6.34
CA PHE A 105 9.34 -8.49 -7.30
C PHE A 105 10.79 -8.02 -7.20
N GLU A 106 11.28 -7.94 -5.98
CA GLU A 106 12.66 -7.52 -5.74
C GLU A 106 13.60 -8.22 -6.72
N SER A 107 13.52 -9.54 -6.74
CA SER A 107 14.35 -10.33 -7.61
C SER A 107 14.23 -9.83 -9.05
N SER A 108 13.01 -9.87 -9.56
CA SER A 108 12.74 -9.42 -10.92
C SER A 108 13.17 -7.97 -11.08
N GLY A 109 14.08 -7.76 -12.02
CA GLY A 109 14.59 -6.42 -12.29
C GLY A 109 16.12 -6.42 -12.36
N PRO A 110 16.72 -5.34 -11.78
CA PRO A 110 18.17 -5.21 -11.77
C PRO A 110 18.80 -6.15 -10.74
N SER A 111 19.22 -7.31 -11.24
CA SER A 111 19.83 -8.31 -10.38
C SER A 111 21.32 -7.98 -10.19
N SER A 112 21.78 -8.14 -8.96
CA SER A 112 23.16 -7.87 -8.64
C SER A 112 23.65 -6.63 -9.41
N GLY A 113 23.39 -5.48 -8.82
CA GLY A 113 23.79 -4.22 -9.42
C GLY A 113 23.03 -3.04 -8.80
N GLY A 1 -23.25 3.06 31.83
CA GLY A 1 -22.42 2.08 31.16
C GLY A 1 -21.60 1.28 32.18
N SER A 2 -20.62 0.54 31.66
CA SER A 2 -19.77 -0.27 32.51
C SER A 2 -18.30 0.10 32.26
N SER A 3 -17.44 -0.45 33.10
CA SER A 3 -16.02 -0.19 32.99
C SER A 3 -15.29 -1.45 32.51
N GLY A 4 -14.01 -1.28 32.16
CA GLY A 4 -13.21 -2.37 31.68
C GLY A 4 -12.64 -2.07 30.29
N SER A 5 -12.63 -3.10 29.46
CA SER A 5 -12.12 -2.96 28.11
C SER A 5 -10.58 -2.90 28.13
N SER A 6 -10.07 -1.93 28.88
CA SER A 6 -8.63 -1.76 28.99
C SER A 6 -7.96 -3.11 29.25
N GLY A 7 -6.87 -3.34 28.54
CA GLY A 7 -6.12 -4.58 28.69
C GLY A 7 -5.96 -5.28 27.34
N ARG A 8 -5.58 -6.55 27.42
CA ARG A 8 -5.38 -7.34 26.21
C ARG A 8 -4.20 -6.80 25.41
N PRO A 9 -3.40 -7.74 24.84
CA PRO A 9 -2.25 -7.37 24.05
C PRO A 9 -2.66 -6.86 22.67
N GLY A 10 -1.66 -6.65 21.82
CA GLY A 10 -1.92 -6.16 20.48
C GLY A 10 -0.63 -6.15 19.66
N GLY A 11 -0.82 -6.19 18.34
CA GLY A 11 0.31 -6.19 17.43
C GLY A 11 -0.05 -6.90 16.12
N ASP A 12 0.68 -7.96 15.84
CA ASP A 12 0.45 -8.73 14.62
C ASP A 12 0.20 -7.78 13.46
N ALA A 13 1.28 -7.29 12.89
CA ALA A 13 1.19 -6.37 11.77
C ALA A 13 1.47 -7.13 10.46
N ARG A 14 0.54 -7.99 10.10
CA ARG A 14 0.67 -8.78 8.89
C ARG A 14 -0.45 -8.43 7.90
N GLU A 15 -1.64 -8.26 8.45
CA GLU A 15 -2.80 -7.93 7.64
C GLU A 15 -2.65 -6.52 7.04
N PRO A 16 -3.61 -6.17 6.16
CA PRO A 16 -3.59 -4.86 5.51
C PRO A 16 -4.03 -3.77 6.48
N ARG A 17 -3.18 -2.75 6.58
CA ARG A 17 -3.46 -1.63 7.47
C ARG A 17 -4.00 -0.44 6.67
N LYS A 18 -4.75 0.40 7.36
CA LYS A 18 -5.33 1.58 6.73
C LYS A 18 -4.32 2.73 6.79
N ILE A 19 -3.71 2.98 5.65
CA ILE A 19 -2.73 4.05 5.55
C ILE A 19 -3.33 5.25 4.81
N ILE A 20 -3.48 6.34 5.54
CA ILE A 20 -4.05 7.55 4.97
C ILE A 20 -2.93 8.54 4.65
N LEU A 21 -2.59 8.60 3.36
CA LEU A 21 -1.53 9.49 2.91
C LEU A 21 -2.15 10.80 2.43
N HIS A 22 -1.52 11.89 2.83
CA HIS A 22 -2.00 13.21 2.45
C HIS A 22 -1.14 13.76 1.31
N LYS A 23 -1.70 13.71 0.11
CA LYS A 23 -1.01 14.20 -1.07
C LYS A 23 -0.36 15.54 -0.75
N GLY A 24 0.98 15.54 -0.76
CA GLY A 24 1.73 16.75 -0.48
C GLY A 24 1.82 17.64 -1.72
N SER A 25 2.03 16.99 -2.86
CA SER A 25 2.15 17.71 -4.11
C SER A 25 2.52 16.74 -5.24
N THR A 26 3.53 15.93 -4.96
CA THR A 26 4.00 14.95 -5.93
C THR A 26 3.02 13.79 -6.02
N GLY A 27 2.61 13.30 -4.87
CA GLY A 27 1.68 12.19 -4.80
C GLY A 27 1.50 11.71 -3.37
N LEU A 28 1.49 10.39 -3.21
CA LEU A 28 1.32 9.79 -1.90
C LEU A 28 2.69 9.53 -1.28
N GLY A 29 3.71 9.65 -2.12
CA GLY A 29 5.07 9.43 -1.67
C GLY A 29 5.41 7.94 -1.63
N PHE A 30 4.85 7.22 -2.59
CA PHE A 30 5.08 5.78 -2.68
C PHE A 30 4.72 5.26 -4.07
N ASN A 31 5.50 4.29 -4.51
CA ASN A 31 5.28 3.68 -5.83
C ASN A 31 4.45 2.41 -5.66
N ILE A 32 4.10 1.83 -6.80
CA ILE A 32 3.30 0.61 -6.79
C ILE A 32 3.76 -0.29 -7.94
N VAL A 33 3.55 -1.59 -7.74
CA VAL A 33 3.94 -2.57 -8.75
C VAL A 33 2.90 -3.69 -8.77
N GLY A 34 2.91 -4.43 -9.88
CA GLY A 34 1.98 -5.53 -10.04
C GLY A 34 1.02 -5.28 -11.21
N GLY A 35 -0.02 -6.11 -11.26
CA GLY A 35 -1.01 -5.98 -12.32
C GLY A 35 -0.81 -7.06 -13.38
N GLU A 36 -0.55 -8.27 -12.91
CA GLU A 36 -0.34 -9.40 -13.80
C GLU A 36 -1.01 -10.66 -13.23
N ASP A 37 -1.89 -11.24 -14.05
CA ASP A 37 -2.59 -12.44 -13.64
C ASP A 37 -3.32 -12.18 -12.32
N GLY A 38 -3.51 -10.89 -12.03
CA GLY A 38 -4.18 -10.50 -10.80
C GLY A 38 -3.46 -11.05 -9.58
N GLU A 39 -2.16 -10.84 -9.55
CA GLU A 39 -1.34 -11.31 -8.43
C GLU A 39 -1.42 -10.33 -7.27
N GLY A 40 -1.84 -9.11 -7.59
CA GLY A 40 -1.97 -8.08 -6.58
C GLY A 40 -0.97 -6.94 -6.83
N ILE A 41 -1.11 -5.89 -6.03
CA ILE A 41 -0.22 -4.74 -6.15
C ILE A 41 0.71 -4.69 -4.94
N PHE A 42 1.79 -3.94 -5.10
CA PHE A 42 2.77 -3.81 -4.04
C PHE A 42 3.60 -2.52 -4.22
N VAL A 43 3.97 -1.95 -3.09
CA VAL A 43 4.75 -0.72 -3.10
C VAL A 43 6.15 -1.01 -3.64
N SER A 44 6.60 -0.14 -4.53
CA SER A 44 7.92 -0.30 -5.13
C SER A 44 8.94 0.55 -4.38
N PHE A 45 8.46 1.69 -3.87
CA PHE A 45 9.31 2.60 -3.14
C PHE A 45 8.48 3.63 -2.37
N ILE A 46 9.16 4.33 -1.47
CA ILE A 46 8.50 5.34 -0.66
C ILE A 46 9.37 6.60 -0.61
N LEU A 47 8.79 7.70 -1.08
CA LEU A 47 9.51 8.97 -1.09
C LEU A 47 9.88 9.36 0.34
N ALA A 48 10.97 10.09 0.45
CA ALA A 48 11.44 10.54 1.75
C ALA A 48 10.90 11.95 2.03
N GLY A 49 9.99 12.02 2.99
CA GLY A 49 9.39 13.29 3.36
C GLY A 49 7.92 13.35 2.93
N GLY A 50 7.55 12.42 2.07
CA GLY A 50 6.19 12.36 1.58
C GLY A 50 5.22 11.94 2.69
N PRO A 51 3.94 11.74 2.29
CA PRO A 51 2.91 11.35 3.24
C PRO A 51 3.05 9.87 3.61
N ALA A 52 3.48 9.09 2.64
CA ALA A 52 3.67 7.66 2.85
C ALA A 52 4.88 7.44 3.78
N ASP A 53 5.58 8.53 4.03
CA ASP A 53 6.75 8.47 4.89
C ASP A 53 6.48 9.24 6.18
N LEU A 54 6.04 10.48 6.01
CA LEU A 54 5.73 11.32 7.15
C LEU A 54 4.64 10.68 7.99
N SER A 55 3.55 10.32 7.33
CA SER A 55 2.43 9.68 8.00
C SER A 55 2.95 8.71 9.06
N GLY A 56 4.11 8.14 8.79
CA GLY A 56 4.72 7.20 9.71
C GLY A 56 4.29 5.76 9.37
N GLU A 57 3.55 5.64 8.29
CA GLU A 57 3.08 4.33 7.85
C GLU A 57 3.56 4.04 6.43
N LEU A 58 3.06 2.94 5.89
CA LEU A 58 3.43 2.55 4.53
C LEU A 58 4.94 2.29 4.48
N ARG A 59 5.30 1.20 3.83
CA ARG A 59 6.70 0.82 3.69
C ARG A 59 6.94 0.14 2.35
N ARG A 60 8.13 0.37 1.81
CA ARG A 60 8.50 -0.23 0.53
C ARG A 60 8.41 -1.74 0.61
N GLY A 61 7.22 -2.25 0.35
CA GLY A 61 6.99 -3.69 0.39
C GLY A 61 5.64 -4.01 1.05
N ASP A 62 4.63 -3.25 0.65
CA ASP A 62 3.29 -3.44 1.18
C ASP A 62 2.32 -3.69 0.02
N ARG A 63 1.59 -4.79 0.13
CA ARG A 63 0.62 -5.14 -0.89
C ARG A 63 -0.62 -4.25 -0.79
N ILE A 64 -0.80 -3.42 -1.81
CA ILE A 64 -1.94 -2.52 -1.84
C ILE A 64 -3.22 -3.33 -2.01
N LEU A 65 -4.03 -3.32 -0.96
CA LEU A 65 -5.29 -4.05 -0.98
C LEU A 65 -6.34 -3.23 -1.72
N SER A 66 -6.46 -1.96 -1.31
CA SER A 66 -7.42 -1.07 -1.92
C SER A 66 -6.97 0.38 -1.73
N VAL A 67 -7.65 1.28 -2.44
CA VAL A 67 -7.33 2.69 -2.36
C VAL A 67 -8.62 3.48 -2.08
N ASN A 68 -8.58 4.24 -1.00
CA ASN A 68 -9.73 5.05 -0.62
C ASN A 68 -10.99 4.18 -0.63
N GLY A 69 -10.76 2.88 -0.53
CA GLY A 69 -11.86 1.93 -0.53
C GLY A 69 -12.14 1.42 -1.94
N VAL A 70 -11.06 1.11 -2.65
CA VAL A 70 -11.17 0.61 -4.00
C VAL A 70 -10.60 -0.81 -4.07
N ASN A 71 -11.47 -1.75 -4.37
CA ASN A 71 -11.07 -3.14 -4.46
C ASN A 71 -10.14 -3.32 -5.67
N LEU A 72 -8.86 -3.51 -5.37
CA LEU A 72 -7.87 -3.69 -6.41
C LEU A 72 -7.19 -5.04 -6.23
N ARG A 73 -7.69 -5.81 -5.27
CA ARG A 73 -7.15 -7.12 -4.99
C ARG A 73 -6.75 -7.82 -6.29
N ASN A 74 -7.47 -7.49 -7.35
CA ASN A 74 -7.21 -8.07 -8.65
C ASN A 74 -7.36 -7.00 -9.73
N ALA A 75 -6.44 -6.04 -9.69
CA ALA A 75 -6.46 -4.96 -10.66
C ALA A 75 -5.07 -4.81 -11.29
N THR A 76 -5.04 -4.23 -12.47
CA THR A 76 -3.79 -4.03 -13.18
C THR A 76 -3.03 -2.83 -12.59
N HIS A 77 -1.81 -2.66 -13.07
CA HIS A 77 -0.97 -1.57 -12.60
C HIS A 77 -1.69 -0.23 -12.81
N GLU A 78 -2.07 0.00 -14.07
CA GLU A 78 -2.77 1.22 -14.42
C GLU A 78 -3.95 1.45 -13.48
N GLN A 79 -4.85 0.48 -13.45
CA GLN A 79 -6.02 0.56 -12.61
C GLN A 79 -5.63 0.99 -11.19
N ALA A 80 -4.52 0.43 -10.74
CA ALA A 80 -4.01 0.75 -9.41
C ALA A 80 -3.57 2.20 -9.37
N ALA A 81 -3.01 2.66 -10.48
CA ALA A 81 -2.54 4.03 -10.58
C ALA A 81 -3.74 4.96 -10.74
N ALA A 82 -4.57 4.65 -11.73
CA ALA A 82 -5.75 5.45 -12.00
C ALA A 82 -6.53 5.65 -10.71
N ALA A 83 -6.30 4.74 -9.77
CA ALA A 83 -6.99 4.79 -8.49
C ALA A 83 -6.37 5.90 -7.63
N LEU A 84 -5.08 6.11 -7.84
CA LEU A 84 -4.36 7.14 -7.10
C LEU A 84 -4.55 8.49 -7.79
N LYS A 85 -5.01 8.42 -9.03
CA LYS A 85 -5.24 9.62 -9.81
C LYS A 85 -6.68 10.09 -9.60
N ARG A 86 -7.53 9.14 -9.25
CA ARG A 86 -8.94 9.43 -9.02
C ARG A 86 -9.15 9.85 -7.57
N ALA A 87 -8.12 9.68 -6.77
CA ALA A 87 -8.17 10.03 -5.37
C ALA A 87 -8.17 11.56 -5.22
N GLY A 88 -7.45 12.03 -4.21
CA GLY A 88 -7.35 13.46 -3.95
C GLY A 88 -6.28 13.76 -2.92
N GLN A 89 -6.67 14.57 -1.93
CA GLN A 89 -5.75 14.95 -0.87
C GLN A 89 -5.73 13.87 0.21
N SER A 90 -6.91 13.52 0.68
CA SER A 90 -7.04 12.51 1.72
C SER A 90 -7.39 11.16 1.08
N VAL A 91 -6.35 10.37 0.85
CA VAL A 91 -6.53 9.06 0.25
C VAL A 91 -6.17 7.97 1.27
N THR A 92 -7.01 6.96 1.34
CA THR A 92 -6.79 5.86 2.27
C THR A 92 -6.25 4.64 1.53
N ILE A 93 -4.93 4.46 1.61
CA ILE A 93 -4.29 3.34 0.95
C ILE A 93 -4.16 2.18 1.95
N VAL A 94 -4.96 1.15 1.70
CA VAL A 94 -4.95 -0.02 2.56
C VAL A 94 -3.99 -1.07 1.97
N ALA A 95 -2.81 -1.13 2.57
CA ALA A 95 -1.80 -2.08 2.11
C ALA A 95 -1.29 -2.88 3.31
N GLN A 96 -0.93 -4.12 3.04
CA GLN A 96 -0.43 -5.01 4.08
C GLN A 96 1.05 -5.31 3.85
N TYR A 97 1.83 -5.07 4.90
CA TYR A 97 3.27 -5.31 4.83
C TYR A 97 3.57 -6.77 4.49
N ARG A 98 3.75 -7.03 3.20
CA ARG A 98 4.04 -8.38 2.73
C ARG A 98 5.29 -8.38 1.86
N PRO A 99 6.47 -8.45 2.54
CA PRO A 99 7.74 -8.46 1.84
C PRO A 99 7.99 -9.82 1.19
N GLU A 100 7.42 -10.85 1.79
CA GLU A 100 7.57 -12.20 1.28
C GLU A 100 7.10 -12.28 -0.18
N GLU A 101 6.06 -11.50 -0.47
CA GLU A 101 5.51 -11.47 -1.81
C GLU A 101 6.29 -10.48 -2.68
N TYR A 102 6.47 -9.29 -2.14
CA TYR A 102 7.19 -8.25 -2.86
C TYR A 102 8.59 -8.72 -3.26
N SER A 103 9.02 -9.79 -2.61
CA SER A 103 10.33 -10.36 -2.89
C SER A 103 10.57 -10.41 -4.40
N ARG A 104 9.59 -10.99 -5.10
CA ARG A 104 9.67 -11.11 -6.55
C ARG A 104 10.14 -9.79 -7.16
N PHE A 105 9.41 -8.74 -6.83
CA PHE A 105 9.74 -7.41 -7.34
C PHE A 105 11.09 -6.94 -6.82
N GLU A 106 11.32 -7.19 -5.55
CA GLU A 106 12.56 -6.79 -4.90
C GLU A 106 13.74 -7.09 -5.83
N SER A 107 13.84 -8.34 -6.24
CA SER A 107 14.91 -8.76 -7.13
C SER A 107 15.01 -7.81 -8.32
N SER A 108 13.92 -7.73 -9.06
CA SER A 108 13.87 -6.86 -10.23
C SER A 108 13.95 -5.39 -9.80
N GLY A 109 15.04 -4.75 -10.21
CA GLY A 109 15.25 -3.36 -9.88
C GLY A 109 15.31 -2.49 -11.13
N PRO A 110 15.04 -1.18 -10.95
CA PRO A 110 15.07 -0.24 -12.05
C PRO A 110 16.50 0.09 -12.47
N SER A 111 16.62 0.81 -13.57
CA SER A 111 17.92 1.19 -14.09
C SER A 111 18.09 2.71 -14.02
N SER A 112 18.49 3.17 -12.84
CA SER A 112 18.68 4.60 -12.63
C SER A 112 20.17 4.90 -12.42
N GLY A 113 20.49 6.18 -12.38
CA GLY A 113 21.86 6.61 -12.18
C GLY A 113 22.41 6.10 -10.85
N GLY A 1 -23.46 18.43 19.77
CA GLY A 1 -22.29 17.73 19.28
C GLY A 1 -21.49 17.13 20.45
N SER A 2 -21.30 15.82 20.38
CA SER A 2 -20.58 15.11 21.41
C SER A 2 -20.23 13.70 20.93
N SER A 3 -18.95 13.49 20.65
CA SER A 3 -18.48 12.21 20.18
C SER A 3 -17.36 11.70 21.08
N GLY A 4 -16.99 10.44 20.88
CA GLY A 4 -15.94 9.83 21.67
C GLY A 4 -15.48 8.52 21.05
N SER A 5 -14.22 8.19 21.28
CA SER A 5 -13.64 6.97 20.75
C SER A 5 -12.45 6.53 21.60
N SER A 6 -12.14 5.25 21.50
CA SER A 6 -11.02 4.69 22.26
C SER A 6 -10.79 3.22 21.86
N GLY A 7 -9.54 2.82 21.93
CA GLY A 7 -9.18 1.46 21.57
C GLY A 7 -7.66 1.27 21.63
N ARG A 8 -7.24 0.04 21.33
CA ARG A 8 -5.83 -0.29 21.35
C ARG A 8 -5.47 -1.15 20.13
N PRO A 9 -4.32 -0.79 19.49
CA PRO A 9 -3.85 -1.51 18.33
C PRO A 9 -3.26 -2.86 18.71
N GLY A 10 -2.67 -3.53 17.73
CA GLY A 10 -2.07 -4.82 17.96
C GLY A 10 -1.68 -5.49 16.63
N GLY A 11 -0.54 -6.16 16.65
CA GLY A 11 -0.05 -6.84 15.46
C GLY A 11 1.46 -6.70 15.33
N ASP A 12 2.06 -7.64 14.61
CA ASP A 12 3.49 -7.63 14.40
C ASP A 12 3.80 -7.12 13.00
N ALA A 13 2.85 -6.38 12.45
CA ALA A 13 2.99 -5.83 11.11
C ALA A 13 2.96 -6.97 10.09
N ARG A 14 1.78 -7.54 9.91
CA ARG A 14 1.61 -8.63 8.98
C ARG A 14 0.30 -8.45 8.19
N GLU A 15 -0.76 -8.18 8.93
CA GLU A 15 -2.07 -7.99 8.33
C GLU A 15 -2.17 -6.59 7.71
N PRO A 16 -3.31 -6.36 7.01
CA PRO A 16 -3.54 -5.08 6.37
C PRO A 16 -3.92 -4.01 7.40
N ARG A 17 -3.69 -2.76 7.02
CA ARG A 17 -4.00 -1.65 7.90
C ARG A 17 -4.53 -0.47 7.10
N LYS A 18 -4.83 0.61 7.81
CA LYS A 18 -5.34 1.82 7.17
C LYS A 18 -4.25 2.89 7.18
N ILE A 19 -3.86 3.30 5.98
CA ILE A 19 -2.83 4.32 5.84
C ILE A 19 -3.40 5.50 5.06
N ILE A 20 -3.62 6.59 5.77
CA ILE A 20 -4.15 7.80 5.16
C ILE A 20 -3.00 8.68 4.68
N LEU A 21 -2.76 8.62 3.38
CA LEU A 21 -1.69 9.42 2.78
C LEU A 21 -2.27 10.72 2.23
N HIS A 22 -1.56 11.80 2.50
CA HIS A 22 -1.99 13.11 2.04
C HIS A 22 -1.05 13.59 0.93
N LYS A 23 -1.44 13.31 -0.30
CA LYS A 23 -0.65 13.71 -1.46
C LYS A 23 -0.04 15.09 -1.20
N GLY A 24 1.28 15.09 -1.00
CA GLY A 24 2.00 16.32 -0.73
C GLY A 24 2.36 17.04 -2.04
N SER A 25 3.30 16.45 -2.77
CA SER A 25 3.74 17.01 -4.02
C SER A 25 3.20 16.18 -5.20
N THR A 26 1.91 16.35 -5.45
CA THR A 26 1.26 15.63 -6.53
C THR A 26 1.64 14.15 -6.49
N GLY A 27 1.92 13.68 -5.28
CA GLY A 27 2.30 12.29 -5.08
C GLY A 27 1.98 11.82 -3.66
N LEU A 28 1.73 10.54 -3.53
CA LEU A 28 1.42 9.96 -2.23
C LEU A 28 2.72 9.64 -1.50
N GLY A 29 3.82 9.76 -2.22
CA GLY A 29 5.13 9.49 -1.66
C GLY A 29 5.44 7.99 -1.69
N PHE A 30 4.88 7.32 -2.69
CA PHE A 30 5.10 5.89 -2.84
C PHE A 30 4.63 5.41 -4.21
N ASN A 31 5.36 4.45 -4.75
CA ASN A 31 5.03 3.90 -6.06
C ASN A 31 4.20 2.63 -5.87
N ILE A 32 3.77 2.07 -6.99
CA ILE A 32 2.97 0.85 -6.97
C ILE A 32 3.48 -0.10 -8.06
N VAL A 33 3.24 -1.38 -7.83
CA VAL A 33 3.65 -2.40 -8.79
C VAL A 33 2.58 -3.49 -8.86
N GLY A 34 2.83 -4.45 -9.75
CA GLY A 34 1.89 -5.54 -9.93
C GLY A 34 1.13 -5.40 -11.25
N GLY A 35 0.06 -6.18 -11.36
CA GLY A 35 -0.76 -6.15 -12.56
C GLY A 35 -0.51 -7.38 -13.43
N GLU A 36 -0.10 -8.46 -12.77
CA GLU A 36 0.17 -9.70 -13.47
C GLU A 36 -0.68 -10.83 -12.90
N ASP A 37 -1.51 -11.40 -13.77
CA ASP A 37 -2.38 -12.49 -13.37
C ASP A 37 -2.96 -12.19 -11.98
N GLY A 38 -3.17 -10.90 -11.72
CA GLY A 38 -3.71 -10.47 -10.45
C GLY A 38 -2.86 -10.98 -9.29
N GLU A 39 -1.56 -10.72 -9.38
CA GLU A 39 -0.63 -11.15 -8.36
C GLU A 39 -0.71 -10.22 -7.14
N GLY A 40 -1.44 -9.13 -7.33
CA GLY A 40 -1.61 -8.15 -6.26
C GLY A 40 -0.74 -6.92 -6.49
N ILE A 41 -1.21 -5.79 -5.99
CA ILE A 41 -0.49 -4.54 -6.13
C ILE A 41 0.39 -4.32 -4.90
N PHE A 42 1.62 -3.90 -5.17
CA PHE A 42 2.56 -3.64 -4.09
C PHE A 42 3.28 -2.31 -4.29
N VAL A 43 3.95 -1.87 -3.24
CA VAL A 43 4.67 -0.61 -3.29
C VAL A 43 6.07 -0.85 -3.88
N SER A 44 6.38 -0.06 -4.89
CA SER A 44 7.67 -0.18 -5.55
C SER A 44 8.72 0.63 -4.80
N PHE A 45 8.27 1.75 -4.24
CA PHE A 45 9.16 2.62 -3.50
C PHE A 45 8.36 3.60 -2.64
N ILE A 46 9.08 4.24 -1.72
CA ILE A 46 8.45 5.21 -0.82
C ILE A 46 9.31 6.46 -0.76
N LEU A 47 8.67 7.59 -1.02
CA LEU A 47 9.36 8.88 -0.99
C LEU A 47 9.72 9.22 0.45
N ALA A 48 10.93 9.75 0.61
CA ALA A 48 11.41 10.13 1.93
C ALA A 48 10.96 11.56 2.24
N GLY A 49 9.98 11.65 3.13
CA GLY A 49 9.45 12.94 3.53
C GLY A 49 7.98 13.09 3.12
N GLY A 50 7.55 12.16 2.28
CA GLY A 50 6.17 12.16 1.80
C GLY A 50 5.21 11.66 2.89
N PRO A 51 3.92 11.49 2.49
CA PRO A 51 2.91 11.02 3.41
C PRO A 51 3.06 9.52 3.67
N ALA A 52 3.47 8.81 2.63
CA ALA A 52 3.66 7.37 2.73
C ALA A 52 4.85 7.08 3.66
N ASP A 53 5.65 8.11 3.88
CA ASP A 53 6.81 7.98 4.74
C ASP A 53 6.55 8.69 6.07
N LEU A 54 6.17 9.96 5.96
CA LEU A 54 5.87 10.75 7.14
C LEU A 54 4.83 10.03 8.00
N SER A 55 3.73 9.69 7.36
CA SER A 55 2.66 8.99 8.05
C SER A 55 3.24 7.99 9.04
N GLY A 56 4.38 7.43 8.66
CA GLY A 56 5.04 6.45 9.51
C GLY A 56 4.27 5.13 9.53
N GLU A 57 3.60 4.85 8.43
CA GLU A 57 2.82 3.62 8.31
C GLU A 57 3.22 2.86 7.04
N LEU A 58 2.95 3.50 5.91
CA LEU A 58 3.27 2.89 4.63
C LEU A 58 4.76 2.54 4.59
N ARG A 59 5.07 1.46 3.89
CA ARG A 59 6.45 1.01 3.77
C ARG A 59 6.68 0.38 2.39
N ARG A 60 7.92 0.48 1.94
CA ARG A 60 8.28 -0.08 0.65
C ARG A 60 8.29 -1.61 0.70
N GLY A 61 7.18 -2.19 0.28
CA GLY A 61 7.05 -3.64 0.28
C GLY A 61 5.59 -4.05 0.56
N ASP A 62 4.87 -3.14 1.21
CA ASP A 62 3.48 -3.40 1.54
C ASP A 62 2.71 -3.76 0.26
N ARG A 63 1.57 -4.41 0.45
CA ARG A 63 0.74 -4.82 -0.66
C ARG A 63 -0.57 -4.03 -0.66
N ILE A 64 -0.71 -3.17 -1.67
CA ILE A 64 -1.91 -2.36 -1.80
C ILE A 64 -3.12 -3.27 -1.96
N LEU A 65 -4.17 -2.95 -1.22
CA LEU A 65 -5.40 -3.72 -1.27
C LEU A 65 -6.51 -2.88 -1.91
N SER A 66 -6.72 -1.70 -1.33
CA SER A 66 -7.73 -0.80 -1.82
C SER A 66 -7.18 0.63 -1.88
N VAL A 67 -7.84 1.45 -2.68
CA VAL A 67 -7.42 2.84 -2.84
C VAL A 67 -8.57 3.75 -2.40
N ASN A 68 -8.43 4.31 -1.20
CA ASN A 68 -9.44 5.20 -0.67
C ASN A 68 -10.68 4.39 -0.28
N GLY A 69 -11.00 3.41 -1.12
CA GLY A 69 -12.14 2.56 -0.89
C GLY A 69 -12.29 1.51 -1.98
N VAL A 70 -11.79 1.86 -3.17
CA VAL A 70 -11.87 0.98 -4.30
C VAL A 70 -11.28 -0.38 -3.92
N ASN A 71 -11.12 -1.23 -4.93
CA ASN A 71 -10.56 -2.56 -4.72
C ASN A 71 -9.44 -2.81 -5.72
N LEU A 72 -8.24 -2.98 -5.19
CA LEU A 72 -7.08 -3.23 -6.03
C LEU A 72 -6.34 -4.47 -5.52
N ARG A 73 -7.12 -5.46 -5.12
CA ARG A 73 -6.55 -6.70 -4.61
C ARG A 73 -5.83 -7.45 -5.73
N ASN A 74 -6.37 -7.33 -6.93
CA ASN A 74 -5.79 -7.98 -8.09
C ASN A 74 -5.97 -7.10 -9.33
N ALA A 75 -6.09 -5.80 -9.07
CA ALA A 75 -6.27 -4.84 -10.14
C ALA A 75 -4.95 -4.70 -10.91
N THR A 76 -5.06 -4.16 -12.12
CA THR A 76 -3.90 -3.96 -12.96
C THR A 76 -3.17 -2.67 -12.55
N HIS A 77 -1.87 -2.66 -12.83
CA HIS A 77 -1.04 -1.51 -12.49
C HIS A 77 -1.79 -0.22 -12.86
N GLU A 78 -2.33 -0.22 -14.08
CA GLU A 78 -3.06 0.93 -14.56
C GLU A 78 -4.29 1.19 -13.69
N GLN A 79 -5.13 0.17 -13.59
CA GLN A 79 -6.34 0.27 -12.79
C GLN A 79 -6.02 0.83 -11.41
N ALA A 80 -4.99 0.27 -10.80
CA ALA A 80 -4.57 0.71 -9.48
C ALA A 80 -4.14 2.17 -9.55
N ALA A 81 -3.53 2.53 -10.67
CA ALA A 81 -3.08 3.89 -10.87
C ALA A 81 -4.28 4.81 -11.06
N ALA A 82 -5.21 4.35 -11.87
CA ALA A 82 -6.42 5.12 -12.15
C ALA A 82 -7.13 5.43 -10.83
N ALA A 83 -6.79 4.67 -9.80
CA ALA A 83 -7.38 4.86 -8.49
C ALA A 83 -6.64 5.99 -7.77
N LEU A 84 -5.37 6.14 -8.10
CA LEU A 84 -4.56 7.17 -7.50
C LEU A 84 -4.80 8.50 -8.22
N LYS A 85 -5.33 8.39 -9.43
CA LYS A 85 -5.61 9.57 -10.24
C LYS A 85 -6.93 10.19 -9.77
N ARG A 86 -7.80 9.34 -9.25
CA ARG A 86 -9.10 9.79 -8.76
C ARG A 86 -9.03 10.09 -7.27
N ALA A 87 -7.89 9.74 -6.68
CA ALA A 87 -7.70 9.96 -5.25
C ALA A 87 -7.30 11.43 -5.03
N GLY A 88 -8.15 12.12 -4.29
CA GLY A 88 -7.92 13.52 -3.98
C GLY A 88 -6.61 13.70 -3.21
N GLN A 89 -6.70 14.49 -2.15
CA GLN A 89 -5.54 14.75 -1.30
C GLN A 89 -5.46 13.72 -0.18
N SER A 90 -6.56 13.58 0.54
CA SER A 90 -6.62 12.64 1.64
C SER A 90 -7.19 11.29 1.15
N VAL A 91 -6.28 10.39 0.83
CA VAL A 91 -6.67 9.08 0.36
C VAL A 91 -6.25 8.01 1.38
N THR A 92 -7.17 7.09 1.63
CA THR A 92 -6.91 6.02 2.58
C THR A 92 -6.37 4.78 1.86
N ILE A 93 -5.06 4.61 1.93
CA ILE A 93 -4.42 3.48 1.30
C ILE A 93 -4.31 2.33 2.30
N VAL A 94 -5.04 1.26 2.00
CA VAL A 94 -5.04 0.09 2.85
C VAL A 94 -4.09 -0.96 2.28
N ALA A 95 -2.91 -1.04 2.86
CA ALA A 95 -1.91 -2.00 2.41
C ALA A 95 -1.53 -2.91 3.58
N GLN A 96 -0.88 -4.02 3.24
CA GLN A 96 -0.46 -4.98 4.25
C GLN A 96 1.04 -5.29 4.09
N TYR A 97 1.77 -5.01 5.15
CA TYR A 97 3.21 -5.25 5.15
C TYR A 97 3.52 -6.69 4.74
N ARG A 98 3.70 -6.88 3.44
CA ARG A 98 4.00 -8.21 2.92
C ARG A 98 5.24 -8.14 2.02
N PRO A 99 6.43 -8.19 2.67
CA PRO A 99 7.69 -8.14 1.95
C PRO A 99 7.97 -9.47 1.26
N GLU A 100 7.63 -10.55 1.96
CA GLU A 100 7.85 -11.89 1.44
C GLU A 100 7.30 -11.99 0.01
N GLU A 101 6.36 -11.11 -0.29
CA GLU A 101 5.74 -11.08 -1.61
C GLU A 101 6.48 -10.10 -2.53
N TYR A 102 6.79 -8.94 -1.97
CA TYR A 102 7.48 -7.91 -2.72
C TYR A 102 8.93 -8.30 -2.97
N SER A 103 9.41 -9.22 -2.15
CA SER A 103 10.78 -9.71 -2.28
C SER A 103 11.14 -9.87 -3.76
N ARG A 104 10.29 -10.59 -4.47
CA ARG A 104 10.51 -10.84 -5.88
C ARG A 104 10.92 -9.55 -6.58
N PHE A 105 10.09 -8.52 -6.40
CA PHE A 105 10.37 -7.23 -7.01
C PHE A 105 11.64 -6.61 -6.44
N GLU A 106 11.79 -6.75 -5.13
CA GLU A 106 12.95 -6.20 -4.46
C GLU A 106 14.22 -6.50 -5.26
N SER A 107 14.39 -7.77 -5.60
CA SER A 107 15.54 -8.20 -6.36
C SER A 107 15.70 -7.32 -7.61
N SER A 108 14.65 -7.28 -8.41
CA SER A 108 14.66 -6.49 -9.62
C SER A 108 13.57 -5.42 -9.56
N GLY A 109 13.98 -4.22 -9.22
CA GLY A 109 13.05 -3.10 -9.13
C GLY A 109 13.46 -1.96 -10.05
N PRO A 110 12.60 -0.91 -10.09
CA PRO A 110 12.87 0.25 -10.92
C PRO A 110 13.97 1.13 -10.30
N SER A 111 15.17 0.98 -10.84
CA SER A 111 16.30 1.75 -10.36
C SER A 111 16.31 3.14 -10.99
N SER A 112 15.98 4.12 -10.17
CA SER A 112 15.94 5.50 -10.63
C SER A 112 16.06 6.46 -9.44
N GLY A 113 16.25 7.73 -9.76
CA GLY A 113 16.38 8.75 -8.74
C GLY A 113 16.72 10.11 -9.35
#